data_3WSI
#
_entry.id   3WSI
#
_cell.length_a   95.210
_cell.length_b   135.830
_cell.length_c   161.460
_cell.angle_alpha   90.00
_cell.angle_beta   90.00
_cell.angle_gamma   90.00
#
_symmetry.space_group_name_H-M   'P 21 21 2'
#
loop_
_entity.id
_entity.type
_entity.pdbx_description
1 polymer 'Putative GTP cyclohydrolase 1 type 2'
2 non-polymer 'FE (II) ION'
3 non-polymer 'PHOSPHATE ION'
4 water water
#
_entity_poly.entity_id   1
_entity_poly.type   'polypeptide(L)'
_entity_poly.pdbx_seq_one_letter_code
;GSHMEVVNMKAKEIIEFIETFAPKDLAIEGDNIGLQVGDNLDKEIKKLGIALDPSLSVIKKAEKEGVDFLFTHHPLLKDP
IRNFTGVIYKKLKILMENDIILYSAHTNLDICKNGLNDALAELYNLENPKPLYDNGLGRVGIFKGSFEEFLEITKKYIHK
NPIVVKSKEVDDNFKLAVLSGYGLSQSSIKYVAEKADVYLSGDLTHHSKILAEELGLVVVDATHYSTEVFGLKKFKEFLS
SNLDLEIISLDF
;
_entity_poly.pdbx_strand_id   A,B,C,D,E,F
#
loop_
_chem_comp.id
_chem_comp.type
_chem_comp.name
_chem_comp.formula
FE2 non-polymer 'FE (II) ION' 'Fe 2'
PO4 non-polymer 'PHOSPHATE ION' 'O4 P -3'
#
# COMPACT_ATOMS: atom_id res chain seq x y z
N GLU A 5 -45.66 32.43 15.24
CA GLU A 5 -45.72 32.19 13.79
C GLU A 5 -44.85 31.02 13.37
N VAL A 6 -45.48 30.00 12.78
CA VAL A 6 -44.70 28.90 12.22
C VAL A 6 -44.75 29.02 10.70
N VAL A 7 -43.57 28.92 10.09
CA VAL A 7 -43.38 29.32 8.71
C VAL A 7 -42.55 28.28 7.93
N ASN A 8 -42.42 28.45 6.61
CA ASN A 8 -41.63 27.56 5.76
C ASN A 8 -40.21 28.16 5.56
N MET A 9 -39.17 27.34 5.53
CA MET A 9 -37.83 27.86 5.23
C MET A 9 -37.22 27.15 4.04
N LYS A 10 -36.27 27.77 3.36
CA LYS A 10 -35.58 27.03 2.29
C LYS A 10 -34.52 26.18 2.94
N ALA A 11 -34.21 25.05 2.29
CA ALA A 11 -33.29 24.06 2.84
C ALA A 11 -31.93 24.68 3.10
N LYS A 12 -31.52 25.57 2.21
CA LYS A 12 -30.19 26.16 2.32
C LYS A 12 -30.07 27.05 3.55
N GLU A 13 -31.20 27.58 4.03
CA GLU A 13 -31.15 28.43 5.22
C GLU A 13 -30.99 27.60 6.49
N ILE A 14 -31.61 26.44 6.49
CA ILE A 14 -31.50 25.50 7.60
C ILE A 14 -30.07 24.99 7.71
N ILE A 15 -29.50 24.66 6.56
CA ILE A 15 -28.15 24.18 6.48
C ILE A 15 -27.15 25.24 6.93
N GLU A 16 -27.39 26.49 6.55
CA GLU A 16 -26.45 27.53 6.95
C GLU A 16 -26.53 27.78 8.45
N PHE A 17 -27.73 27.61 9.00
CA PHE A 17 -27.91 27.78 10.44
C PHE A 17 -27.23 26.67 11.25
N ILE A 18 -27.42 25.42 10.78
CA ILE A 18 -26.80 24.28 11.43
C ILE A 18 -25.26 24.40 11.38
N GLU A 19 -24.75 24.81 10.22
CA GLU A 19 -23.31 24.90 10.02
C GLU A 19 -22.70 26.08 10.78
N THR A 20 -23.53 27.06 11.15
CA THR A 20 -23.05 28.14 12.03
C THR A 20 -22.84 27.59 13.44
N PHE A 21 -23.76 26.73 13.88
CA PHE A 21 -23.64 26.06 15.16
C PHE A 21 -22.54 25.01 15.15
N ALA A 22 -22.44 24.24 14.06
CA ALA A 22 -21.48 23.16 13.99
C ALA A 22 -20.71 23.17 12.65
N PRO A 23 -19.71 24.04 12.53
CA PRO A 23 -19.00 24.26 11.27
C PRO A 23 -18.45 22.95 10.69
N LYS A 24 -18.52 22.78 9.38
CA LYS A 24 -18.07 21.53 8.78
C LYS A 24 -16.59 21.27 9.02
N ASP A 25 -15.76 22.31 9.10
CA ASP A 25 -14.33 22.05 9.25
C ASP A 25 -13.95 21.53 10.65
N LEU A 26 -14.92 21.48 11.57
CA LEU A 26 -14.66 20.87 12.88
C LEU A 26 -14.68 19.36 12.79
N ALA A 27 -15.30 18.84 11.73
CA ALA A 27 -15.38 17.39 11.53
C ALA A 27 -13.99 16.80 11.34
N ILE A 28 -13.77 15.64 11.94
CA ILE A 28 -12.49 14.95 11.82
C ILE A 28 -12.36 14.42 10.40
N GLU A 29 -11.11 14.19 10.03
CA GLU A 29 -10.72 13.67 8.73
C GLU A 29 -11.51 12.47 8.24
N GLY A 30 -12.07 12.57 7.04
CA GLY A 30 -12.73 11.43 6.43
C GLY A 30 -14.18 11.25 6.83
N ASP A 31 -14.66 12.05 7.78
CA ASP A 31 -16.04 11.96 8.25
C ASP A 31 -17.02 12.43 7.14
N ASN A 32 -18.00 11.60 6.83
CA ASN A 32 -18.94 11.91 5.76
C ASN A 32 -20.06 12.87 6.12
N ILE A 33 -19.71 14.12 6.41
CA ILE A 33 -20.72 15.09 6.87
C ILE A 33 -21.33 15.95 5.75
N GLY A 34 -22.45 16.61 6.04
CA GLY A 34 -23.04 17.49 5.04
C GLY A 34 -24.18 16.85 4.29
N LEU A 35 -24.37 17.24 3.04
CA LEU A 35 -25.48 16.73 2.24
C LEU A 35 -25.35 15.23 1.99
N GLN A 36 -26.30 14.43 2.44
CA GLN A 36 -26.23 12.98 2.18
C GLN A 36 -26.99 12.62 0.90
N VAL A 37 -28.23 13.10 0.81
CA VAL A 37 -29.13 12.83 -0.31
C VAL A 37 -29.91 14.10 -0.58
N GLY A 38 -29.83 14.58 -1.81
CA GLY A 38 -30.51 15.82 -2.16
C GLY A 38 -29.94 16.44 -3.40
N ASP A 39 -30.74 17.29 -4.04
CA ASP A 39 -30.29 17.93 -5.26
C ASP A 39 -30.44 19.44 -5.11
N ASN A 40 -31.69 19.90 -5.14
CA ASN A 40 -32.02 21.31 -5.04
C ASN A 40 -32.18 21.78 -3.59
N LEU A 41 -31.30 22.71 -3.18
CA LEU A 41 -31.32 23.24 -1.82
C LEU A 41 -32.13 24.54 -1.69
N ASP A 42 -32.75 24.96 -2.79
CA ASP A 42 -33.72 26.05 -2.74
C ASP A 42 -35.11 25.52 -2.32
N LYS A 43 -35.23 24.19 -2.24
CA LYS A 43 -36.48 23.51 -1.87
C LYS A 43 -37.13 24.11 -0.62
N GLU A 44 -38.43 24.36 -0.68
CA GLU A 44 -39.07 24.94 0.49
C GLU A 44 -39.35 23.83 1.52
N ILE A 45 -39.09 24.14 2.79
CA ILE A 45 -39.17 23.12 3.85
C ILE A 45 -40.24 23.46 4.87
N LYS A 46 -41.22 22.58 5.03
CA LYS A 46 -42.30 22.79 5.98
C LYS A 46 -41.97 22.10 7.31
N LYS A 47 -41.34 20.95 7.24
CA LYS A 47 -41.16 20.11 8.41
C LYS A 47 -39.80 19.46 8.47
N LEU A 48 -39.06 19.81 9.51
CA LEU A 48 -37.72 19.31 9.76
C LEU A 48 -37.81 18.16 10.76
N GLY A 49 -37.19 17.04 10.43
CA GLY A 49 -37.12 15.89 11.32
C GLY A 49 -35.70 15.64 11.77
N ILE A 50 -35.53 15.36 13.06
CA ILE A 50 -34.24 15.05 13.65
C ILE A 50 -34.14 13.59 14.08
N ALA A 51 -33.07 12.93 13.68
CA ALA A 51 -32.90 11.54 14.05
C ALA A 51 -31.44 11.24 14.41
N LEU A 52 -31.23 10.23 15.25
CA LEU A 52 -29.89 9.77 15.54
C LEU A 52 -29.35 9.02 14.31
N ASP A 53 -30.12 8.07 13.83
CA ASP A 53 -29.72 7.20 12.72
C ASP A 53 -30.58 7.39 11.47
N PRO A 54 -29.95 7.41 10.28
CA PRO A 54 -30.84 7.40 9.12
C PRO A 54 -31.29 5.96 8.82
N SER A 55 -31.86 5.29 9.80
CA SER A 55 -32.29 3.90 9.58
C SER A 55 -33.50 3.86 8.65
N LEU A 56 -33.79 2.66 8.18
CA LEU A 56 -34.92 2.39 7.33
C LEU A 56 -36.23 2.78 8.02
N SER A 57 -36.36 2.45 9.31
CA SER A 57 -37.61 2.77 9.98
C SER A 57 -37.69 4.28 10.23
N VAL A 58 -36.56 4.94 10.48
CA VAL A 58 -36.59 6.41 10.59
C VAL A 58 -37.04 7.06 9.29
N ILE A 59 -36.54 6.57 8.16
CA ILE A 59 -36.89 7.13 6.86
C ILE A 59 -38.37 6.86 6.49
N LYS A 60 -38.87 5.67 6.81
CA LYS A 60 -40.28 5.37 6.66
C LYS A 60 -41.12 6.32 7.51
N LYS A 61 -40.66 6.59 8.73
CA LYS A 61 -41.39 7.46 9.66
C LYS A 61 -41.35 8.90 9.15
N ALA A 62 -40.20 9.32 8.60
CA ALA A 62 -40.09 10.63 7.95
C ALA A 62 -41.11 10.77 6.81
N GLU A 63 -41.22 9.74 5.97
CA GLU A 63 -42.18 9.77 4.88
C GLU A 63 -43.62 9.89 5.42
N LYS A 64 -43.92 9.10 6.45
CA LYS A 64 -45.26 9.07 7.03
C LYS A 64 -45.65 10.39 7.69
N GLU A 65 -44.70 11.07 8.30
CA GLU A 65 -45.02 12.30 9.03
C GLU A 65 -44.88 13.52 8.15
N GLY A 66 -44.61 13.32 6.87
CA GLY A 66 -44.44 14.42 5.94
C GLY A 66 -43.20 15.28 6.18
N VAL A 67 -42.14 14.66 6.66
CA VAL A 67 -40.88 15.37 6.85
C VAL A 67 -40.26 15.76 5.48
N ASP A 68 -39.83 17.02 5.36
CA ASP A 68 -39.28 17.54 4.09
C ASP A 68 -37.77 17.58 4.14
N PHE A 69 -37.25 17.77 5.36
CA PHE A 69 -35.83 17.84 5.65
C PHE A 69 -35.51 16.92 6.80
N LEU A 70 -34.72 15.89 6.52
CA LEU A 70 -34.35 14.91 7.53
C LEU A 70 -32.89 15.13 7.96
N PHE A 71 -32.70 15.57 9.20
CA PHE A 71 -31.39 15.68 9.78
C PHE A 71 -31.02 14.41 10.52
N THR A 72 -29.84 13.85 10.23
CA THR A 72 -29.36 12.74 11.07
C THR A 72 -27.95 13.04 11.59
N HIS A 73 -27.66 12.54 12.79
CA HIS A 73 -26.34 12.69 13.36
C HIS A 73 -25.36 11.78 12.62
N HIS A 74 -25.76 10.52 12.40
CA HIS A 74 -24.92 9.58 11.67
C HIS A 74 -25.15 9.69 10.18
N PRO A 75 -24.06 9.63 9.39
CA PRO A 75 -24.17 9.63 7.93
C PRO A 75 -24.94 8.43 7.45
N LEU A 76 -25.48 8.53 6.24
CA LEU A 76 -26.18 7.42 5.65
C LEU A 76 -25.20 6.28 5.41
N LEU A 77 -24.04 6.59 4.84
CA LEU A 77 -23.03 5.58 4.54
C LEU A 77 -21.69 6.02 5.08
N LYS A 78 -20.96 5.14 5.73
CA LYS A 78 -19.56 5.44 6.01
C LYS A 78 -18.68 4.94 4.85
N ASP A 79 -18.91 3.70 4.43
CA ASP A 79 -18.19 3.10 3.30
C ASP A 79 -18.93 3.25 1.97
N PRO A 80 -18.21 3.72 0.93
CA PRO A 80 -18.80 4.00 -0.38
C PRO A 80 -19.27 2.72 -1.08
N ILE A 81 -20.30 2.85 -1.89
CA ILE A 81 -20.84 1.72 -2.63
C ILE A 81 -21.00 2.06 -4.12
N ARG A 82 -21.21 1.06 -4.96
CA ARG A 82 -21.46 1.29 -6.39
C ARG A 82 -22.60 0.39 -6.91
N ASN A 83 -23.38 -0.18 -6.02
CA ASN A 83 -24.57 -0.93 -6.42
C ASN A 83 -25.68 -0.59 -5.43
N PHE A 84 -26.94 -0.61 -5.90
CA PHE A 84 -28.05 -0.08 -5.09
C PHE A 84 -29.18 -1.06 -5.09
N THR A 85 -29.15 -1.89 -4.04
CA THR A 85 -30.02 -3.03 -3.88
C THR A 85 -30.44 -3.10 -2.42
N GLY A 86 -31.35 -4.01 -2.09
CA GLY A 86 -31.74 -4.23 -0.71
C GLY A 86 -32.11 -2.96 0.08
N VAL A 87 -31.58 -2.86 1.29
CA VAL A 87 -31.96 -1.81 2.21
C VAL A 87 -31.60 -0.43 1.68
N ILE A 88 -30.41 -0.26 1.09
CA ILE A 88 -30.03 1.08 0.62
C ILE A 88 -30.95 1.48 -0.54
N TYR A 89 -31.37 0.52 -1.34
CA TYR A 89 -32.35 0.81 -2.38
C TYR A 89 -33.67 1.31 -1.77
N LYS A 90 -34.18 0.61 -0.75
CA LYS A 90 -35.44 1.00 -0.11
C LYS A 90 -35.35 2.40 0.47
N LYS A 91 -34.21 2.73 1.08
CA LYS A 91 -34.02 4.03 1.70
C LYS A 91 -33.94 5.18 0.70
N LEU A 92 -33.12 4.99 -0.34
CA LEU A 92 -32.97 6.05 -1.34
C LEU A 92 -34.30 6.28 -2.09
N LYS A 93 -35.01 5.19 -2.34
CA LYS A 93 -36.27 5.27 -3.07
C LYS A 93 -37.28 6.11 -2.30
N ILE A 94 -37.38 5.91 -0.99
CA ILE A 94 -38.31 6.70 -0.21
C ILE A 94 -37.88 8.18 -0.23
N LEU A 95 -36.59 8.43 -0.03
CA LEU A 95 -36.09 9.80 -0.04
C LEU A 95 -36.28 10.47 -1.43
N MET A 96 -36.05 9.73 -2.51
CA MET A 96 -36.04 10.37 -3.82
C MET A 96 -37.43 10.59 -4.36
N GLU A 97 -38.33 9.62 -4.21
CA GLU A 97 -39.66 9.85 -4.77
C GLU A 97 -40.39 10.92 -3.94
N ASN A 98 -40.01 11.11 -2.69
CA ASN A 98 -40.62 12.16 -1.89
C ASN A 98 -39.80 13.48 -1.87
N ASP A 99 -38.66 13.49 -2.58
CA ASP A 99 -37.69 14.59 -2.58
C ASP A 99 -37.40 15.06 -1.15
N ILE A 100 -37.11 14.10 -0.28
CA ILE A 100 -36.71 14.42 1.07
C ILE A 100 -35.20 14.67 1.11
N ILE A 101 -34.80 15.83 1.58
CA ILE A 101 -33.38 16.10 1.75
C ILE A 101 -32.82 15.42 3.00
N LEU A 102 -31.72 14.67 2.84
CA LEU A 102 -31.05 14.04 3.98
C LEU A 102 -29.67 14.69 4.18
N TYR A 103 -29.45 15.23 5.38
CA TYR A 103 -28.25 16.02 5.74
C TYR A 103 -27.70 15.59 7.09
N SER A 104 -26.36 15.60 7.26
CA SER A 104 -25.76 15.17 8.54
C SER A 104 -24.75 16.12 9.16
N ALA A 105 -24.82 16.27 10.47
CA ALA A 105 -23.74 16.83 11.26
C ALA A 105 -23.30 15.73 12.23
N HIS A 106 -22.11 15.18 11.97
CA HIS A 106 -21.62 14.02 12.72
C HIS A 106 -20.57 14.47 13.75
N THR A 107 -19.27 14.30 13.46
CA THR A 107 -18.28 14.62 14.48
C THR A 107 -18.20 16.13 14.66
N ASN A 108 -18.62 16.90 13.65
CA ASN A 108 -18.68 18.34 13.82
C ASN A 108 -19.74 18.70 14.89
N LEU A 109 -20.77 17.88 15.03
CA LEU A 109 -21.78 18.11 16.08
C LEU A 109 -21.28 17.58 17.42
N ASP A 110 -20.37 16.60 17.37
CA ASP A 110 -19.75 16.07 18.57
C ASP A 110 -18.81 17.08 19.21
N ILE A 111 -18.10 17.84 18.37
CA ILE A 111 -16.93 18.61 18.77
C ILE A 111 -17.23 20.06 19.07
N CYS A 112 -18.21 20.64 18.37
CA CYS A 112 -18.52 22.05 18.45
C CYS A 112 -18.94 22.49 19.87
N LYS A 113 -18.89 23.79 20.13
CA LYS A 113 -19.35 24.31 21.42
C LYS A 113 -20.83 24.00 21.67
N ASN A 114 -21.12 23.51 22.87
CA ASN A 114 -22.46 23.07 23.28
C ASN A 114 -22.98 21.91 22.42
N GLY A 115 -22.07 21.22 21.74
CA GLY A 115 -22.39 20.02 20.99
C GLY A 115 -22.54 18.81 21.89
N LEU A 116 -22.51 17.62 21.32
CA LEU A 116 -22.87 16.42 22.08
C LEU A 116 -21.93 16.15 23.26
N ASN A 117 -20.63 16.38 23.05
CA ASN A 117 -19.71 16.18 24.16
C ASN A 117 -19.79 17.26 25.22
N ASP A 118 -19.93 18.52 24.82
CA ASP A 118 -20.12 19.61 25.79
C ASP A 118 -21.40 19.38 26.61
N ALA A 119 -22.46 18.85 25.99
CA ALA A 119 -23.70 18.57 26.70
C ALA A 119 -23.45 17.62 27.86
N LEU A 120 -22.62 16.59 27.62
CA LEU A 120 -22.26 15.68 28.71
C LEU A 120 -21.39 16.38 29.76
N ALA A 121 -20.38 17.14 29.32
CA ALA A 121 -19.48 17.83 30.23
C ALA A 121 -20.26 18.77 31.12
N GLU A 122 -21.30 19.40 30.58
CA GLU A 122 -22.14 20.32 31.34
C GLU A 122 -23.08 19.62 32.33
N LEU A 123 -23.64 18.50 31.90
CA LEU A 123 -24.47 17.68 32.77
C LEU A 123 -23.72 17.28 34.03
N TYR A 124 -22.46 16.90 33.87
CA TYR A 124 -21.66 16.49 35.02
C TYR A 124 -20.91 17.66 35.66
N ASN A 125 -21.13 18.87 35.14
CA ASN A 125 -20.52 20.10 35.67
C ASN A 125 -19.01 19.95 35.86
N LEU A 126 -18.33 19.45 34.83
CA LEU A 126 -16.89 19.22 34.91
C LEU A 126 -16.10 20.50 35.17
N GLU A 127 -15.20 20.44 36.15
CA GLU A 127 -14.31 21.55 36.46
C GLU A 127 -13.22 21.69 35.42
N ASN A 128 -13.14 22.87 34.82
CA ASN A 128 -12.12 23.19 33.82
C ASN A 128 -12.02 22.14 32.71
N PRO A 129 -13.07 22.02 31.89
CA PRO A 129 -13.07 20.93 30.89
C PRO A 129 -12.07 21.15 29.75
N LYS A 130 -11.49 20.06 29.26
CA LYS A 130 -10.61 20.11 28.11
C LYS A 130 -11.05 19.07 27.08
N PRO A 131 -10.72 19.28 25.80
CA PRO A 131 -11.02 18.23 24.82
C PRO A 131 -10.25 16.99 25.23
N LEU A 132 -10.87 15.83 25.11
CA LEU A 132 -10.21 14.61 25.53
C LEU A 132 -9.12 14.19 24.51
N TYR A 133 -9.45 14.28 23.22
CA TYR A 133 -8.51 13.99 22.12
C TYR A 133 -8.04 15.25 21.40
N ASP A 134 -6.92 15.13 20.70
CA ASP A 134 -6.33 16.26 19.98
C ASP A 134 -7.27 16.79 18.89
N ASN A 135 -7.99 15.89 18.24
CA ASN A 135 -8.93 16.28 17.20
C ASN A 135 -10.20 16.94 17.76
N GLY A 136 -10.28 17.09 19.08
CA GLY A 136 -11.39 17.78 19.71
C GLY A 136 -12.54 16.91 20.23
N LEU A 137 -12.45 15.60 20.03
CA LEU A 137 -13.48 14.69 20.52
C LEU A 137 -13.42 14.50 22.04
N GLY A 138 -14.59 14.40 22.66
CA GLY A 138 -14.66 14.13 24.10
C GLY A 138 -14.27 15.31 24.95
N ARG A 139 -14.54 15.21 26.25
CA ARG A 139 -14.12 16.21 27.22
C ARG A 139 -13.61 15.52 28.46
N VAL A 140 -12.70 16.17 29.17
CA VAL A 140 -12.21 15.64 30.43
C VAL A 140 -12.04 16.77 31.44
N GLY A 141 -12.33 16.46 32.69
CA GLY A 141 -12.18 17.41 33.77
C GLY A 141 -12.48 16.69 35.05
N ILE A 142 -12.43 17.44 36.15
CA ILE A 142 -12.67 16.89 37.47
C ILE A 142 -14.17 16.90 37.81
N PHE A 143 -14.67 15.75 38.24
CA PHE A 143 -16.02 15.70 38.75
C PHE A 143 -16.00 16.01 40.25
N LYS A 144 -16.56 17.15 40.62
CA LYS A 144 -16.54 17.61 42.02
C LYS A 144 -17.62 16.92 42.85
N GLY A 145 -17.34 15.66 43.21
CA GLY A 145 -18.27 14.86 43.97
C GLY A 145 -17.82 13.42 44.11
N SER A 146 -18.69 12.59 44.66
CA SER A 146 -18.37 11.18 44.87
C SER A 146 -18.72 10.41 43.61
N PHE A 147 -18.19 9.19 43.52
CA PHE A 147 -18.50 8.32 42.40
C PHE A 147 -20.00 8.06 42.36
N GLU A 148 -20.59 7.87 43.54
CA GLU A 148 -22.01 7.58 43.65
C GLU A 148 -22.91 8.69 43.13
N GLU A 149 -22.53 9.93 43.37
CA GLU A 149 -23.29 11.07 42.88
C GLU A 149 -23.26 11.10 41.35
N PHE A 150 -22.07 10.80 40.82
CA PHE A 150 -21.86 10.69 39.38
C PHE A 150 -22.74 9.60 38.81
N LEU A 151 -22.80 8.47 39.52
CA LEU A 151 -23.63 7.37 39.10
C LEU A 151 -25.12 7.75 39.09
N GLU A 152 -25.58 8.47 40.12
CA GLU A 152 -26.98 8.85 40.21
C GLU A 152 -27.36 9.82 39.10
N ILE A 153 -26.47 10.76 38.79
CA ILE A 153 -26.70 11.65 37.66
C ILE A 153 -26.79 10.85 36.36
N THR A 154 -25.89 9.90 36.20
CA THR A 154 -25.90 9.04 35.02
C THR A 154 -27.21 8.31 34.88
N LYS A 155 -27.69 7.74 35.99
CA LYS A 155 -28.94 6.96 35.98
C LYS A 155 -30.19 7.83 35.79
N LYS A 156 -30.18 9.05 36.32
CA LYS A 156 -31.35 9.92 36.21
C LYS A 156 -31.48 10.59 34.82
N TYR A 157 -30.37 10.97 34.20
CA TYR A 157 -30.41 11.77 32.97
C TYR A 157 -29.99 11.04 31.70
N ILE A 158 -29.21 9.97 31.83
CA ILE A 158 -28.73 9.30 30.63
C ILE A 158 -29.29 7.89 30.42
N HIS A 159 -29.09 6.99 31.37
CA HIS A 159 -29.52 5.61 31.17
C HIS A 159 -29.63 4.87 32.49
N LYS A 160 -30.75 4.16 32.72
CA LYS A 160 -31.01 3.52 34.02
C LYS A 160 -29.99 2.47 34.48
N ASN A 161 -29.76 1.41 33.73
CA ASN A 161 -28.82 0.37 34.16
C ASN A 161 -27.48 0.44 33.44
N PRO A 162 -26.65 1.46 33.73
CA PRO A 162 -25.39 1.48 32.97
C PRO A 162 -24.50 0.31 33.40
N ILE A 163 -23.70 -0.19 32.47
CA ILE A 163 -22.71 -1.19 32.81
C ILE A 163 -21.54 -0.47 33.44
N VAL A 164 -21.11 -0.94 34.61
CA VAL A 164 -19.97 -0.36 35.32
C VAL A 164 -18.85 -1.38 35.37
N VAL A 165 -17.69 -1.03 34.81
CA VAL A 165 -16.52 -1.88 34.99
C VAL A 165 -15.73 -1.25 36.13
N LYS A 166 -15.96 -1.74 37.35
CA LYS A 166 -15.43 -1.12 38.55
C LYS A 166 -14.02 -1.64 38.78
N SER A 167 -13.10 -1.16 37.97
CA SER A 167 -11.73 -1.68 37.94
C SER A 167 -10.96 -1.34 39.19
N LYS A 168 -11.34 -0.27 39.88
CA LYS A 168 -10.66 0.15 41.10
C LYS A 168 -11.62 1.00 41.93
N GLU A 169 -11.25 1.28 43.18
CA GLU A 169 -12.01 2.23 43.98
C GLU A 169 -11.83 3.63 43.39
N VAL A 170 -12.88 4.46 43.47
CA VAL A 170 -12.78 5.81 42.93
C VAL A 170 -13.07 6.81 44.03
N ASP A 171 -12.10 7.68 44.30
CA ASP A 171 -12.20 8.72 45.32
C ASP A 171 -12.98 9.95 44.84
N ASP A 172 -13.49 10.75 45.79
CA ASP A 172 -14.18 12.00 45.46
C ASP A 172 -13.27 12.91 44.63
N ASN A 173 -13.88 13.75 43.80
CA ASN A 173 -13.14 14.72 42.99
C ASN A 173 -12.17 14.02 42.03
N PHE A 174 -12.70 13.02 41.32
CA PHE A 174 -11.92 12.23 40.41
C PHE A 174 -11.92 12.87 39.00
N LYS A 175 -11.00 12.41 38.14
CA LYS A 175 -10.97 12.88 36.77
C LYS A 175 -11.96 12.05 35.94
N LEU A 176 -12.89 12.76 35.31
CA LEU A 176 -13.92 12.10 34.50
C LEU A 176 -13.80 12.45 33.03
N ALA A 177 -13.77 11.42 32.21
CA ALA A 177 -13.77 11.59 30.76
C ALA A 177 -15.11 11.20 30.18
N VAL A 178 -15.61 12.01 29.25
CA VAL A 178 -16.88 11.67 28.60
C VAL A 178 -16.67 11.67 27.10
N LEU A 179 -17.33 10.75 26.44
CA LEU A 179 -17.28 10.66 24.99
C LEU A 179 -18.62 10.13 24.48
N SER A 180 -19.40 11.00 23.83
CA SER A 180 -20.72 10.60 23.34
C SER A 180 -20.60 9.61 22.19
N GLY A 181 -21.34 8.52 22.30
CA GLY A 181 -21.33 7.50 21.27
C GLY A 181 -20.40 6.33 21.58
N TYR A 182 -19.50 6.04 20.65
CA TYR A 182 -18.61 4.91 20.79
C TYR A 182 -17.18 5.39 21.07
N GLY A 183 -16.81 5.38 22.35
CA GLY A 183 -15.47 5.77 22.72
C GLY A 183 -14.70 4.65 23.38
N LEU A 184 -15.20 3.43 23.29
CA LEU A 184 -14.66 2.36 24.13
C LEU A 184 -13.87 1.32 23.33
N SER A 185 -13.22 1.75 22.27
CA SER A 185 -12.31 0.87 21.58
C SER A 185 -11.06 0.63 22.48
N GLN A 186 -10.33 -0.43 22.16
CA GLN A 186 -9.16 -0.82 22.94
C GLN A 186 -8.16 0.32 22.98
N SER A 187 -7.92 0.94 21.83
CA SER A 187 -6.91 2.01 21.80
C SER A 187 -7.36 3.22 22.59
N SER A 188 -8.66 3.51 22.58
CA SER A 188 -9.24 4.59 23.38
C SER A 188 -9.10 4.35 24.88
N ILE A 189 -9.30 3.10 25.33
CA ILE A 189 -9.15 2.73 26.72
C ILE A 189 -7.70 3.02 27.19
N LYS A 190 -6.72 2.58 26.40
CA LYS A 190 -5.30 2.77 26.71
C LYS A 190 -4.97 4.26 26.82
N TYR A 191 -5.47 5.06 25.89
CA TYR A 191 -5.19 6.49 25.87
C TYR A 191 -5.87 7.18 27.06
N VAL A 192 -7.15 6.85 27.26
CA VAL A 192 -7.91 7.54 28.30
C VAL A 192 -7.46 7.11 29.72
N ALA A 193 -6.97 5.86 29.87
CA ALA A 193 -6.48 5.38 31.16
C ALA A 193 -5.39 6.29 31.74
N GLU A 194 -4.68 6.98 30.86
CA GLU A 194 -3.66 7.95 31.25
C GLU A 194 -4.19 9.32 31.63
N LYS A 195 -5.45 9.61 31.27
CA LYS A 195 -5.97 10.97 31.41
C LYS A 195 -7.12 11.07 32.42
N ALA A 196 -7.69 9.93 32.81
CA ALA A 196 -8.86 9.95 33.67
C ALA A 196 -9.00 8.71 34.56
N ASP A 197 -9.80 8.85 35.62
CA ASP A 197 -10.08 7.75 36.52
C ASP A 197 -11.32 6.98 36.08
N VAL A 198 -12.27 7.73 35.52
CA VAL A 198 -13.57 7.18 35.09
C VAL A 198 -13.83 7.64 33.67
N TYR A 199 -14.30 6.72 32.84
CA TYR A 199 -14.56 6.97 31.42
C TYR A 199 -16.01 6.64 31.12
N LEU A 200 -16.79 7.66 30.76
CA LEU A 200 -18.23 7.48 30.49
C LEU A 200 -18.45 7.56 28.99
N SER A 201 -18.97 6.47 28.41
CA SER A 201 -19.18 6.42 26.98
C SER A 201 -20.18 5.31 26.65
N GLY A 202 -20.10 4.72 25.46
CA GLY A 202 -21.04 3.69 25.06
C GLY A 202 -20.41 2.56 24.26
N ASP A 203 -21.16 1.47 24.07
CA ASP A 203 -20.74 0.35 23.20
C ASP A 203 -19.54 -0.43 23.77
N LEU A 204 -19.63 -0.83 25.03
CA LEU A 204 -18.58 -1.66 25.63
C LEU A 204 -18.57 -3.06 25.01
N THR A 205 -17.38 -3.59 24.69
CA THR A 205 -17.24 -4.98 24.24
C THR A 205 -16.23 -5.72 25.11
N HIS A 206 -16.13 -7.04 24.93
CA HIS A 206 -15.39 -7.85 25.87
C HIS A 206 -13.91 -7.48 26.03
N HIS A 207 -13.16 -7.41 24.93
CA HIS A 207 -11.72 -7.18 25.05
C HIS A 207 -11.44 -5.83 25.71
N SER A 208 -12.31 -4.86 25.44
CA SER A 208 -12.12 -3.54 26.04
C SER A 208 -12.37 -3.55 27.56
N LYS A 209 -13.34 -4.34 28.01
CA LYS A 209 -13.60 -4.46 29.43
C LYS A 209 -12.38 -5.02 30.17
N ILE A 210 -11.83 -6.10 29.63
CA ILE A 210 -10.65 -6.77 30.19
C ILE A 210 -9.46 -5.80 30.28
N LEU A 211 -9.24 -5.05 29.20
CA LEU A 211 -8.17 -4.07 29.16
C LEU A 211 -8.34 -3.00 30.23
N ALA A 212 -9.59 -2.54 30.39
CA ALA A 212 -9.90 -1.49 31.38
C ALA A 212 -9.61 -1.99 32.76
N GLU A 213 -9.96 -3.26 32.99
CA GLU A 213 -9.67 -3.90 34.26
C GLU A 213 -8.16 -3.99 34.52
N GLU A 214 -7.38 -4.33 33.51
CA GLU A 214 -5.92 -4.41 33.69
C GLU A 214 -5.32 -3.04 34.05
N LEU A 215 -5.83 -1.97 33.43
CA LEU A 215 -5.28 -0.62 33.57
C LEU A 215 -5.81 0.15 34.78
N GLY A 216 -6.82 -0.39 35.46
CA GLY A 216 -7.44 0.28 36.57
C GLY A 216 -8.35 1.42 36.14
N LEU A 217 -8.74 1.46 34.86
CA LEU A 217 -9.68 2.50 34.41
C LEU A 217 -11.13 2.04 34.61
N VAL A 218 -11.87 2.83 35.37
CA VAL A 218 -13.29 2.58 35.59
C VAL A 218 -14.08 3.05 34.37
N VAL A 219 -14.80 2.14 33.74
CA VAL A 219 -15.54 2.44 32.52
C VAL A 219 -17.01 2.31 32.76
N VAL A 220 -17.77 3.32 32.32
CA VAL A 220 -19.22 3.28 32.44
C VAL A 220 -19.83 3.34 31.03
N ASP A 221 -20.46 2.24 30.64
CA ASP A 221 -21.17 2.14 29.38
C ASP A 221 -22.64 2.48 29.62
N ALA A 222 -23.05 3.70 29.30
CA ALA A 222 -24.46 4.12 29.41
C ALA A 222 -25.15 4.06 28.03
N THR A 223 -24.53 3.29 27.13
CA THR A 223 -24.96 3.03 25.75
C THR A 223 -24.64 4.16 24.78
N HIS A 224 -24.35 3.72 23.57
CA HIS A 224 -24.10 4.56 22.42
C HIS A 224 -25.27 5.51 22.18
N TYR A 225 -26.46 4.94 22.12
CA TYR A 225 -27.70 5.67 21.89
C TYR A 225 -27.92 6.79 22.91
N SER A 226 -27.92 6.43 24.19
CA SER A 226 -28.33 7.41 25.21
C SER A 226 -27.30 8.52 25.37
N THR A 227 -26.01 8.20 25.28
CA THR A 227 -24.99 9.23 25.49
C THR A 227 -24.95 10.25 24.37
N GLU A 228 -25.53 9.91 23.22
CA GLU A 228 -25.67 10.87 22.12
C GLU A 228 -27.01 11.59 22.08
N VAL A 229 -28.07 10.86 22.39
CA VAL A 229 -29.41 11.43 22.35
C VAL A 229 -29.57 12.53 23.38
N PHE A 230 -28.90 12.39 24.52
CA PHE A 230 -28.95 13.45 25.52
C PHE A 230 -28.57 14.79 24.88
N GLY A 231 -27.46 14.83 24.16
CA GLY A 231 -27.04 16.06 23.51
C GLY A 231 -27.88 16.42 22.28
N LEU A 232 -28.41 15.40 21.62
CA LEU A 232 -29.19 15.60 20.42
C LEU A 232 -30.54 16.25 20.71
N LYS A 233 -31.10 15.98 21.88
CA LYS A 233 -32.32 16.68 22.35
C LYS A 233 -32.04 18.15 22.62
N LYS A 234 -30.87 18.45 23.17
CA LYS A 234 -30.46 19.85 23.40
C LYS A 234 -30.35 20.58 22.07
N PHE A 235 -29.82 19.87 21.09
CA PHE A 235 -29.67 20.40 19.75
C PHE A 235 -31.05 20.70 19.16
N LYS A 236 -31.96 19.74 19.28
CA LYS A 236 -33.31 19.91 18.78
C LYS A 236 -34.01 21.09 19.43
N GLU A 237 -33.92 21.18 20.75
CA GLU A 237 -34.60 22.28 21.41
C GLU A 237 -33.92 23.62 21.07
N PHE A 238 -32.61 23.59 20.78
CA PHE A 238 -31.92 24.78 20.29
C PHE A 238 -32.47 25.24 18.93
N LEU A 239 -32.66 24.29 18.01
CA LEU A 239 -33.24 24.56 16.70
C LEU A 239 -34.66 25.07 16.85
N SER A 240 -35.47 24.43 17.70
CA SER A 240 -36.87 24.84 17.90
C SER A 240 -36.97 26.24 18.42
N SER A 241 -36.00 26.62 19.26
CA SER A 241 -36.00 27.96 19.87
C SER A 241 -35.66 29.07 18.88
N ASN A 242 -34.93 28.72 17.82
CA ASN A 242 -34.40 29.73 16.93
C ASN A 242 -35.05 29.77 15.55
N LEU A 243 -35.65 28.65 15.13
CA LEU A 243 -36.30 28.56 13.84
C LEU A 243 -37.81 28.46 14.00
N ASP A 244 -38.53 29.29 13.27
CA ASP A 244 -40.00 29.24 13.26
C ASP A 244 -40.44 28.25 12.21
N LEU A 245 -40.38 26.98 12.57
CA LEU A 245 -40.43 25.90 11.61
C LEU A 245 -40.88 24.70 12.42
N GLU A 246 -41.78 23.88 11.90
CA GLU A 246 -42.19 22.69 12.63
C GLU A 246 -41.04 21.67 12.66
N ILE A 247 -40.67 21.24 13.87
CA ILE A 247 -39.54 20.32 14.08
C ILE A 247 -39.93 19.15 14.96
N ILE A 248 -39.72 17.93 14.47
CA ILE A 248 -40.03 16.75 15.27
C ILE A 248 -38.83 15.82 15.37
N SER A 249 -38.86 14.90 16.34
CA SER A 249 -37.80 13.89 16.48
C SER A 249 -38.36 12.55 16.01
N LEU A 250 -37.51 11.67 15.48
CA LEU A 250 -38.04 10.48 14.84
C LEU A 250 -37.66 9.18 15.57
N ASP A 251 -36.43 9.07 16.05
CA ASP A 251 -36.06 7.88 16.80
C ASP A 251 -35.70 8.21 18.27
N PHE A 252 -36.14 9.38 18.72
CA PHE A 252 -36.05 9.74 20.12
C PHE A 252 -37.18 10.70 20.43
N MET B 9 -42.58 -11.90 -18.89
CA MET B 9 -41.59 -12.62 -18.11
C MET B 9 -40.99 -11.76 -16.99
N LYS B 10 -40.46 -12.43 -15.97
CA LYS B 10 -39.84 -11.77 -14.82
C LYS B 10 -38.38 -11.39 -15.02
N ALA B 11 -37.96 -10.38 -14.27
CA ALA B 11 -36.63 -9.84 -14.37
C ALA B 11 -35.53 -10.89 -14.10
N LYS B 12 -35.76 -11.77 -13.12
CA LYS B 12 -34.72 -12.74 -12.80
C LYS B 12 -34.51 -13.72 -13.96
N GLU B 13 -35.53 -13.93 -14.79
CA GLU B 13 -35.43 -14.81 -15.97
C GLU B 13 -34.65 -14.14 -17.11
N ILE B 14 -34.81 -12.83 -17.26
CA ILE B 14 -34.03 -12.08 -18.24
C ILE B 14 -32.58 -12.14 -17.83
N ILE B 15 -32.35 -11.91 -16.54
CA ILE B 15 -31.01 -11.98 -15.98
C ILE B 15 -30.37 -13.37 -16.11
N GLU B 16 -31.12 -14.45 -15.92
CA GLU B 16 -30.50 -15.76 -16.06
C GLU B 16 -30.16 -16.05 -17.53
N PHE B 17 -30.99 -15.54 -18.43
CA PHE B 17 -30.72 -15.73 -19.86
C PHE B 17 -29.45 -15.00 -20.29
N ILE B 18 -29.28 -13.78 -19.83
CA ILE B 18 -28.07 -13.02 -20.12
C ILE B 18 -26.83 -13.69 -19.50
N GLU B 19 -26.96 -14.14 -18.26
CA GLU B 19 -25.82 -14.73 -17.56
C GLU B 19 -25.48 -16.12 -18.07
N THR B 20 -26.43 -16.77 -18.75
CA THR B 20 -26.12 -18.01 -19.45
C THR B 20 -25.29 -17.69 -20.70
N PHE B 21 -25.64 -16.61 -21.41
CA PHE B 21 -24.89 -16.21 -22.58
C PHE B 21 -23.51 -15.68 -22.20
N ALA B 22 -23.46 -14.86 -21.15
CA ALA B 22 -22.24 -14.20 -20.72
C ALA B 22 -22.05 -14.33 -19.21
N PRO B 23 -21.53 -15.47 -18.76
CA PRO B 23 -21.38 -15.74 -17.32
C PRO B 23 -20.59 -14.66 -16.60
N LYS B 24 -21.02 -14.35 -15.38
CA LYS B 24 -20.42 -13.30 -14.56
C LYS B 24 -18.95 -13.62 -14.24
N ASP B 25 -18.59 -14.89 -14.11
CA ASP B 25 -17.20 -15.24 -13.79
C ASP B 25 -16.22 -15.02 -14.97
N LEU B 26 -16.76 -14.64 -16.13
CA LEU B 26 -15.91 -14.24 -17.27
C LEU B 26 -15.41 -12.80 -17.13
N ALA B 27 -16.10 -11.98 -16.34
CA ALA B 27 -15.70 -10.58 -16.12
C ALA B 27 -14.32 -10.50 -15.49
N ILE B 28 -13.51 -9.54 -15.91
CA ILE B 28 -12.17 -9.41 -15.33
C ILE B 28 -12.29 -8.93 -13.88
N GLU B 29 -11.24 -9.19 -13.10
CA GLU B 29 -11.23 -8.84 -11.68
C GLU B 29 -11.66 -7.40 -11.44
N GLY B 30 -12.63 -7.19 -10.55
CA GLY B 30 -13.05 -5.85 -10.16
C GLY B 30 -14.08 -5.17 -11.05
N ASP B 31 -14.44 -5.78 -12.17
CA ASP B 31 -15.44 -5.18 -13.06
C ASP B 31 -16.82 -5.16 -12.37
N ASN B 32 -17.47 -4.00 -12.33
CA ASN B 32 -18.74 -3.88 -11.62
C ASN B 32 -19.93 -4.39 -12.43
N ILE B 33 -19.96 -5.69 -12.69
CA ILE B 33 -21.02 -6.28 -13.51
C ILE B 33 -22.22 -6.80 -12.70
N GLY B 34 -23.33 -7.03 -13.38
CA GLY B 34 -24.50 -7.57 -12.71
C GLY B 34 -25.48 -6.45 -12.41
N LEU B 35 -26.28 -6.64 -11.36
CA LEU B 35 -27.31 -5.71 -10.94
C LEU B 35 -26.72 -4.38 -10.46
N GLN B 36 -27.07 -3.30 -11.15
CA GLN B 36 -26.62 -1.96 -10.75
C GLN B 36 -27.63 -1.30 -9.80
N VAL B 37 -28.90 -1.33 -10.19
CA VAL B 37 -29.98 -0.70 -9.42
C VAL B 37 -31.21 -1.59 -9.48
N GLY B 38 -31.73 -2.00 -8.32
CA GLY B 38 -32.88 -2.88 -8.29
C GLY B 38 -33.05 -3.62 -6.99
N ASP B 39 -34.29 -4.03 -6.71
CA ASP B 39 -34.59 -4.73 -5.47
C ASP B 39 -35.30 -6.04 -5.79
N ASN B 40 -36.57 -5.94 -6.18
CA ASN B 40 -37.37 -7.13 -6.48
C ASN B 40 -37.13 -7.70 -7.87
N LEU B 41 -36.52 -8.88 -7.94
CA LEU B 41 -36.20 -9.47 -9.24
C LEU B 41 -37.32 -10.41 -9.72
N ASP B 42 -38.39 -10.53 -8.93
CA ASP B 42 -39.61 -11.22 -9.37
C ASP B 42 -40.52 -10.31 -10.23
N LYS B 43 -40.18 -9.02 -10.27
CA LYS B 43 -40.90 -8.02 -11.05
C LYS B 43 -41.17 -8.44 -12.50
N GLU B 44 -42.39 -8.27 -12.97
CA GLU B 44 -42.70 -8.61 -14.35
C GLU B 44 -42.19 -7.53 -15.31
N ILE B 45 -41.64 -7.98 -16.44
CA ILE B 45 -41.02 -7.07 -17.39
C ILE B 45 -41.75 -7.13 -18.71
N LYS B 46 -42.27 -5.99 -19.15
CA LYS B 46 -42.97 -5.92 -20.43
C LYS B 46 -42.05 -5.41 -21.52
N LYS B 47 -41.12 -4.54 -21.16
CA LYS B 47 -40.32 -3.82 -22.16
C LYS B 47 -38.87 -3.69 -21.71
N LEU B 48 -37.98 -4.28 -22.49
CA LEU B 48 -36.55 -4.27 -22.24
C LEU B 48 -35.84 -3.21 -23.10
N GLY B 49 -35.03 -2.35 -22.47
CA GLY B 49 -34.25 -1.38 -23.21
C GLY B 49 -32.76 -1.72 -23.17
N ILE B 50 -32.10 -1.60 -24.31
CA ILE B 50 -30.65 -1.86 -24.42
C ILE B 50 -29.87 -0.58 -24.65
N ALA B 51 -28.80 -0.35 -23.89
CA ALA B 51 -28.00 0.84 -24.13
C ALA B 51 -26.53 0.54 -23.98
N LEU B 52 -25.69 1.32 -24.66
CA LEU B 52 -24.26 1.22 -24.45
C LEU B 52 -23.90 1.80 -23.09
N ASP B 53 -24.35 3.03 -22.83
CA ASP B 53 -24.02 3.80 -21.63
C ASP B 53 -25.27 4.05 -20.78
N PRO B 54 -25.16 3.92 -19.44
CA PRO B 54 -26.28 4.34 -18.60
C PRO B 54 -26.26 5.83 -18.34
N SER B 55 -26.22 6.62 -19.39
CA SER B 55 -26.15 8.07 -19.24
C SER B 55 -27.46 8.67 -18.75
N LEU B 56 -27.41 9.94 -18.33
CA LEU B 56 -28.62 10.61 -17.89
C LEU B 56 -29.67 10.61 -19.01
N SER B 57 -29.27 10.90 -20.24
CA SER B 57 -30.29 11.01 -21.29
C SER B 57 -30.85 9.64 -21.69
N VAL B 58 -30.02 8.60 -21.62
CA VAL B 58 -30.49 7.25 -21.83
C VAL B 58 -31.56 6.87 -20.77
N ILE B 59 -31.30 7.22 -19.51
CA ILE B 59 -32.22 6.89 -18.43
C ILE B 59 -33.52 7.68 -18.56
N LYS B 60 -33.42 8.96 -18.93
CA LYS B 60 -34.59 9.75 -19.24
C LYS B 60 -35.41 9.11 -20.39
N LYS B 61 -34.72 8.59 -21.40
CA LYS B 61 -35.40 7.96 -22.53
C LYS B 61 -36.07 6.64 -22.13
N ALA B 62 -35.40 5.86 -21.28
CA ALA B 62 -35.98 4.62 -20.77
C ALA B 62 -37.32 4.90 -20.06
N GLU B 63 -37.32 5.92 -19.19
CA GLU B 63 -38.52 6.34 -18.46
C GLU B 63 -39.61 6.76 -19.45
N LYS B 64 -39.20 7.53 -20.45
CA LYS B 64 -40.17 8.05 -21.41
C LYS B 64 -40.84 6.95 -22.26
N GLU B 65 -40.10 5.88 -22.58
CA GLU B 65 -40.58 4.82 -23.47
C GLU B 65 -41.24 3.66 -22.71
N GLY B 66 -41.43 3.83 -21.40
CA GLY B 66 -42.02 2.79 -20.55
C GLY B 66 -41.16 1.54 -20.43
N VAL B 67 -39.83 1.69 -20.48
CA VAL B 67 -38.94 0.57 -20.28
C VAL B 67 -38.94 0.10 -18.81
N ASP B 68 -39.05 -1.21 -18.58
CA ASP B 68 -39.12 -1.78 -17.22
C ASP B 68 -37.75 -2.30 -16.79
N PHE B 69 -36.98 -2.76 -17.76
CA PHE B 69 -35.65 -3.34 -17.53
C PHE B 69 -34.65 -2.69 -18.46
N LEU B 70 -33.67 -1.99 -17.90
CA LEU B 70 -32.68 -1.31 -18.69
C LEU B 70 -31.36 -2.09 -18.63
N PHE B 71 -30.97 -2.68 -19.76
CA PHE B 71 -29.66 -3.32 -19.89
C PHE B 71 -28.64 -2.34 -20.48
N THR B 72 -27.49 -2.19 -19.82
CA THR B 72 -26.39 -1.43 -20.41
C THR B 72 -25.09 -2.21 -20.38
N HIS B 73 -24.23 -1.93 -21.36
CA HIS B 73 -22.90 -2.54 -21.45
C HIS B 73 -21.98 -2.00 -20.34
N HIS B 74 -21.95 -0.68 -20.15
CA HIS B 74 -21.13 -0.08 -19.09
C HIS B 74 -21.87 0.01 -17.76
N PRO B 75 -21.18 -0.30 -16.66
CA PRO B 75 -21.73 -0.15 -15.31
C PRO B 75 -22.13 1.30 -15.06
N LEU B 76 -23.04 1.53 -14.13
CA LEU B 76 -23.44 2.88 -13.75
C LEU B 76 -22.27 3.60 -13.09
N LEU B 77 -21.59 2.89 -12.20
CA LEU B 77 -20.46 3.47 -11.47
C LEU B 77 -19.26 2.55 -11.57
N LYS B 78 -18.10 3.14 -11.78
CA LYS B 78 -16.86 2.37 -11.61
C LYS B 78 -16.38 2.56 -10.18
N ASP B 79 -16.33 3.83 -9.78
CA ASP B 79 -15.89 4.24 -8.44
C ASP B 79 -17.04 4.43 -7.47
N PRO B 80 -16.95 3.78 -6.30
CA PRO B 80 -17.99 3.82 -5.28
C PRO B 80 -18.16 5.24 -4.70
N ILE B 81 -19.38 5.59 -4.28
CA ILE B 81 -19.70 6.91 -3.71
C ILE B 81 -20.45 6.75 -2.38
N ARG B 82 -20.58 7.84 -1.62
CA ARG B 82 -21.32 7.78 -0.36
C ARG B 82 -22.21 9.01 -0.14
N ASN B 83 -22.43 9.78 -1.20
CA ASN B 83 -23.36 10.92 -1.18
C ASN B 83 -24.11 10.90 -2.49
N PHE B 84 -25.33 11.41 -2.52
CA PHE B 84 -26.16 11.29 -3.71
C PHE B 84 -26.74 12.63 -4.08
N THR B 85 -26.01 13.33 -4.95
CA THR B 85 -26.32 14.69 -5.36
C THR B 85 -26.12 14.78 -6.85
N GLY B 86 -26.46 15.93 -7.42
CA GLY B 86 -26.21 16.19 -8.82
C GLY B 86 -26.74 15.12 -9.74
N VAL B 87 -25.92 14.71 -10.71
CA VAL B 87 -26.34 13.80 -11.79
C VAL B 87 -26.74 12.41 -11.31
N ILE B 88 -25.98 11.85 -10.38
CA ILE B 88 -26.26 10.50 -9.91
C ILE B 88 -27.60 10.48 -9.14
N TYR B 89 -27.91 11.57 -8.45
CA TYR B 89 -29.21 11.72 -7.79
C TYR B 89 -30.32 11.69 -8.83
N LYS B 90 -30.16 12.49 -9.89
CA LYS B 90 -31.14 12.54 -10.96
C LYS B 90 -31.32 11.16 -11.62
N LYS B 91 -30.24 10.43 -11.84
CA LYS B 91 -30.32 9.11 -12.48
C LYS B 91 -31.02 8.12 -11.56
N LEU B 92 -30.58 8.07 -10.30
CA LEU B 92 -31.18 7.15 -9.34
C LEU B 92 -32.66 7.47 -9.10
N LYS B 93 -32.99 8.75 -9.07
CA LYS B 93 -34.38 9.13 -8.82
C LYS B 93 -35.31 8.62 -9.93
N ILE B 94 -34.90 8.72 -11.19
CA ILE B 94 -35.73 8.21 -12.29
C ILE B 94 -35.88 6.69 -12.21
N LEU B 95 -34.77 5.99 -12.02
CA LEU B 95 -34.81 4.54 -11.93
C LEU B 95 -35.63 4.06 -10.74
N MET B 96 -35.45 4.68 -9.59
CA MET B 96 -36.08 4.19 -8.37
C MET B 96 -37.55 4.54 -8.32
N GLU B 97 -37.91 5.72 -8.80
CA GLU B 97 -39.28 6.15 -8.74
C GLU B 97 -40.18 5.30 -9.63
N ASN B 98 -39.61 4.79 -10.71
CA ASN B 98 -40.34 3.95 -11.67
C ASN B 98 -40.08 2.44 -11.54
N ASP B 99 -39.27 2.08 -10.53
CA ASP B 99 -38.78 0.71 -10.32
C ASP B 99 -38.25 0.09 -11.61
N ILE B 100 -37.44 0.87 -12.31
CA ILE B 100 -36.73 0.39 -13.48
C ILE B 100 -35.46 -0.30 -13.03
N ILE B 101 -35.33 -1.56 -13.36
CA ILE B 101 -34.13 -2.31 -13.04
C ILE B 101 -32.99 -1.94 -13.99
N LEU B 102 -31.82 -1.64 -13.43
CA LEU B 102 -30.63 -1.37 -14.25
C LEU B 102 -29.62 -2.51 -14.02
N TYR B 103 -29.27 -3.19 -15.10
CA TYR B 103 -28.41 -4.37 -15.04
C TYR B 103 -27.35 -4.27 -16.13
N SER B 104 -26.11 -4.67 -15.82
CA SER B 104 -25.01 -4.59 -16.78
C SER B 104 -24.21 -5.88 -16.99
N ALA B 105 -23.87 -6.13 -18.25
CA ALA B 105 -22.85 -7.12 -18.62
C ALA B 105 -21.75 -6.34 -19.32
N HIS B 106 -20.61 -6.22 -18.66
CA HIS B 106 -19.53 -5.42 -19.17
C HIS B 106 -18.45 -6.34 -19.79
N THR B 107 -17.35 -6.58 -19.09
CA THR B 107 -16.26 -7.32 -19.77
C THR B 107 -16.65 -8.79 -20.01
N ASN B 108 -17.62 -9.32 -19.24
CA ASN B 108 -18.13 -10.66 -19.53
C ASN B 108 -18.85 -10.71 -20.89
N LEU B 109 -19.42 -9.59 -21.32
CA LEU B 109 -20.01 -9.53 -22.64
C LEU B 109 -18.92 -9.27 -23.69
N ASP B 110 -17.81 -8.67 -23.29
CA ASP B 110 -16.66 -8.46 -24.19
C ASP B 110 -16.00 -9.79 -24.52
N ILE B 111 -15.92 -10.68 -23.52
CA ILE B 111 -15.07 -11.85 -23.56
C ILE B 111 -15.78 -13.12 -24.01
N CYS B 112 -17.06 -13.25 -23.69
CA CYS B 112 -17.80 -14.48 -23.96
C CYS B 112 -17.89 -14.81 -25.45
N LYS B 113 -18.16 -16.08 -25.73
CA LYS B 113 -18.33 -16.57 -27.09
C LYS B 113 -19.48 -15.81 -27.77
N ASN B 114 -19.22 -15.36 -28.98
CA ASN B 114 -20.16 -14.52 -29.73
C ASN B 114 -20.48 -13.19 -29.01
N GLY B 115 -19.62 -12.79 -28.06
CA GLY B 115 -19.71 -11.48 -27.44
C GLY B 115 -19.11 -10.40 -28.35
N LEU B 116 -18.82 -9.22 -27.80
CA LEU B 116 -18.50 -8.05 -28.62
C LEU B 116 -17.20 -8.26 -29.41
N ASN B 117 -16.20 -8.87 -28.78
CA ASN B 117 -14.96 -9.12 -29.50
C ASN B 117 -15.13 -10.23 -30.55
N ASP B 118 -15.85 -11.30 -30.22
CA ASP B 118 -16.13 -12.34 -31.22
C ASP B 118 -16.91 -11.75 -32.42
N ALA B 119 -17.78 -10.77 -32.16
CA ALA B 119 -18.52 -10.09 -33.23
C ALA B 119 -17.59 -9.41 -34.24
N LEU B 120 -16.57 -8.70 -33.76
CA LEU B 120 -15.60 -8.05 -34.64
C LEU B 120 -14.77 -9.11 -35.40
N ALA B 121 -14.33 -10.13 -34.68
CA ALA B 121 -13.53 -11.21 -35.25
C ALA B 121 -14.30 -11.88 -36.37
N GLU B 122 -15.61 -12.02 -36.19
CA GLU B 122 -16.44 -12.68 -37.19
C GLU B 122 -16.73 -11.74 -38.38
N LEU B 123 -16.90 -10.46 -38.09
CA LEU B 123 -17.06 -9.47 -39.16
C LEU B 123 -15.90 -9.52 -40.16
N TYR B 124 -14.67 -9.63 -39.64
CA TYR B 124 -13.50 -9.63 -40.50
C TYR B 124 -13.12 -11.04 -40.96
N ASN B 125 -13.90 -12.02 -40.54
CA ASN B 125 -13.65 -13.42 -40.89
C ASN B 125 -12.21 -13.87 -40.60
N LEU B 126 -11.74 -13.57 -39.40
CA LEU B 126 -10.37 -13.90 -39.00
C LEU B 126 -10.11 -15.39 -39.04
N GLU B 127 -9.03 -15.73 -39.72
CA GLU B 127 -8.54 -17.10 -39.84
C GLU B 127 -7.92 -17.54 -38.53
N ASN B 128 -8.38 -18.66 -37.99
CA ASN B 128 -7.84 -19.24 -36.76
C ASN B 128 -7.74 -18.21 -35.60
N PRO B 129 -8.90 -17.69 -35.15
CA PRO B 129 -8.86 -16.61 -34.16
C PRO B 129 -8.52 -17.07 -32.74
N LYS B 130 -7.74 -16.27 -32.02
CA LYS B 130 -7.41 -16.54 -30.62
C LYS B 130 -7.65 -15.32 -29.75
N PRO B 131 -7.84 -15.53 -28.44
CA PRO B 131 -7.97 -14.37 -27.56
C PRO B 131 -6.70 -13.52 -27.61
N LEU B 132 -6.87 -12.21 -27.63
CA LEU B 132 -5.73 -11.33 -27.77
C LEU B 132 -4.95 -11.30 -26.46
N TYR B 133 -5.67 -11.17 -25.34
CA TYR B 133 -5.09 -11.20 -23.99
C TYR B 133 -5.40 -12.49 -23.28
N ASP B 134 -4.61 -12.79 -22.26
CA ASP B 134 -4.80 -13.99 -21.44
C ASP B 134 -6.16 -14.00 -20.74
N ASN B 135 -6.62 -12.82 -20.31
CA ASN B 135 -7.91 -12.72 -19.65
C ASN B 135 -9.09 -12.87 -20.62
N GLY B 136 -8.78 -13.08 -21.90
CA GLY B 136 -9.83 -13.32 -22.88
C GLY B 136 -10.28 -12.09 -23.64
N LEU B 137 -9.73 -10.92 -23.32
CA LEU B 137 -10.09 -9.70 -24.02
C LEU B 137 -9.50 -9.66 -25.44
N GLY B 138 -10.31 -9.24 -26.41
CA GLY B 138 -9.86 -9.08 -27.78
C GLY B 138 -9.67 -10.37 -28.56
N ARG B 139 -9.50 -10.23 -29.88
CA ARG B 139 -9.22 -11.37 -30.73
C ARG B 139 -8.13 -10.98 -31.73
N VAL B 140 -7.36 -11.97 -32.16
CA VAL B 140 -6.35 -11.80 -33.20
C VAL B 140 -6.30 -13.06 -34.07
N GLY B 141 -6.07 -12.86 -35.36
CA GLY B 141 -5.98 -13.95 -36.34
C GLY B 141 -5.60 -13.33 -37.69
N ILE B 142 -5.57 -14.13 -38.73
CA ILE B 142 -5.19 -13.61 -40.05
C ILE B 142 -6.39 -13.01 -40.79
N PHE B 143 -6.23 -11.78 -41.28
CA PHE B 143 -7.20 -11.21 -42.19
C PHE B 143 -6.81 -11.64 -43.60
N LYS B 144 -7.64 -12.49 -44.19
CA LYS B 144 -7.40 -13.07 -45.51
C LYS B 144 -7.81 -12.10 -46.61
N GLY B 145 -6.99 -11.07 -46.84
CA GLY B 145 -7.30 -10.08 -47.85
C GLY B 145 -6.30 -8.94 -47.77
N SER B 146 -6.55 -7.88 -48.54
CA SER B 146 -5.63 -6.74 -48.55
C SER B 146 -6.02 -5.77 -47.46
N PHE B 147 -5.10 -4.87 -47.14
CA PHE B 147 -5.40 -3.86 -46.16
C PHE B 147 -6.58 -3.02 -46.57
N GLU B 148 -6.63 -2.68 -47.84
CA GLU B 148 -7.66 -1.79 -48.32
C GLU B 148 -9.02 -2.46 -48.18
N GLU B 149 -9.09 -3.78 -48.41
CA GLU B 149 -10.34 -4.51 -48.22
C GLU B 149 -10.78 -4.50 -46.75
N PHE B 150 -9.81 -4.60 -45.84
CA PHE B 150 -10.09 -4.53 -44.42
C PHE B 150 -10.68 -3.17 -44.05
N LEU B 151 -10.14 -2.13 -44.67
CA LEU B 151 -10.58 -0.76 -44.49
C LEU B 151 -12.03 -0.55 -45.01
N GLU B 152 -12.35 -1.15 -46.15
CA GLU B 152 -13.67 -1.01 -46.73
C GLU B 152 -14.74 -1.64 -45.84
N ILE B 153 -14.45 -2.80 -45.29
CA ILE B 153 -15.33 -3.47 -44.34
C ILE B 153 -15.55 -2.59 -43.10
N THR B 154 -14.46 -2.01 -42.62
CA THR B 154 -14.48 -1.10 -41.49
C THR B 154 -15.41 0.09 -41.74
N LYS B 155 -15.26 0.70 -42.90
CA LYS B 155 -16.06 1.87 -43.24
C LYS B 155 -17.52 1.52 -43.50
N LYS B 156 -17.78 0.33 -44.03
CA LYS B 156 -19.14 -0.06 -44.36
C LYS B 156 -19.94 -0.52 -43.13
N TYR B 157 -19.29 -1.20 -42.18
CA TYR B 157 -20.01 -1.83 -41.06
C TYR B 157 -19.77 -1.22 -39.67
N ILE B 158 -18.67 -0.49 -39.48
CA ILE B 158 -18.35 -0.01 -38.15
C ILE B 158 -18.43 1.52 -38.08
N HIS B 159 -17.62 2.19 -38.89
CA HIS B 159 -17.52 3.65 -38.84
C HIS B 159 -16.97 4.19 -40.17
N LYS B 160 -17.66 5.18 -40.74
CA LYS B 160 -17.32 5.72 -42.06
C LYS B 160 -15.99 6.42 -42.19
N ASN B 161 -15.46 7.00 -41.11
CA ASN B 161 -14.21 7.76 -41.19
C ASN B 161 -13.24 7.41 -40.09
N PRO B 162 -12.71 6.19 -40.12
CA PRO B 162 -11.80 5.81 -39.04
C PRO B 162 -10.49 6.59 -39.07
N ILE B 163 -9.88 6.83 -37.92
CA ILE B 163 -8.52 7.35 -37.91
C ILE B 163 -7.58 6.20 -38.19
N VAL B 164 -6.69 6.37 -39.17
CA VAL B 164 -5.71 5.34 -39.50
C VAL B 164 -4.31 5.85 -39.16
N VAL B 165 -3.62 5.16 -38.26
CA VAL B 165 -2.24 5.48 -38.00
C VAL B 165 -1.42 4.51 -38.83
N LYS B 166 -1.01 4.95 -40.01
CA LYS B 166 -0.37 4.06 -40.98
C LYS B 166 1.13 3.99 -40.73
N SER B 167 1.51 3.29 -39.67
CA SER B 167 2.89 3.30 -39.19
C SER B 167 3.85 2.61 -40.16
N LYS B 168 3.31 1.71 -40.99
CA LYS B 168 4.07 0.99 -42.00
C LYS B 168 3.10 0.50 -43.08
N GLU B 169 3.65 0.02 -44.19
CA GLU B 169 2.87 -0.63 -45.23
C GLU B 169 2.31 -1.94 -44.72
N VAL B 170 1.13 -2.34 -45.18
CA VAL B 170 0.56 -3.59 -44.70
C VAL B 170 0.35 -4.53 -45.90
N ASP B 171 0.99 -5.68 -45.85
CA ASP B 171 0.87 -6.67 -46.92
C ASP B 171 -0.42 -7.45 -46.75
N ASP B 172 -0.90 -8.06 -47.83
CA ASP B 172 -2.07 -8.93 -47.77
C ASP B 172 -1.87 -10.07 -46.76
N ASN B 173 -2.96 -10.58 -46.20
CA ASN B 173 -2.91 -11.71 -45.27
C ASN B 173 -2.12 -11.42 -44.00
N PHE B 174 -2.41 -10.28 -43.42
CA PHE B 174 -1.71 -9.80 -42.24
C PHE B 174 -2.39 -10.26 -40.95
N LYS B 175 -1.70 -10.11 -39.82
CA LYS B 175 -2.34 -10.38 -38.55
C LYS B 175 -3.10 -9.14 -38.06
N LEU B 176 -4.40 -9.34 -37.82
CA LEU B 176 -5.28 -8.30 -37.35
C LEU B 176 -5.77 -8.58 -35.94
N ALA B 177 -5.60 -7.58 -35.08
CA ALA B 177 -6.11 -7.65 -33.73
C ALA B 177 -7.26 -6.68 -33.57
N VAL B 178 -8.31 -7.15 -32.90
CA VAL B 178 -9.47 -6.34 -32.61
C VAL B 178 -9.77 -6.36 -31.11
N LEU B 179 -10.20 -5.21 -30.63
CA LEU B 179 -10.61 -5.10 -29.25
C LEU B 179 -11.70 -4.05 -29.19
N SER B 180 -12.92 -4.48 -28.90
CA SER B 180 -14.04 -3.56 -28.88
C SER B 180 -13.96 -2.58 -27.70
N GLY B 181 -14.17 -1.30 -27.97
CA GLY B 181 -14.14 -0.30 -26.94
C GLY B 181 -12.83 0.44 -26.83
N TYR B 182 -12.24 0.45 -25.65
CA TYR B 182 -11.00 1.17 -25.43
C TYR B 182 -9.85 0.19 -25.29
N GLY B 183 -9.13 -0.05 -26.38
CA GLY B 183 -8.00 -0.95 -26.32
C GLY B 183 -6.68 -0.30 -26.67
N LEU B 184 -6.68 1.03 -26.71
CA LEU B 184 -5.53 1.75 -27.27
C LEU B 184 -4.69 2.51 -26.23
N SER B 185 -4.59 1.95 -25.04
CA SER B 185 -3.71 2.48 -24.02
C SER B 185 -2.26 2.24 -24.45
N GLN B 186 -1.33 2.97 -23.84
CA GLN B 186 0.09 2.81 -24.20
C GLN B 186 0.58 1.39 -23.99
N SER B 187 0.22 0.79 -22.84
CA SER B 187 0.67 -0.56 -22.54
C SER B 187 0.03 -1.62 -23.46
N SER B 188 -1.19 -1.40 -23.90
CA SER B 188 -1.80 -2.27 -24.93
C SER B 188 -1.09 -2.19 -26.28
N ILE B 189 -0.73 -0.98 -26.70
CA ILE B 189 -0.02 -0.78 -27.97
C ILE B 189 1.29 -1.58 -27.93
N LYS B 190 2.06 -1.45 -26.84
CA LYS B 190 3.32 -2.19 -26.71
C LYS B 190 3.11 -3.69 -26.81
N TYR B 191 2.08 -4.17 -26.11
CA TYR B 191 1.78 -5.60 -26.06
C TYR B 191 1.32 -6.09 -27.42
N VAL B 192 0.39 -5.36 -28.05
CA VAL B 192 -0.23 -5.80 -29.29
C VAL B 192 0.75 -5.69 -30.47
N ALA B 193 1.69 -4.76 -30.42
CA ALA B 193 2.74 -4.66 -31.44
C ALA B 193 3.52 -5.97 -31.64
N GLU B 194 3.59 -6.79 -30.60
CA GLU B 194 4.23 -8.11 -30.65
C GLU B 194 3.36 -9.17 -31.31
N LYS B 195 2.06 -8.93 -31.42
CA LYS B 195 1.12 -9.98 -31.80
C LYS B 195 0.41 -9.72 -33.14
N ALA B 196 0.49 -8.50 -33.64
CA ALA B 196 -0.29 -8.13 -34.81
C ALA B 196 0.35 -7.03 -35.64
N ASP B 197 -0.08 -6.92 -36.89
CA ASP B 197 0.37 -5.84 -37.78
C ASP B 197 -0.58 -4.68 -37.69
N VAL B 198 -1.86 -5.00 -37.52
CA VAL B 198 -2.90 -4.01 -37.48
C VAL B 198 -3.79 -4.24 -36.26
N TYR B 199 -4.09 -3.15 -35.56
CA TYR B 199 -4.86 -3.16 -34.33
C TYR B 199 -6.11 -2.29 -34.49
N LEU B 200 -7.28 -2.90 -34.43
CA LEU B 200 -8.56 -2.21 -34.61
C LEU B 200 -9.25 -2.06 -33.25
N SER B 201 -9.46 -0.82 -32.84
CA SER B 201 -10.06 -0.55 -31.54
C SER B 201 -10.56 0.88 -31.51
N GLY B 202 -10.63 1.48 -30.32
CA GLY B 202 -11.17 2.83 -30.17
C GLY B 202 -10.44 3.69 -29.14
N ASP B 203 -10.75 5.00 -29.17
CA ASP B 203 -10.26 5.97 -28.17
C ASP B 203 -8.75 6.21 -28.26
N LEU B 204 -8.25 6.47 -29.46
CA LEU B 204 -6.83 6.80 -29.65
C LEU B 204 -6.51 8.15 -29.01
N THR B 205 -5.38 8.25 -28.31
CA THR B 205 -4.89 9.53 -27.80
C THR B 205 -3.46 9.77 -28.26
N HIS B 206 -2.93 10.96 -27.98
CA HIS B 206 -1.68 11.37 -28.60
C HIS B 206 -0.48 10.42 -28.38
N HIS B 207 -0.20 10.09 -27.12
CA HIS B 207 0.99 9.29 -26.80
C HIS B 207 0.93 7.89 -27.40
N SER B 208 -0.27 7.31 -27.43
CA SER B 208 -0.47 5.96 -27.96
C SER B 208 -0.30 5.98 -29.47
N LYS B 209 -0.68 7.09 -30.10
CA LYS B 209 -0.43 7.27 -31.53
C LYS B 209 1.09 7.31 -31.82
N ILE B 210 1.83 8.11 -31.07
CA ILE B 210 3.30 8.22 -31.24
C ILE B 210 3.98 6.87 -31.07
N LEU B 211 3.57 6.15 -30.03
CA LEU B 211 4.11 4.84 -29.71
C LEU B 211 3.89 3.82 -30.84
N ALA B 212 2.69 3.79 -31.41
CA ALA B 212 2.35 2.89 -32.50
C ALA B 212 3.23 3.17 -33.72
N GLU B 213 3.47 4.45 -33.98
CA GLU B 213 4.33 4.85 -35.06
C GLU B 213 5.77 4.34 -34.83
N GLU B 214 6.23 4.45 -33.59
CA GLU B 214 7.58 4.00 -33.24
C GLU B 214 7.72 2.50 -33.40
N LEU B 215 6.68 1.76 -33.04
CA LEU B 215 6.70 0.29 -33.07
C LEU B 215 6.32 -0.25 -34.46
N GLY B 216 5.81 0.60 -35.34
CA GLY B 216 5.38 0.12 -36.63
C GLY B 216 4.05 -0.64 -36.62
N LEU B 217 3.26 -0.49 -35.56
CA LEU B 217 1.92 -1.07 -35.49
C LEU B 217 0.93 -0.12 -36.13
N VAL B 218 0.20 -0.60 -37.12
CA VAL B 218 -0.87 0.21 -37.73
C VAL B 218 -2.12 0.15 -36.84
N VAL B 219 -2.58 1.31 -36.40
CA VAL B 219 -3.71 1.39 -35.49
C VAL B 219 -4.88 2.02 -36.21
N VAL B 220 -6.05 1.39 -36.11
CA VAL B 220 -7.27 1.96 -36.67
C VAL B 220 -8.25 2.28 -35.54
N ASP B 221 -8.50 3.57 -35.33
CA ASP B 221 -9.47 4.02 -34.34
C ASP B 221 -10.83 4.22 -35.06
N ALA B 222 -11.72 3.24 -34.90
CA ALA B 222 -13.06 3.29 -35.45
C ALA B 222 -14.06 3.75 -34.38
N THR B 223 -13.50 4.33 -33.31
CA THR B 223 -14.18 4.86 -32.12
C THR B 223 -14.63 3.77 -31.13
N HIS B 224 -14.55 4.16 -29.87
CA HIS B 224 -15.00 3.36 -28.74
C HIS B 224 -16.46 2.98 -28.94
N TYR B 225 -17.26 4.00 -29.26
CA TYR B 225 -18.69 3.80 -29.46
C TYR B 225 -19.01 2.76 -30.54
N SER B 226 -18.51 2.95 -31.76
CA SER B 226 -18.94 2.09 -32.85
C SER B 226 -18.45 0.66 -32.73
N THR B 227 -17.24 0.45 -32.21
CA THR B 227 -16.70 -0.92 -32.14
C THR B 227 -17.41 -1.79 -31.09
N GLU B 228 -18.12 -1.14 -30.17
CA GLU B 228 -18.94 -1.89 -29.22
C GLU B 228 -20.37 -2.02 -29.69
N VAL B 229 -20.89 -0.96 -30.29
CA VAL B 229 -22.27 -0.97 -30.74
C VAL B 229 -22.51 -2.03 -31.83
N PHE B 230 -21.51 -2.29 -32.67
CA PHE B 230 -21.65 -3.35 -33.67
C PHE B 230 -22.05 -4.69 -33.05
N GLY B 231 -21.31 -5.11 -32.02
CA GLY B 231 -21.59 -6.36 -31.34
C GLY B 231 -22.82 -6.27 -30.45
N LEU B 232 -23.08 -5.07 -29.95
CA LEU B 232 -24.21 -4.84 -29.04
C LEU B 232 -25.52 -4.93 -29.83
N LYS B 233 -25.51 -4.53 -31.09
CA LYS B 233 -26.67 -4.73 -31.96
C LYS B 233 -26.91 -6.22 -32.21
N LYS B 234 -25.83 -7.00 -32.39
CA LYS B 234 -25.95 -8.45 -32.55
C LYS B 234 -26.56 -9.10 -31.30
N PHE B 235 -26.14 -8.62 -30.13
CA PHE B 235 -26.65 -9.09 -28.85
C PHE B 235 -28.14 -8.81 -28.73
N LYS B 236 -28.53 -7.58 -29.08
CA LYS B 236 -29.94 -7.18 -29.06
C LYS B 236 -30.80 -8.07 -29.94
N GLU B 237 -30.36 -8.34 -31.16
CA GLU B 237 -31.18 -9.17 -32.04
C GLU B 237 -31.20 -10.62 -31.55
N PHE B 238 -30.13 -11.04 -30.90
CA PHE B 238 -30.10 -12.35 -30.27
C PHE B 238 -31.15 -12.44 -29.15
N LEU B 239 -31.24 -11.39 -28.32
CA LEU B 239 -32.24 -11.34 -27.26
C LEU B 239 -33.64 -11.37 -27.87
N SER B 240 -33.82 -10.61 -28.95
CA SER B 240 -35.12 -10.55 -29.63
C SER B 240 -35.50 -11.90 -30.20
N SER B 241 -34.53 -12.67 -30.66
CA SER B 241 -34.87 -13.97 -31.24
C SER B 241 -35.35 -14.98 -30.21
N ASN B 242 -34.93 -14.78 -28.97
CA ASN B 242 -35.14 -15.79 -27.94
C ASN B 242 -36.13 -15.40 -26.85
N LEU B 243 -36.33 -14.10 -26.66
CA LEU B 243 -37.24 -13.63 -25.61
C LEU B 243 -38.50 -13.04 -26.20
N ASP B 244 -39.65 -13.49 -25.68
CA ASP B 244 -40.94 -13.01 -26.12
C ASP B 244 -41.23 -11.71 -25.38
N LEU B 245 -40.69 -10.62 -25.88
CA LEU B 245 -40.59 -9.41 -25.09
C LEU B 245 -40.34 -8.20 -25.99
N GLU B 246 -40.97 -7.06 -25.72
CA GLU B 246 -40.63 -5.88 -26.50
C GLU B 246 -39.23 -5.39 -26.13
N ILE B 247 -38.35 -5.26 -27.11
CA ILE B 247 -36.96 -4.88 -26.87
C ILE B 247 -36.54 -3.71 -27.77
N ILE B 248 -36.12 -2.61 -27.17
CA ILE B 248 -35.70 -1.45 -27.94
C ILE B 248 -34.29 -1.04 -27.57
N SER B 249 -33.64 -0.28 -28.46
CA SER B 249 -32.31 0.29 -28.18
C SER B 249 -32.47 1.78 -27.88
N LEU B 250 -31.61 2.32 -27.04
CA LEU B 250 -31.84 3.68 -26.55
C LEU B 250 -30.76 4.68 -27.00
N ASP B 251 -29.50 4.25 -27.04
CA ASP B 251 -28.48 5.17 -27.50
C ASP B 251 -27.81 4.62 -28.77
N PHE B 252 -28.47 3.67 -29.42
CA PHE B 252 -28.05 3.21 -30.74
C PHE B 252 -29.25 2.62 -31.50
N ASN C 8 30.74 -19.58 -36.89
CA ASN C 8 30.12 -18.59 -36.02
C ASN C 8 28.70 -18.88 -35.56
N MET C 9 28.40 -18.56 -34.31
CA MET C 9 27.04 -18.74 -33.84
C MET C 9 26.45 -17.39 -33.49
N LYS C 10 25.12 -17.33 -33.54
CA LYS C 10 24.37 -16.13 -33.26
C LYS C 10 24.11 -15.96 -31.78
N ALA C 11 23.86 -14.72 -31.41
CA ALA C 11 23.62 -14.35 -30.04
C ALA C 11 22.43 -15.15 -29.47
N LYS C 12 21.37 -15.31 -30.27
CA LYS C 12 20.18 -15.99 -29.75
C LYS C 12 20.47 -17.46 -29.44
N GLU C 13 21.46 -18.04 -30.11
CA GLU C 13 21.85 -19.43 -29.87
C GLU C 13 22.61 -19.58 -28.56
N ILE C 14 23.41 -18.58 -28.21
CA ILE C 14 24.13 -18.58 -26.96
C ILE C 14 23.10 -18.48 -25.84
N ILE C 15 22.13 -17.60 -26.03
CA ILE C 15 21.07 -17.39 -25.06
C ILE C 15 20.22 -18.65 -24.84
N GLU C 16 19.86 -19.40 -25.89
CA GLU C 16 19.09 -20.62 -25.66
C GLU C 16 19.98 -21.65 -24.97
N PHE C 17 21.28 -21.61 -25.24
CA PHE C 17 22.16 -22.57 -24.57
C PHE C 17 22.26 -22.31 -23.07
N ILE C 18 22.44 -21.05 -22.70
CA ILE C 18 22.49 -20.66 -21.31
C ILE C 18 21.16 -20.95 -20.63
N GLU C 19 20.05 -20.65 -21.31
CA GLU C 19 18.73 -20.83 -20.71
C GLU C 19 18.33 -22.30 -20.63
N THR C 20 18.98 -23.17 -21.39
CA THR C 20 18.77 -24.61 -21.22
C THR C 20 19.43 -25.08 -19.92
N PHE C 21 20.59 -24.53 -19.61
CA PHE C 21 21.29 -24.85 -18.39
C PHE C 21 20.59 -24.24 -17.20
N ALA C 22 20.15 -23.00 -17.35
CA ALA C 22 19.57 -22.25 -16.24
C ALA C 22 18.29 -21.56 -16.68
N PRO C 23 17.17 -22.31 -16.71
CA PRO C 23 15.90 -21.75 -17.19
C PRO C 23 15.50 -20.49 -16.43
N LYS C 24 14.97 -19.51 -17.17
CA LYS C 24 14.55 -18.25 -16.61
C LYS C 24 13.43 -18.40 -15.57
N ASP C 25 12.58 -19.41 -15.69
CA ASP C 25 11.51 -19.54 -14.72
C ASP C 25 12.04 -20.02 -13.35
N LEU C 26 13.34 -20.34 -13.28
CA LEU C 26 13.96 -20.63 -12.00
C LEU C 26 14.29 -19.37 -11.22
N ALA C 27 14.41 -18.23 -11.89
CA ALA C 27 14.74 -16.97 -11.20
C ALA C 27 13.65 -16.60 -10.20
N ILE C 28 14.04 -16.08 -9.04
CA ILE C 28 13.07 -15.70 -8.02
C ILE C 28 12.27 -14.47 -8.45
N GLU C 29 11.09 -14.32 -7.86
CA GLU C 29 10.19 -13.22 -8.20
C GLU C 29 10.88 -11.86 -8.20
N GLY C 30 10.74 -11.13 -9.30
CA GLY C 30 11.27 -9.79 -9.40
C GLY C 30 12.72 -9.68 -9.85
N ASP C 31 13.42 -10.81 -9.95
CA ASP C 31 14.84 -10.78 -10.38
C ASP C 31 14.97 -10.36 -11.83
N ASN C 32 15.80 -9.33 -12.07
CA ASN C 32 15.97 -8.77 -13.40
C ASN C 32 16.88 -9.61 -14.32
N ILE C 33 16.44 -10.81 -14.67
CA ILE C 33 17.28 -11.70 -15.47
C ILE C 33 16.98 -11.59 -16.97
N GLY C 34 17.90 -12.09 -17.79
CA GLY C 34 17.71 -12.07 -19.23
C GLY C 34 18.47 -10.97 -19.93
N LEU C 35 17.94 -10.51 -21.05
CA LEU C 35 18.57 -9.47 -21.86
C LEU C 35 18.63 -8.14 -21.11
N GLN C 36 19.82 -7.64 -20.84
CA GLN C 36 19.94 -6.35 -20.16
C GLN C 36 20.03 -5.23 -21.20
N VAL C 37 20.91 -5.38 -22.19
CA VAL C 37 21.14 -4.35 -23.21
C VAL C 37 21.32 -5.02 -24.56
N GLY C 38 20.48 -4.68 -25.53
CA GLY C 38 20.56 -5.31 -26.83
C GLY C 38 19.28 -5.24 -27.64
N ASP C 39 19.42 -5.39 -28.96
CA ASP C 39 18.26 -5.36 -29.83
C ASP C 39 18.20 -6.59 -30.73
N ASN C 40 19.09 -6.64 -31.72
CA ASN C 40 19.08 -7.72 -32.70
C ASN C 40 19.82 -8.94 -32.13
N LEU C 41 19.10 -10.05 -31.96
CA LEU C 41 19.71 -11.26 -31.43
C LEU C 41 20.14 -12.26 -32.51
N ASP C 42 19.93 -11.91 -33.78
CA ASP C 42 20.45 -12.69 -34.91
C ASP C 42 21.92 -12.36 -35.17
N LYS C 43 22.41 -11.33 -34.46
CA LYS C 43 23.79 -10.88 -34.49
C LYS C 43 24.79 -12.03 -34.34
N GLU C 44 25.80 -12.07 -35.20
CA GLU C 44 26.82 -13.12 -35.10
C GLU C 44 27.83 -12.75 -34.01
N ILE C 45 28.22 -13.73 -33.21
CA ILE C 45 29.07 -13.47 -32.05
C ILE C 45 30.43 -14.17 -32.19
N LYS C 46 31.51 -13.39 -32.11
CA LYS C 46 32.87 -13.94 -32.18
C LYS C 46 33.49 -14.25 -30.81
N LYS C 47 33.22 -13.41 -29.83
CA LYS C 47 33.93 -13.46 -28.57
C LYS C 47 33.02 -13.19 -27.39
N LEU C 48 32.90 -14.17 -26.52
CA LEU C 48 32.05 -14.06 -25.36
C LEU C 48 32.88 -13.81 -24.08
N GLY C 49 32.49 -12.80 -23.32
CA GLY C 49 33.12 -12.47 -22.06
C GLY C 49 32.19 -12.74 -20.90
N ILE C 50 32.72 -13.40 -19.85
CA ILE C 50 31.95 -13.75 -18.66
C ILE C 50 32.41 -12.87 -17.51
N ALA C 51 31.48 -12.27 -16.76
CA ALA C 51 31.91 -11.49 -15.60
C ALA C 51 30.93 -11.67 -14.45
N LEU C 52 31.41 -11.45 -13.24
CA LEU C 52 30.53 -11.44 -12.07
C LEU C 52 29.67 -10.17 -12.09
N ASP C 53 30.30 -9.01 -12.27
CA ASP C 53 29.61 -7.72 -12.21
C ASP C 53 29.63 -7.01 -13.56
N PRO C 54 28.51 -6.40 -13.96
CA PRO C 54 28.58 -5.55 -15.15
C PRO C 54 29.11 -4.16 -14.78
N SER C 55 30.27 -4.11 -14.14
CA SER C 55 30.82 -2.84 -13.70
C SER C 55 31.34 -2.01 -14.88
N LEU C 56 31.61 -0.74 -14.60
CA LEU C 56 32.16 0.11 -15.64
C LEU C 56 33.47 -0.44 -16.16
N SER C 57 34.35 -0.91 -15.26
CA SER C 57 35.69 -1.34 -15.72
C SER C 57 35.57 -2.66 -16.46
N VAL C 58 34.62 -3.51 -16.05
CA VAL C 58 34.34 -4.73 -16.79
C VAL C 58 33.85 -4.41 -18.21
N ILE C 59 32.95 -3.44 -18.33
CA ILE C 59 32.45 -3.05 -19.63
C ILE C 59 33.58 -2.39 -20.47
N LYS C 60 34.42 -1.55 -19.86
CA LYS C 60 35.61 -1.01 -20.54
C LYS C 60 36.56 -2.11 -21.00
N LYS C 61 36.74 -3.13 -20.18
CA LYS C 61 37.62 -4.22 -20.53
C LYS C 61 37.03 -5.02 -21.71
N ALA C 62 35.70 -5.19 -21.71
CA ALA C 62 34.97 -5.88 -22.78
C ALA C 62 35.20 -5.23 -24.15
N GLU C 63 35.11 -3.91 -24.19
CA GLU C 63 35.38 -3.17 -25.40
C GLU C 63 36.85 -3.35 -25.82
N LYS C 64 37.76 -3.26 -24.86
CA LYS C 64 39.19 -3.33 -25.16
C LYS C 64 39.58 -4.69 -25.78
N GLU C 65 38.93 -5.76 -25.32
CA GLU C 65 39.25 -7.10 -25.78
C GLU C 65 38.37 -7.57 -26.95
N GLY C 66 37.54 -6.69 -27.51
CA GLY C 66 36.67 -7.08 -28.61
C GLY C 66 35.59 -8.10 -28.25
N VAL C 67 35.09 -8.03 -27.03
CA VAL C 67 33.98 -8.89 -26.61
C VAL C 67 32.66 -8.49 -27.31
N ASP C 68 31.91 -9.46 -27.83
CA ASP C 68 30.66 -9.19 -28.57
C ASP C 68 29.42 -9.43 -27.74
N PHE C 69 29.56 -10.40 -26.83
CA PHE C 69 28.50 -10.84 -25.95
C PHE C 69 29.04 -10.83 -24.54
N LEU C 70 28.48 -9.98 -23.70
CA LEU C 70 28.95 -9.88 -22.33
C LEU C 70 27.92 -10.54 -21.42
N PHE C 71 28.31 -11.67 -20.83
CA PHE C 71 27.49 -12.33 -19.83
C PHE C 71 27.89 -11.88 -18.42
N THR C 72 26.93 -11.43 -17.60
CA THR C 72 27.21 -11.19 -16.18
C THR C 72 26.24 -11.90 -15.25
N HIS C 73 26.71 -12.29 -14.07
CA HIS C 73 25.85 -12.93 -13.10
C HIS C 73 24.87 -11.90 -12.52
N HIS C 74 25.38 -10.72 -12.14
CA HIS C 74 24.51 -9.66 -11.66
C HIS C 74 23.89 -8.83 -12.75
N PRO C 75 22.60 -8.52 -12.61
CA PRO C 75 21.94 -7.62 -13.54
C PRO C 75 22.61 -6.25 -13.57
N LEU C 76 22.41 -5.52 -14.65
CA LEU C 76 22.93 -4.16 -14.77
C LEU C 76 22.24 -3.26 -13.75
N LEU C 77 20.92 -3.37 -13.67
CA LEU C 77 20.18 -2.55 -12.72
C LEU C 77 19.22 -3.37 -11.89
N LYS C 78 19.20 -3.11 -10.59
CA LYS C 78 18.14 -3.66 -9.74
C LYS C 78 16.97 -2.71 -9.72
N ASP C 79 17.26 -1.45 -9.44
CA ASP C 79 16.22 -0.43 -9.41
C ASP C 79 16.11 0.31 -10.73
N PRO C 80 14.89 0.38 -11.28
CA PRO C 80 14.62 0.99 -12.58
C PRO C 80 14.93 2.48 -12.58
N ILE C 81 15.34 3.03 -13.73
CA ILE C 81 15.66 4.45 -13.82
C ILE C 81 14.93 5.07 -14.99
N ARG C 82 14.90 6.40 -15.03
CA ARG C 82 14.27 7.07 -16.16
C ARG C 82 15.09 8.26 -16.65
N ASN C 83 16.34 8.33 -16.22
CA ASN C 83 17.30 9.30 -16.72
C ASN C 83 18.64 8.63 -16.90
N PHE C 84 19.45 9.15 -17.84
CA PHE C 84 20.69 8.50 -18.23
C PHE C 84 21.84 9.49 -18.17
N THR C 85 22.52 9.50 -17.02
CA THR C 85 23.60 10.44 -16.76
C THR C 85 24.70 9.69 -16.05
N GLY C 86 25.85 10.34 -15.89
CA GLY C 86 26.93 9.78 -15.12
C GLY C 86 27.32 8.37 -15.54
N VAL C 87 27.45 7.49 -14.54
CA VAL C 87 28.01 6.16 -14.76
C VAL C 87 27.19 5.30 -15.70
N ILE C 88 25.87 5.29 -15.52
CA ILE C 88 25.02 4.44 -16.34
C ILE C 88 25.05 4.93 -17.80
N TYR C 89 25.16 6.24 -17.99
CA TYR C 89 25.32 6.80 -19.32
C TYR C 89 26.61 6.29 -19.95
N LYS C 90 27.70 6.31 -19.18
CA LYS C 90 28.98 5.81 -19.69
C LYS C 90 28.93 4.31 -20.02
N LYS C 91 28.27 3.51 -19.18
CA LYS C 91 28.20 2.07 -19.43
C LYS C 91 27.39 1.76 -20.70
N LEU C 92 26.22 2.37 -20.81
CA LEU C 92 25.38 2.17 -21.99
C LEU C 92 26.05 2.69 -23.27
N LYS C 93 26.74 3.80 -23.17
CA LYS C 93 27.37 4.36 -24.35
C LYS C 93 28.39 3.36 -24.93
N ILE C 94 29.17 2.74 -24.05
CA ILE C 94 30.14 1.75 -24.50
C ILE C 94 29.46 0.51 -25.12
N LEU C 95 28.43 0.00 -24.45
CA LEU C 95 27.70 -1.17 -24.96
C LEU C 95 26.99 -0.88 -26.29
N MET C 96 26.39 0.30 -26.42
CA MET C 96 25.59 0.57 -27.59
C MET C 96 26.41 0.92 -28.83
N GLU C 97 27.44 1.75 -28.71
CA GLU C 97 28.20 2.11 -29.91
C GLU C 97 29.06 0.94 -30.40
N ASN C 98 29.33 -0.02 -29.51
CA ASN C 98 30.04 -1.23 -29.90
C ASN C 98 29.10 -2.40 -30.22
N ASP C 99 27.79 -2.14 -30.08
CA ASP C 99 26.74 -3.16 -30.21
C ASP C 99 27.09 -4.44 -29.48
N ILE C 100 27.53 -4.27 -28.24
CA ILE C 100 27.79 -5.38 -27.33
C ILE C 100 26.51 -5.79 -26.61
N ILE C 101 26.10 -7.04 -26.79
CA ILE C 101 24.93 -7.54 -26.07
C ILE C 101 25.26 -7.85 -24.63
N LEU C 102 24.46 -7.35 -23.69
CA LEU C 102 24.64 -7.66 -22.27
C LEU C 102 23.50 -8.52 -21.75
N TYR C 103 23.85 -9.70 -21.25
CA TYR C 103 22.83 -10.67 -20.85
C TYR C 103 23.18 -11.25 -19.47
N SER C 104 22.18 -11.49 -18.63
CA SER C 104 22.43 -12.00 -17.28
C SER C 104 21.64 -13.22 -16.90
N ALA C 105 22.33 -14.13 -16.23
CA ALA C 105 21.65 -15.18 -15.47
C ALA C 105 22.06 -14.98 -14.02
N HIS C 106 21.09 -14.56 -13.21
CA HIS C 106 21.32 -14.21 -11.80
C HIS C 106 20.83 -15.36 -10.89
N THR C 107 19.65 -15.25 -10.27
CA THR C 107 19.25 -16.30 -9.32
C THR C 107 18.92 -17.61 -10.04
N ASN C 108 18.57 -17.53 -11.33
CA ASN C 108 18.37 -18.75 -12.10
C ASN C 108 19.69 -19.51 -12.22
N LEU C 109 20.82 -18.80 -12.18
CA LEU C 109 22.11 -19.48 -12.17
C LEU C 109 22.50 -19.95 -10.73
N ASP C 110 21.98 -19.28 -9.71
CA ASP C 110 22.21 -19.68 -8.32
C ASP C 110 21.52 -20.99 -8.02
N ILE C 111 20.33 -21.16 -8.60
CA ILE C 111 19.37 -22.21 -8.22
C ILE C 111 19.44 -23.47 -9.11
N CYS C 112 19.75 -23.30 -10.37
CA CYS C 112 19.70 -24.41 -11.32
C CYS C 112 20.65 -25.53 -10.95
N LYS C 113 20.38 -26.70 -11.52
CA LYS C 113 21.20 -27.88 -11.34
C LYS C 113 22.63 -27.59 -11.77
N ASN C 114 23.59 -27.95 -10.91
CA ASN C 114 25.01 -27.68 -11.16
C ASN C 114 25.34 -26.18 -11.29
N GLY C 115 24.45 -25.33 -10.78
CA GLY C 115 24.70 -23.90 -10.70
C GLY C 115 25.57 -23.54 -9.52
N LEU C 116 25.58 -22.26 -9.14
CA LEU C 116 26.53 -21.72 -8.17
C LEU C 116 26.39 -22.36 -6.79
N ASN C 117 25.16 -22.60 -6.33
CA ASN C 117 24.98 -23.25 -5.04
C ASN C 117 25.31 -24.74 -5.07
N ASP C 118 24.92 -25.43 -6.14
CA ASP C 118 25.29 -26.84 -6.32
C ASP C 118 26.83 -27.00 -6.37
N ALA C 119 27.51 -26.04 -6.97
CA ALA C 119 28.98 -26.10 -7.06
C ALA C 119 29.59 -26.19 -5.67
N LEU C 120 29.09 -25.37 -4.75
CA LEU C 120 29.55 -25.38 -3.36
C LEU C 120 29.18 -26.67 -2.65
N ALA C 121 27.95 -27.12 -2.86
CA ALA C 121 27.47 -28.32 -2.22
C ALA C 121 28.35 -29.51 -2.64
N GLU C 122 28.78 -29.49 -3.90
CA GLU C 122 29.59 -30.59 -4.42
C GLU C 122 31.04 -30.52 -3.93
N LEU C 123 31.57 -29.30 -3.81
CA LEU C 123 32.90 -29.09 -3.27
C LEU C 123 33.03 -29.70 -1.87
N TYR C 124 31.99 -29.48 -1.06
CA TYR C 124 32.00 -29.98 0.31
C TYR C 124 31.44 -31.39 0.42
N ASN C 125 31.11 -31.98 -0.72
CA ASN C 125 30.59 -33.36 -0.79
C ASN C 125 29.42 -33.54 0.18
N LEU C 126 28.48 -32.61 0.18
CA LEU C 126 27.38 -32.68 1.12
C LEU C 126 26.58 -33.98 0.96
N GLU C 127 26.37 -34.67 2.08
CA GLU C 127 25.60 -35.90 2.09
C GLU C 127 24.11 -35.57 1.96
N ASN C 128 23.50 -36.12 0.92
CA ASN C 128 22.07 -35.99 0.63
C ASN C 128 21.57 -34.52 0.76
N PRO C 129 22.03 -33.65 -0.14
CA PRO C 129 21.74 -32.22 -0.07
C PRO C 129 20.31 -31.87 -0.50
N LYS C 130 19.78 -30.83 0.13
CA LYS C 130 18.46 -30.29 -0.19
C LYS C 130 18.55 -28.78 -0.42
N PRO C 131 17.60 -28.21 -1.16
CA PRO C 131 17.58 -26.74 -1.23
C PRO C 131 17.40 -26.16 0.17
N LEU C 132 18.10 -25.07 0.47
CA LEU C 132 18.05 -24.44 1.79
C LEU C 132 16.77 -23.64 1.99
N TYR C 133 16.38 -22.85 0.98
CA TYR C 133 15.16 -22.06 1.02
C TYR C 133 14.09 -22.64 0.11
N ASP C 134 12.84 -22.28 0.37
CA ASP C 134 11.72 -22.81 -0.40
C ASP C 134 11.83 -22.41 -1.87
N ASN C 135 12.31 -21.20 -2.12
CA ASN C 135 12.43 -20.75 -3.51
C ASN C 135 13.59 -21.39 -4.27
N GLY C 136 14.33 -22.29 -3.62
CA GLY C 136 15.42 -23.01 -4.27
C GLY C 136 16.85 -22.50 -4.06
N LEU C 137 17.00 -21.39 -3.36
CA LEU C 137 18.30 -20.83 -3.04
C LEU C 137 19.06 -21.59 -1.95
N GLY C 138 20.37 -21.74 -2.16
CA GLY C 138 21.25 -22.37 -1.18
C GLY C 138 21.10 -23.88 -1.14
N ARG C 139 22.01 -24.55 -0.45
CA ARG C 139 21.94 -25.99 -0.25
C ARG C 139 22.32 -26.29 1.20
N VAL C 140 21.77 -27.36 1.76
CA VAL C 140 22.11 -27.78 3.12
C VAL C 140 22.18 -29.31 3.17
N GLY C 141 23.12 -29.84 3.97
CA GLY C 141 23.29 -31.28 4.10
C GLY C 141 24.39 -31.59 5.10
N ILE C 142 24.73 -32.85 5.25
CA ILE C 142 25.74 -33.24 6.22
C ILE C 142 27.13 -33.11 5.63
N PHE C 143 28.04 -32.43 6.33
CA PHE C 143 29.46 -32.47 5.95
C PHE C 143 30.10 -33.65 6.67
N LYS C 144 30.52 -34.66 5.91
CA LYS C 144 31.06 -35.90 6.48
C LYS C 144 32.53 -35.76 6.86
N GLY C 145 32.80 -35.04 7.95
CA GLY C 145 34.15 -34.79 8.37
C GLY C 145 34.18 -33.79 9.50
N SER C 146 35.37 -33.36 9.87
CA SER C 146 35.50 -32.43 10.99
C SER C 146 35.35 -30.99 10.53
N PHE C 147 35.11 -30.10 11.48
CA PHE C 147 35.02 -28.69 11.16
C PHE C 147 36.33 -28.21 10.54
N GLU C 148 37.45 -28.66 11.10
CA GLU C 148 38.76 -28.27 10.61
C GLU C 148 38.96 -28.71 9.16
N GLU C 149 38.51 -29.92 8.82
CA GLU C 149 38.59 -30.37 7.45
C GLU C 149 37.76 -29.49 6.51
N PHE C 150 36.60 -29.04 6.98
CA PHE C 150 35.74 -28.10 6.24
C PHE C 150 36.46 -26.75 6.00
N LEU C 151 37.11 -26.23 7.03
CA LEU C 151 37.86 -24.99 6.93
C LEU C 151 38.97 -25.09 5.91
N GLU C 152 39.68 -26.22 5.92
CA GLU C 152 40.78 -26.44 5.00
C GLU C 152 40.32 -26.48 3.56
N ILE C 153 39.19 -27.14 3.28
CA ILE C 153 38.66 -27.12 1.94
C ILE C 153 38.30 -25.67 1.55
N THR C 154 37.69 -24.94 2.49
CA THR C 154 37.34 -23.53 2.25
C THR C 154 38.57 -22.70 1.87
N LYS C 155 39.64 -22.88 2.63
CA LYS C 155 40.86 -22.10 2.44
C LYS C 155 41.59 -22.48 1.15
N LYS C 156 41.49 -23.74 0.76
CA LYS C 156 42.18 -24.19 -0.44
C LYS C 156 41.44 -23.81 -1.72
N TYR C 157 40.10 -23.85 -1.69
CA TYR C 157 39.36 -23.71 -2.93
C TYR C 157 38.55 -22.41 -3.09
N ILE C 158 38.23 -21.73 -2.00
CA ILE C 158 37.35 -20.57 -2.09
C ILE C 158 38.05 -19.26 -1.72
N HIS C 159 38.55 -19.19 -0.49
CA HIS C 159 39.12 -17.95 0.07
C HIS C 159 40.12 -18.29 1.17
N LYS C 160 41.31 -17.74 1.06
CA LYS C 160 42.45 -18.09 1.90
C LYS C 160 42.32 -17.80 3.38
N ASN C 161 41.38 -16.94 3.74
CA ASN C 161 41.28 -16.47 5.12
C ASN C 161 39.87 -15.96 5.42
N PRO C 162 38.92 -16.89 5.48
CA PRO C 162 37.53 -16.51 5.73
C PRO C 162 37.34 -15.98 7.14
N ILE C 163 36.38 -15.09 7.33
CA ILE C 163 35.99 -14.67 8.66
C ILE C 163 35.13 -15.78 9.24
N VAL C 164 35.51 -16.23 10.43
CA VAL C 164 34.79 -17.27 11.12
C VAL C 164 34.20 -16.69 12.40
N VAL C 165 32.87 -16.73 12.49
CA VAL C 165 32.17 -16.39 13.72
C VAL C 165 31.93 -17.70 14.48
N LYS C 166 32.81 -18.03 15.43
CA LYS C 166 32.79 -19.36 16.05
C LYS C 166 31.84 -19.39 17.24
N SER C 167 30.54 -19.37 16.97
CA SER C 167 29.54 -19.17 18.02
C SER C 167 29.44 -20.32 19.02
N LYS C 168 29.83 -21.51 18.58
CA LYS C 168 29.84 -22.71 19.42
C LYS C 168 30.87 -23.68 18.86
N GLU C 169 31.17 -24.71 19.65
CA GLU C 169 31.99 -25.81 19.17
C GLU C 169 31.22 -26.58 18.10
N VAL C 170 31.94 -27.14 17.14
CA VAL C 170 31.28 -27.88 16.08
C VAL C 170 31.77 -29.29 16.04
N ASP C 171 30.83 -30.23 16.20
CA ASP C 171 31.17 -31.65 16.17
C ASP C 171 31.28 -32.15 14.73
N ASP C 172 32.00 -33.24 14.54
CA ASP C 172 32.11 -33.89 13.24
C ASP C 172 30.74 -34.30 12.70
N ASN C 173 30.62 -34.38 11.38
CA ASN C 173 29.37 -34.80 10.73
C ASN C 173 28.24 -33.86 11.07
N PHE C 174 28.53 -32.58 10.94
CA PHE C 174 27.60 -31.52 11.25
C PHE C 174 26.80 -31.14 10.02
N LYS C 175 25.73 -30.38 10.23
CA LYS C 175 24.91 -29.87 9.14
C LYS C 175 25.51 -28.57 8.56
N LEU C 176 25.79 -28.56 7.26
CA LEU C 176 26.37 -27.39 6.61
C LEU C 176 25.42 -26.76 5.58
N ALA C 177 25.19 -25.45 5.73
CA ALA C 177 24.43 -24.69 4.74
C ALA C 177 25.37 -23.79 3.97
N VAL C 178 25.19 -23.75 2.66
CA VAL C 178 26.00 -22.88 1.83
C VAL C 178 25.07 -21.98 1.04
N LEU C 179 25.46 -20.74 0.85
CA LEU C 179 24.70 -19.86 -0.03
C LEU C 179 25.65 -18.88 -0.70
N SER C 180 25.82 -19.03 -2.02
CA SER C 180 26.74 -18.20 -2.77
C SER C 180 26.27 -16.76 -2.90
N GLY C 181 27.16 -15.83 -2.58
CA GLY C 181 26.87 -14.42 -2.67
C GLY C 181 26.49 -13.91 -1.30
N TYR C 182 25.34 -13.27 -1.22
CA TYR C 182 24.91 -12.65 0.03
C TYR C 182 23.78 -13.44 0.66
N GLY C 183 24.12 -14.28 1.63
CA GLY C 183 23.11 -15.04 2.33
C GLY C 183 23.07 -14.71 3.80
N LEU C 184 23.75 -13.63 4.18
CA LEU C 184 23.96 -13.37 5.60
C LEU C 184 23.13 -12.20 6.15
N SER C 185 21.93 -12.02 5.63
CA SER C 185 21.01 -11.03 6.20
C SER C 185 20.53 -11.50 7.58
N GLN C 186 20.01 -10.58 8.38
CA GLN C 186 19.54 -10.94 9.72
C GLN C 186 18.44 -11.99 9.67
N SER C 187 17.47 -11.82 8.76
CA SER C 187 16.38 -12.79 8.68
C SER C 187 16.92 -14.15 8.19
N SER C 188 17.93 -14.12 7.33
CA SER C 188 18.57 -15.35 6.90
C SER C 188 19.31 -16.07 8.04
N ILE C 189 20.02 -15.32 8.89
CA ILE C 189 20.71 -15.94 10.02
C ILE C 189 19.70 -16.70 10.89
N LYS C 190 18.59 -16.05 11.23
CA LYS C 190 17.55 -16.67 12.05
C LYS C 190 17.00 -17.94 11.42
N TYR C 191 16.81 -17.90 10.11
CA TYR C 191 16.22 -19.03 9.41
C TYR C 191 17.20 -20.19 9.37
N VAL C 192 18.44 -19.89 9.01
CA VAL C 192 19.43 -20.95 8.82
C VAL C 192 19.86 -21.54 10.17
N ALA C 193 19.80 -20.74 11.23
CA ALA C 193 20.08 -21.25 12.58
C ALA C 193 19.22 -22.46 12.97
N GLU C 194 18.03 -22.56 12.39
CA GLU C 194 17.13 -23.69 12.63
C GLU C 194 17.53 -24.92 11.85
N LYS C 195 18.36 -24.73 10.83
CA LYS C 195 18.60 -25.77 9.84
C LYS C 195 20.01 -26.31 9.79
N ALA C 196 20.95 -25.59 10.38
CA ALA C 196 22.34 -25.97 10.23
C ALA C 196 23.18 -25.54 11.41
N ASP C 197 24.35 -26.19 11.53
CA ASP C 197 25.34 -25.86 12.54
C ASP C 197 26.31 -24.80 12.05
N VAL C 198 26.63 -24.86 10.75
CA VAL C 198 27.59 -23.98 10.11
C VAL C 198 27.01 -23.38 8.83
N TYR C 199 27.21 -22.09 8.65
CA TYR C 199 26.65 -21.37 7.50
C TYR C 199 27.76 -20.69 6.71
N LEU C 200 27.93 -21.13 5.47
CA LEU C 200 28.99 -20.61 4.60
C LEU C 200 28.42 -19.67 3.53
N SER C 201 28.86 -18.42 3.54
CA SER C 201 28.33 -17.45 2.61
C SER C 201 29.23 -16.21 2.52
N GLY C 202 28.65 -15.07 2.16
CA GLY C 202 29.43 -13.86 1.99
C GLY C 202 28.71 -12.63 2.52
N ASP C 203 29.46 -11.52 2.64
CA ASP C 203 28.91 -10.21 3.01
C ASP C 203 28.34 -10.11 4.44
N LEU C 204 29.10 -10.61 5.42
CA LEU C 204 28.71 -10.49 6.83
C LEU C 204 28.83 -9.05 7.31
N THR C 205 27.84 -8.58 8.04
CA THR C 205 27.89 -7.27 8.68
C THR C 205 27.61 -7.39 10.18
N HIS C 206 27.79 -6.30 10.90
CA HIS C 206 27.82 -6.35 12.36
C HIS C 206 26.56 -6.95 13.02
N HIS C 207 25.38 -6.46 12.65
CA HIS C 207 24.17 -6.95 13.33
C HIS C 207 23.99 -8.44 13.09
N SER C 208 24.34 -8.92 11.90
CA SER C 208 24.18 -10.33 11.59
C SER C 208 25.18 -11.19 12.36
N LYS C 209 26.38 -10.64 12.57
CA LYS C 209 27.39 -11.33 13.35
C LYS C 209 26.94 -11.57 14.77
N ILE C 210 26.43 -10.51 15.41
CA ILE C 210 25.91 -10.56 16.77
C ILE C 210 24.78 -11.59 16.89
N LEU C 211 23.88 -11.55 15.92
CA LEU C 211 22.75 -12.46 15.89
C LEU C 211 23.20 -13.93 15.80
N ALA C 212 24.20 -14.22 14.96
CA ALA C 212 24.73 -15.57 14.84
C ALA C 212 25.33 -16.04 16.17
N GLU C 213 26.04 -15.15 16.86
CA GLU C 213 26.62 -15.48 18.14
C GLU C 213 25.52 -15.83 19.16
N GLU C 214 24.43 -15.06 19.15
CA GLU C 214 23.33 -15.30 20.07
C GLU C 214 22.66 -16.65 19.83
N LEU C 215 22.53 -17.03 18.57
CA LEU C 215 21.83 -18.26 18.20
C LEU C 215 22.72 -19.50 18.24
N GLY C 216 24.03 -19.31 18.37
CA GLY C 216 24.95 -20.43 18.31
C GLY C 216 25.19 -20.95 16.89
N LEU C 217 24.82 -20.17 15.88
CA LEU C 217 25.09 -20.53 14.48
C LEU C 217 26.49 -20.11 14.07
N VAL C 218 27.32 -21.06 13.66
CA VAL C 218 28.66 -20.73 13.20
C VAL C 218 28.60 -20.20 11.75
N VAL C 219 29.09 -18.98 11.54
CA VAL C 219 29.04 -18.34 10.22
C VAL C 219 30.46 -18.20 9.66
N VAL C 220 30.64 -18.59 8.40
CA VAL C 220 31.90 -18.45 7.71
C VAL C 220 31.71 -17.54 6.50
N ASP C 221 32.29 -16.36 6.54
CA ASP C 221 32.21 -15.41 5.46
C ASP C 221 33.41 -15.61 4.57
N ALA C 222 33.25 -16.32 3.45
CA ALA C 222 34.38 -16.51 2.51
C ALA C 222 34.27 -15.49 1.38
N THR C 223 33.52 -14.42 1.68
CA THR C 223 33.21 -13.27 0.81
C THR C 223 32.18 -13.57 -0.30
N HIS C 224 31.41 -12.54 -0.61
CA HIS C 224 30.44 -12.53 -1.70
C HIS C 224 31.10 -12.90 -3.04
N TYR C 225 32.23 -12.25 -3.32
CA TYR C 225 32.95 -12.49 -4.56
C TYR C 225 33.38 -13.95 -4.74
N SER C 226 34.10 -14.49 -3.76
CA SER C 226 34.70 -15.82 -3.93
C SER C 226 33.69 -16.94 -3.94
N THR C 227 32.64 -16.83 -3.12
CA THR C 227 31.66 -17.90 -3.06
C THR C 227 30.86 -17.97 -4.34
N GLU C 228 30.86 -16.89 -5.14
CA GLU C 228 30.22 -16.95 -6.45
C GLU C 228 31.18 -17.28 -7.60
N VAL C 229 32.38 -16.74 -7.54
CA VAL C 229 33.34 -16.96 -8.63
C VAL C 229 33.72 -18.44 -8.75
N PHE C 230 33.73 -19.16 -7.62
CA PHE C 230 33.98 -20.59 -7.67
C PHE C 230 33.05 -21.32 -8.67
N GLY C 231 31.75 -21.10 -8.55
CA GLY C 231 30.81 -21.74 -9.45
C GLY C 231 30.79 -21.14 -10.83
N LEU C 232 31.11 -19.86 -10.90
CA LEU C 232 31.10 -19.16 -12.17
C LEU C 232 32.27 -19.64 -13.05
N LYS C 233 33.39 -20.02 -12.44
CA LYS C 233 34.46 -20.63 -13.21
C LYS C 233 34.01 -21.98 -13.78
N LYS C 234 33.30 -22.77 -12.97
CA LYS C 234 32.77 -24.04 -13.47
C LYS C 234 31.78 -23.78 -14.60
N PHE C 235 30.99 -22.74 -14.44
CA PHE C 235 30.06 -22.37 -15.48
C PHE C 235 30.83 -22.00 -16.76
N LYS C 236 31.89 -21.19 -16.61
CA LYS C 236 32.70 -20.78 -17.75
C LYS C 236 33.30 -21.99 -18.51
N GLU C 237 33.84 -22.96 -17.79
CA GLU C 237 34.44 -24.11 -18.44
C GLU C 237 33.33 -24.95 -19.11
N PHE C 238 32.12 -24.92 -18.55
CA PHE C 238 31.01 -25.64 -19.14
C PHE C 238 30.68 -25.07 -20.52
N LEU C 239 30.63 -23.73 -20.61
CA LEU C 239 30.45 -23.08 -21.90
C LEU C 239 31.60 -23.35 -22.84
N SER C 240 32.85 -23.28 -22.34
CA SER C 240 33.99 -23.52 -23.21
C SER C 240 33.99 -24.92 -23.78
N SER C 241 33.51 -25.90 -23.02
CA SER C 241 33.47 -27.29 -23.47
C SER C 241 32.42 -27.54 -24.55
N ASN C 242 31.40 -26.71 -24.58
CA ASN C 242 30.24 -26.97 -25.42
C ASN C 242 30.06 -26.01 -26.58
N LEU C 243 30.64 -24.82 -26.46
CA LEU C 243 30.51 -23.82 -27.50
C LEU C 243 31.83 -23.62 -28.25
N ASP C 244 31.74 -23.61 -29.58
CA ASP C 244 32.91 -23.38 -30.42
C ASP C 244 33.06 -21.88 -30.56
N LEU C 245 33.69 -21.27 -29.57
CA LEU C 245 33.59 -19.84 -29.40
C LEU C 245 34.69 -19.37 -28.45
N GLU C 246 35.35 -18.27 -28.76
CA GLU C 246 36.34 -17.76 -27.81
C GLU C 246 35.65 -17.23 -26.57
N ILE C 247 36.07 -17.74 -25.41
CA ILE C 247 35.43 -17.33 -24.17
C ILE C 247 36.46 -16.93 -23.14
N ILE C 248 36.36 -15.69 -22.67
CA ILE C 248 37.26 -15.16 -21.66
C ILE C 248 36.48 -14.65 -20.43
N SER C 249 37.19 -14.55 -19.31
CA SER C 249 36.63 -14.01 -18.09
C SER C 249 37.16 -12.61 -17.89
N LEU C 250 36.39 -11.73 -17.27
CA LEU C 250 36.79 -10.32 -17.21
C LEU C 250 37.11 -9.76 -15.83
N ASP C 251 36.37 -10.17 -14.78
CA ASP C 251 36.72 -9.72 -13.43
C ASP C 251 37.10 -10.92 -12.55
N PHE C 252 37.40 -12.04 -13.21
CA PHE C 252 37.99 -13.18 -12.53
C PHE C 252 38.80 -13.95 -13.56
N VAL D 6 26.16 34.87 -35.18
CA VAL D 6 25.65 33.56 -34.79
C VAL D 6 26.79 32.65 -34.31
N VAL D 7 26.63 32.08 -33.11
CA VAL D 7 27.73 31.40 -32.43
C VAL D 7 27.32 30.10 -31.74
N ASN D 8 28.34 29.44 -31.16
CA ASN D 8 28.19 28.18 -30.45
C ASN D 8 28.05 28.44 -28.92
N MET D 9 27.19 27.68 -28.26
CA MET D 9 27.00 27.76 -26.81
C MET D 9 27.28 26.45 -26.09
N LYS D 10 27.61 26.50 -24.80
CA LYS D 10 27.75 25.25 -24.04
C LYS D 10 26.36 24.84 -23.57
N ALA D 11 26.16 23.54 -23.40
CA ALA D 11 24.85 23.01 -23.06
C ALA D 11 24.34 23.61 -21.77
N LYS D 12 25.23 23.76 -20.79
CA LYS D 12 24.79 24.25 -19.50
C LYS D 12 24.29 25.69 -19.61
N GLU D 13 24.75 26.43 -20.61
CA GLU D 13 24.29 27.80 -20.76
C GLU D 13 22.84 27.83 -21.28
N ILE D 14 22.54 26.90 -22.17
CA ILE D 14 21.20 26.74 -22.71
C ILE D 14 20.23 26.28 -21.61
N ILE D 15 20.67 25.32 -20.80
CA ILE D 15 19.88 24.83 -19.69
C ILE D 15 19.59 25.95 -18.68
N GLU D 16 20.56 26.81 -18.40
CA GLU D 16 20.32 27.89 -17.45
C GLU D 16 19.34 28.91 -18.02
N PHE D 17 19.41 29.18 -19.31
CA PHE D 17 18.48 30.13 -19.89
C PHE D 17 17.07 29.58 -19.89
N ILE D 18 16.94 28.31 -20.25
CA ILE D 18 15.64 27.66 -20.24
C ILE D 18 15.03 27.58 -18.82
N GLU D 19 15.85 27.24 -17.82
CA GLU D 19 15.35 27.10 -16.47
C GLU D 19 15.06 28.47 -15.85
N THR D 20 15.64 29.52 -16.41
CA THR D 20 15.27 30.88 -15.99
C THR D 20 13.84 31.19 -16.48
N PHE D 21 13.51 30.75 -17.68
CA PHE D 21 12.16 30.94 -18.20
C PHE D 21 11.13 30.05 -17.48
N ALA D 22 11.51 28.79 -17.25
CA ALA D 22 10.61 27.80 -16.67
C ALA D 22 11.30 27.04 -15.56
N PRO D 23 11.36 27.64 -14.36
CA PRO D 23 12.09 27.05 -13.22
C PRO D 23 11.64 25.63 -12.89
N LYS D 24 12.57 24.74 -12.54
CA LYS D 24 12.22 23.35 -12.29
C LYS D 24 11.22 23.16 -11.15
N ASP D 25 11.26 24.04 -10.15
CA ASP D 25 10.38 23.86 -8.99
C ASP D 25 8.90 24.15 -9.30
N LEU D 26 8.62 24.66 -10.50
CA LEU D 26 7.23 24.85 -10.92
C LEU D 26 6.61 23.53 -11.35
N ALA D 27 7.47 22.56 -11.66
CA ALA D 27 7.01 21.25 -12.08
C ALA D 27 6.18 20.60 -10.99
N ILE D 28 5.10 19.93 -11.39
CA ILE D 28 4.25 19.22 -10.46
C ILE D 28 4.97 18.00 -9.94
N GLU D 29 4.52 17.50 -8.80
CA GLU D 29 5.09 16.33 -8.16
C GLU D 29 5.31 15.15 -9.08
N GLY D 30 6.53 14.63 -9.08
CA GLY D 30 6.84 13.41 -9.80
C GLY D 30 7.21 13.59 -11.25
N ASP D 31 7.09 14.81 -11.76
CA ASP D 31 7.36 15.06 -13.19
C ASP D 31 8.86 14.89 -13.51
N ASN D 32 9.16 14.05 -14.52
CA ASN D 32 10.54 13.75 -14.90
C ASN D 32 11.19 14.83 -15.75
N ILE D 33 11.39 16.02 -15.17
CA ILE D 33 11.91 17.11 -15.98
C ILE D 33 13.42 17.26 -15.83
N GLY D 34 14.04 17.98 -16.74
CA GLY D 34 15.47 18.21 -16.67
C GLY D 34 16.20 17.34 -17.65
N LEU D 35 17.44 17.00 -17.29
CA LEU D 35 18.30 16.20 -18.14
C LEU D 35 17.76 14.78 -18.35
N GLN D 36 17.48 14.40 -19.58
CA GLN D 36 17.03 13.05 -19.88
C GLN D 36 18.19 12.12 -20.25
N VAL D 37 19.03 12.58 -21.17
CA VAL D 37 20.16 11.81 -21.65
C VAL D 37 21.33 12.76 -21.87
N GLY D 38 22.44 12.48 -21.20
CA GLY D 38 23.60 13.33 -21.32
C GLY D 38 24.55 13.17 -20.15
N ASP D 39 25.81 13.49 -20.39
CA ASP D 39 26.81 13.37 -19.34
C ASP D 39 27.49 14.72 -19.18
N ASN D 40 28.29 15.07 -20.17
CA ASN D 40 29.06 16.30 -20.12
C ASN D 40 28.28 17.53 -20.63
N LEU D 41 28.05 18.49 -19.72
CA LEU D 41 27.29 19.69 -20.04
C LEU D 41 28.17 20.87 -20.48
N ASP D 42 29.48 20.67 -20.56
CA ASP D 42 30.39 21.65 -21.16
C ASP D 42 30.37 21.53 -22.70
N LYS D 43 29.77 20.47 -23.21
CA LYS D 43 29.65 20.22 -24.65
C LYS D 43 29.22 21.48 -25.42
N GLU D 44 29.93 21.80 -26.48
CA GLU D 44 29.60 23.00 -27.24
C GLU D 44 28.43 22.67 -28.18
N ILE D 45 27.46 23.58 -28.26
CA ILE D 45 26.22 23.33 -29.01
C ILE D 45 26.11 24.30 -30.18
N LYS D 46 26.06 23.75 -31.39
CA LYS D 46 25.94 24.54 -32.61
C LYS D 46 24.47 24.66 -33.03
N LYS D 47 23.71 23.61 -32.76
CA LYS D 47 22.36 23.50 -33.25
C LYS D 47 21.44 22.90 -32.20
N LEU D 48 20.48 23.71 -31.78
CA LEU D 48 19.48 23.32 -30.80
C LEU D 48 18.22 22.89 -31.56
N GLY D 49 17.69 21.71 -31.24
CA GLY D 49 16.46 21.26 -31.88
C GLY D 49 15.29 21.22 -30.89
N ILE D 50 14.12 21.71 -31.31
CA ILE D 50 12.94 21.71 -30.45
C ILE D 50 11.91 20.72 -30.96
N ALA D 51 11.40 19.85 -30.08
CA ALA D 51 10.34 18.92 -30.47
C ALA D 51 9.30 18.80 -29.36
N LEU D 52 8.07 18.44 -29.74
CA LEU D 52 7.04 18.11 -28.75
C LEU D 52 7.36 16.77 -28.08
N ASP D 53 7.64 15.75 -28.90
CA ASP D 53 7.87 14.39 -28.42
C ASP D 53 9.29 13.91 -28.70
N PRO D 54 9.92 13.23 -27.74
CA PRO D 54 11.20 12.61 -28.06
C PRO D 54 10.97 11.29 -28.77
N SER D 55 10.20 11.32 -29.84
CA SER D 55 9.86 10.11 -30.56
C SER D 55 11.08 9.58 -31.28
N LEU D 56 10.99 8.34 -31.74
CA LEU D 56 12.04 7.73 -32.53
C LEU D 56 12.31 8.52 -33.82
N SER D 57 11.27 8.98 -34.51
CA SER D 57 11.50 9.66 -35.77
C SER D 57 12.10 11.04 -35.54
N VAL D 58 11.71 11.70 -34.44
CA VAL D 58 12.32 12.95 -34.03
C VAL D 58 13.81 12.77 -33.73
N ILE D 59 14.16 11.71 -33.02
CA ILE D 59 15.56 11.49 -32.70
C ILE D 59 16.37 11.14 -33.95
N LYS D 60 15.79 10.34 -34.85
CA LYS D 60 16.43 10.11 -36.16
C LYS D 60 16.61 11.42 -36.92
N LYS D 61 15.62 12.29 -36.89
CA LYS D 61 15.72 13.54 -37.62
C LYS D 61 16.79 14.45 -37.01
N ALA D 62 16.87 14.47 -35.68
CA ALA D 62 17.92 15.21 -34.99
C ALA D 62 19.31 14.78 -35.44
N GLU D 63 19.51 13.47 -35.52
CA GLU D 63 20.79 12.92 -35.98
C GLU D 63 21.06 13.38 -37.40
N LYS D 64 20.02 13.32 -38.23
CA LYS D 64 20.15 13.66 -39.65
C LYS D 64 20.44 15.15 -39.86
N GLU D 65 19.88 16.01 -39.01
CA GLU D 65 20.05 17.46 -39.18
C GLU D 65 21.22 18.06 -38.39
N GLY D 66 22.01 17.20 -37.74
CA GLY D 66 23.14 17.64 -36.93
C GLY D 66 22.78 18.41 -35.67
N VAL D 67 21.68 18.02 -35.03
CA VAL D 67 21.27 18.59 -33.76
C VAL D 67 22.19 18.15 -32.62
N ASP D 68 22.63 19.10 -31.80
CA ASP D 68 23.57 18.81 -30.72
C ASP D 68 22.86 18.81 -29.38
N PHE D 69 21.81 19.61 -29.29
CA PHE D 69 21.00 19.72 -28.08
C PHE D 69 19.57 19.54 -28.51
N LEU D 70 18.93 18.49 -28.00
CA LEU D 70 17.54 18.20 -28.34
C LEU D 70 16.65 18.53 -27.15
N PHE D 71 15.83 19.55 -27.33
CA PHE D 71 14.85 19.89 -26.34
C PHE D 71 13.52 19.23 -26.67
N THR D 72 12.92 18.53 -25.71
CA THR D 72 11.56 18.04 -25.89
C THR D 72 10.65 18.49 -24.75
N HIS D 73 9.38 18.69 -25.05
CA HIS D 73 8.41 19.04 -24.05
C HIS D 73 8.08 17.82 -23.18
N HIS D 74 7.87 16.67 -23.79
CA HIS D 74 7.58 15.45 -23.02
C HIS D 74 8.85 14.73 -22.63
N PRO D 75 8.92 14.21 -21.39
CA PRO D 75 10.09 13.43 -20.99
C PRO D 75 10.25 12.19 -21.86
N LEU D 76 11.46 11.65 -21.92
CA LEU D 76 11.73 10.45 -22.68
C LEU D 76 10.98 9.27 -22.08
N LEU D 77 11.00 9.15 -20.75
CA LEU D 77 10.31 8.05 -20.06
C LEU D 77 9.46 8.61 -18.91
N LYS D 78 8.23 8.11 -18.74
CA LYS D 78 7.47 8.44 -17.54
C LYS D 78 7.78 7.38 -16.49
N ASP D 79 7.68 6.13 -16.93
CA ASP D 79 7.92 4.98 -16.07
C ASP D 79 9.34 4.44 -16.20
N PRO D 80 10.04 4.32 -15.07
CA PRO D 80 11.44 3.88 -15.07
C PRO D 80 11.56 2.45 -15.59
N ILE D 81 12.69 2.15 -16.23
CA ILE D 81 12.95 0.83 -16.78
C ILE D 81 14.30 0.34 -16.26
N ARG D 82 14.57 -0.96 -16.45
CA ARG D 82 15.85 -1.58 -16.08
C ARG D 82 16.37 -2.56 -17.15
N ASN D 83 15.81 -2.50 -18.35
CA ASN D 83 16.34 -3.27 -19.49
C ASN D 83 16.26 -2.37 -20.70
N PHE D 84 17.19 -2.53 -21.65
CA PHE D 84 17.31 -1.57 -22.75
C PHE D 84 17.33 -2.28 -24.08
N THR D 85 16.14 -2.42 -24.64
CA THR D 85 15.91 -3.21 -25.84
C THR D 85 14.95 -2.47 -26.75
N GLY D 86 14.72 -3.03 -27.93
CA GLY D 86 13.72 -2.48 -28.83
C GLY D 86 13.87 -0.99 -29.08
N VAL D 87 12.76 -0.28 -28.97
CA VAL D 87 12.70 1.13 -29.34
C VAL D 87 13.61 2.01 -28.47
N ILE D 88 13.61 1.78 -27.16
CA ILE D 88 14.40 2.61 -26.28
C ILE D 88 15.88 2.36 -26.53
N TYR D 89 16.24 1.14 -26.92
CA TYR D 89 17.61 0.82 -27.32
C TYR D 89 18.01 1.60 -28.55
N LYS D 90 17.14 1.59 -29.57
CA LYS D 90 17.42 2.31 -30.82
C LYS D 90 17.59 3.80 -30.55
N LYS D 91 16.75 4.36 -29.68
CA LYS D 91 16.80 5.79 -29.38
C LYS D 91 18.05 6.21 -28.62
N LEU D 92 18.35 5.48 -27.55
CA LEU D 92 19.51 5.82 -26.74
C LEU D 92 20.76 5.70 -27.55
N LYS D 93 20.81 4.69 -28.42
CA LYS D 93 21.99 4.46 -29.24
C LYS D 93 22.23 5.65 -30.16
N ILE D 94 21.17 6.21 -30.74
CA ILE D 94 21.37 7.36 -31.62
C ILE D 94 21.87 8.56 -30.80
N LEU D 95 21.27 8.78 -29.64
CA LEU D 95 21.68 9.90 -28.79
C LEU D 95 23.14 9.76 -28.29
N MET D 96 23.52 8.56 -27.89
CA MET D 96 24.81 8.32 -27.27
C MET D 96 25.92 8.26 -28.32
N GLU D 97 25.66 7.61 -29.45
CA GLU D 97 26.66 7.53 -30.51
C GLU D 97 26.93 8.90 -31.14
N ASN D 98 25.93 9.79 -31.13
CA ASN D 98 26.14 11.14 -31.67
C ASN D 98 26.41 12.16 -30.57
N ASP D 99 26.43 11.65 -29.33
CA ASP D 99 26.52 12.45 -28.13
C ASP D 99 25.54 13.62 -28.12
N ILE D 100 24.29 13.33 -28.48
CA ILE D 100 23.24 14.33 -28.45
C ILE D 100 22.66 14.44 -27.05
N ILE D 101 22.69 15.65 -26.49
CA ILE D 101 22.06 15.87 -25.19
C ILE D 101 20.53 15.98 -25.33
N LEU D 102 19.79 15.22 -24.52
CA LEU D 102 18.33 15.33 -24.49
C LEU D 102 17.83 15.90 -23.18
N TYR D 103 17.09 16.99 -23.26
CA TYR D 103 16.64 17.72 -22.07
C TYR D 103 15.16 18.08 -22.18
N SER D 104 14.41 18.01 -21.08
CA SER D 104 12.97 18.32 -21.15
C SER D 104 12.47 19.36 -20.16
N ALA D 105 11.55 20.21 -20.64
CA ALA D 105 10.73 21.02 -19.76
C ALA D 105 9.27 20.63 -19.99
N HIS D 106 8.70 19.95 -19.00
CA HIS D 106 7.37 19.39 -19.15
C HIS D 106 6.36 20.30 -18.46
N THR D 107 5.87 19.94 -17.27
CA THR D 107 4.81 20.74 -16.66
C THR D 107 5.32 22.07 -16.18
N ASN D 108 6.63 22.17 -15.92
CA ASN D 108 7.17 23.49 -15.59
C ASN D 108 7.03 24.44 -16.80
N LEU D 109 6.99 23.90 -18.01
CA LEU D 109 6.76 24.74 -19.18
C LEU D 109 5.26 24.99 -19.36
N ASP D 110 4.43 24.08 -18.86
CA ASP D 110 2.97 24.24 -18.91
C ASP D 110 2.53 25.39 -17.99
N ILE D 111 3.20 25.49 -16.83
CA ILE D 111 2.78 26.33 -15.70
C ILE D 111 3.43 27.72 -15.67
N CYS D 112 4.67 27.83 -16.14
CA CYS D 112 5.41 29.08 -16.02
C CYS D 112 4.74 30.25 -16.76
N LYS D 113 5.13 31.47 -16.39
CA LYS D 113 4.63 32.68 -17.05
C LYS D 113 4.96 32.66 -18.53
N ASN D 114 3.98 32.96 -19.37
CA ASN D 114 4.10 32.87 -20.82
C ASN D 114 4.43 31.45 -21.33
N GLY D 115 4.17 30.45 -20.50
CA GLY D 115 4.32 29.06 -20.89
C GLY D 115 3.14 28.56 -21.71
N LEU D 116 3.00 27.25 -21.85
CA LEU D 116 2.02 26.71 -22.78
C LEU D 116 0.58 27.10 -22.43
N ASN D 117 0.24 27.09 -21.14
CA ASN D 117 -1.12 27.46 -20.75
C ASN D 117 -1.37 28.96 -20.84
N ASP D 118 -0.40 29.78 -20.43
CA ASP D 118 -0.51 31.24 -20.56
C ASP D 118 -0.67 31.64 -22.03
N ALA D 119 0.01 30.90 -22.90
CA ALA D 119 -0.06 31.18 -24.32
C ALA D 119 -1.51 31.06 -24.78
N LEU D 120 -2.19 30.02 -24.33
CA LEU D 120 -3.60 29.86 -24.67
C LEU D 120 -4.45 30.97 -24.04
N ALA D 121 -4.20 31.31 -22.78
CA ALA D 121 -4.99 32.34 -22.10
C ALA D 121 -4.86 33.69 -22.78
N GLU D 122 -3.66 33.99 -23.26
CA GLU D 122 -3.42 35.27 -23.87
C GLU D 122 -4.02 35.26 -25.28
N LEU D 123 -3.94 34.12 -25.95
CA LEU D 123 -4.58 33.95 -27.25
C LEU D 123 -6.10 34.28 -27.17
N TYR D 124 -6.77 33.78 -26.14
CA TYR D 124 -8.22 34.01 -26.00
C TYR D 124 -8.53 35.29 -25.22
N ASN D 125 -7.49 36.04 -24.85
CA ASN D 125 -7.63 37.32 -24.17
C ASN D 125 -8.51 37.20 -22.93
N LEU D 126 -8.25 36.17 -22.13
CA LEU D 126 -9.05 35.90 -20.96
C LEU D 126 -9.01 37.03 -19.97
N GLU D 127 -10.19 37.47 -19.53
CA GLU D 127 -10.24 38.52 -18.55
C GLU D 127 -9.90 37.99 -17.16
N ASN D 128 -8.89 38.60 -16.54
CA ASN D 128 -8.48 38.22 -15.20
C ASN D 128 -8.22 36.73 -15.08
N PRO D 129 -7.20 36.22 -15.80
CA PRO D 129 -7.02 34.77 -15.76
C PRO D 129 -6.41 34.28 -14.44
N LYS D 130 -6.84 33.11 -13.96
CA LYS D 130 -6.24 32.48 -12.78
C LYS D 130 -5.88 31.04 -13.13
N PRO D 131 -4.97 30.43 -12.35
CA PRO D 131 -4.71 29.02 -12.61
C PRO D 131 -5.97 28.18 -12.43
N LEU D 132 -6.15 27.20 -13.31
CA LEU D 132 -7.32 26.34 -13.26
C LEU D 132 -7.25 25.34 -12.11
N TYR D 133 -6.10 24.69 -11.95
CA TYR D 133 -5.88 23.74 -10.87
C TYR D 133 -4.95 24.31 -9.80
N ASP D 134 -5.01 23.73 -8.62
CA ASP D 134 -4.20 24.19 -7.49
C ASP D 134 -2.71 24.12 -7.79
N ASN D 135 -2.30 23.09 -8.52
CA ASN D 135 -0.88 22.93 -8.83
C ASN D 135 -0.38 23.92 -9.89
N GLY D 136 -1.27 24.79 -10.37
CA GLY D 136 -0.89 25.80 -11.35
C GLY D 136 -1.17 25.43 -12.80
N LEU D 137 -1.65 24.21 -13.04
CA LEU D 137 -1.97 23.78 -14.40
C LEU D 137 -3.23 24.42 -14.94
N GLY D 138 -3.20 24.78 -16.22
CA GLY D 138 -4.36 25.34 -16.90
C GLY D 138 -4.69 26.77 -16.51
N ARG D 139 -5.57 27.39 -17.28
CA ARG D 139 -6.03 28.75 -16.99
C ARG D 139 -7.53 28.84 -17.18
N VAL D 140 -8.19 29.71 -16.41
CA VAL D 140 -9.62 29.95 -16.57
C VAL D 140 -9.95 31.43 -16.34
N GLY D 141 -10.90 31.94 -17.12
CA GLY D 141 -11.32 33.33 -17.02
C GLY D 141 -12.46 33.61 -17.98
N ILE D 142 -12.90 34.85 -18.04
CA ILE D 142 -14.02 35.19 -18.91
C ILE D 142 -13.55 35.51 -20.33
N PHE D 143 -14.17 34.87 -21.31
CA PHE D 143 -13.96 35.18 -22.71
C PHE D 143 -14.91 36.30 -23.13
N LYS D 144 -14.37 37.48 -23.43
CA LYS D 144 -15.17 38.63 -23.82
C LYS D 144 -15.61 38.58 -25.27
N GLY D 145 -16.60 37.74 -25.55
CA GLY D 145 -17.12 37.56 -26.89
C GLY D 145 -18.12 36.42 -26.92
N SER D 146 -18.54 36.06 -28.13
CA SER D 146 -19.53 35.00 -28.33
C SER D 146 -18.84 33.66 -28.40
N PHE D 147 -19.61 32.59 -28.29
CA PHE D 147 -19.06 31.25 -28.45
C PHE D 147 -18.48 31.14 -29.86
N GLU D 148 -19.17 31.71 -30.84
CA GLU D 148 -18.71 31.66 -32.21
C GLU D 148 -17.36 32.34 -32.43
N GLU D 149 -17.17 33.50 -31.80
CA GLU D 149 -15.91 34.20 -31.88
C GLU D 149 -14.79 33.34 -31.26
N PHE D 150 -15.10 32.65 -30.16
CA PHE D 150 -14.14 31.74 -29.53
C PHE D 150 -13.72 30.58 -30.43
N LEU D 151 -14.70 29.98 -31.10
CA LEU D 151 -14.45 28.88 -32.03
C LEU D 151 -13.57 29.31 -33.21
N GLU D 152 -13.83 30.50 -33.75
CA GLU D 152 -13.05 31.00 -34.88
C GLU D 152 -11.60 31.23 -34.50
N ILE D 153 -11.39 31.77 -33.30
CA ILE D 153 -10.05 31.95 -32.78
C ILE D 153 -9.37 30.58 -32.69
N THR D 154 -10.11 29.58 -32.17
CA THR D 154 -9.61 28.21 -32.09
C THR D 154 -9.26 27.68 -33.48
N LYS D 155 -10.13 27.92 -34.45
CA LYS D 155 -9.92 27.42 -35.81
C LYS D 155 -8.81 28.16 -36.54
N LYS D 156 -8.65 29.44 -36.24
CA LYS D 156 -7.66 30.27 -36.92
C LYS D 156 -6.26 29.98 -36.40
N TYR D 157 -6.14 29.77 -35.09
CA TYR D 157 -4.82 29.69 -34.49
C TYR D 157 -4.38 28.31 -34.01
N ILE D 158 -5.31 27.43 -33.71
CA ILE D 158 -4.96 26.16 -33.06
C ILE D 158 -5.14 24.93 -33.95
N HIS D 159 -6.38 24.69 -34.36
CA HIS D 159 -6.73 23.49 -35.11
C HIS D 159 -8.01 23.77 -35.90
N LYS D 160 -7.99 23.38 -37.17
CA LYS D 160 -9.06 23.67 -38.12
C LYS D 160 -10.40 23.05 -37.72
N ASN D 161 -10.40 21.75 -37.49
CA ASN D 161 -11.65 21.03 -37.23
C ASN D 161 -11.75 20.51 -35.80
N PRO D 162 -11.86 21.40 -34.80
CA PRO D 162 -11.88 20.86 -33.44
C PRO D 162 -13.15 20.07 -33.17
N ILE D 163 -13.09 19.06 -32.32
CA ILE D 163 -14.32 18.38 -31.93
C ILE D 163 -15.02 19.20 -30.87
N VAL D 164 -16.31 19.46 -31.10
CA VAL D 164 -17.12 20.23 -30.18
C VAL D 164 -18.22 19.35 -29.57
N VAL D 165 -18.19 19.19 -28.25
CA VAL D 165 -19.25 18.51 -27.52
C VAL D 165 -20.18 19.59 -27.00
N LYS D 166 -21.25 19.85 -27.75
CA LYS D 166 -22.09 21.02 -27.46
C LYS D 166 -23.14 20.66 -26.39
N SER D 167 -22.70 20.53 -25.15
CA SER D 167 -23.56 20.01 -24.08
C SER D 167 -24.70 20.94 -23.71
N LYS D 168 -24.54 22.24 -23.95
CA LYS D 168 -25.58 23.24 -23.67
C LYS D 168 -25.35 24.46 -24.55
N GLU D 169 -26.32 25.38 -24.55
CA GLU D 169 -26.10 26.68 -25.19
C GLU D 169 -25.10 27.49 -24.40
N VAL D 170 -24.30 28.30 -25.10
CA VAL D 170 -23.31 29.13 -24.43
C VAL D 170 -23.57 30.60 -24.77
N ASP D 171 -23.84 31.41 -23.75
CA ASP D 171 -24.06 32.83 -23.92
C ASP D 171 -22.73 33.60 -24.01
N ASP D 172 -22.78 34.80 -24.59
CA ASP D 172 -21.62 35.67 -24.71
C ASP D 172 -21.00 35.94 -23.33
N ASN D 173 -19.70 36.20 -23.26
CA ASN D 173 -19.01 36.52 -22.00
C ASN D 173 -19.08 35.35 -21.00
N PHE D 174 -18.80 34.15 -21.48
CA PHE D 174 -18.83 32.93 -20.68
C PHE D 174 -17.46 32.61 -20.02
N LYS D 175 -17.44 31.68 -19.06
CA LYS D 175 -16.17 31.28 -18.46
C LYS D 175 -15.48 30.22 -19.29
N LEU D 176 -14.26 30.51 -19.71
CA LEU D 176 -13.50 29.59 -20.53
C LEU D 176 -12.31 29.05 -19.74
N ALA D 177 -12.19 27.73 -19.75
CA ALA D 177 -11.03 27.07 -19.19
C ALA D 177 -10.22 26.49 -20.32
N VAL D 178 -8.90 26.67 -20.23
CA VAL D 178 -7.98 26.13 -21.22
C VAL D 178 -6.94 25.28 -20.53
N LEU D 179 -6.54 24.19 -21.18
CA LEU D 179 -5.47 23.36 -20.68
C LEU D 179 -4.74 22.69 -21.83
N SER D 180 -3.47 23.05 -22.04
CA SER D 180 -2.69 22.49 -23.15
C SER D 180 -2.36 21.01 -22.95
N GLY D 181 -2.61 20.23 -23.99
CA GLY D 181 -2.33 18.80 -23.94
C GLY D 181 -3.54 17.97 -23.57
N TYR D 182 -3.40 17.12 -22.55
CA TYR D 182 -4.46 16.20 -22.14
C TYR D 182 -5.06 16.69 -20.85
N GLY D 183 -6.19 17.39 -20.97
CA GLY D 183 -6.88 17.89 -19.80
C GLY D 183 -8.27 17.31 -19.67
N LEU D 184 -8.56 16.28 -20.46
CA LEU D 184 -9.94 15.79 -20.61
C LEU D 184 -10.22 14.44 -19.95
N SER D 185 -9.56 14.18 -18.82
CA SER D 185 -9.88 12.99 -18.05
C SER D 185 -11.24 13.15 -17.39
N GLN D 186 -11.81 12.03 -16.96
CA GLN D 186 -13.12 12.07 -16.33
C GLN D 186 -13.10 12.95 -15.10
N SER D 187 -12.07 12.82 -14.26
CA SER D 187 -12.02 13.63 -13.05
C SER D 187 -11.80 15.12 -13.39
N SER D 188 -11.07 15.41 -14.46
CA SER D 188 -10.94 16.79 -14.92
C SER D 188 -12.29 17.39 -15.37
N ILE D 189 -13.05 16.61 -16.14
CA ILE D 189 -14.36 17.07 -16.61
C ILE D 189 -15.24 17.42 -15.40
N LYS D 190 -15.27 16.54 -14.40
CA LYS D 190 -16.09 16.79 -13.20
C LYS D 190 -15.64 18.04 -12.49
N TYR D 191 -14.33 18.22 -12.37
CA TYR D 191 -13.80 19.38 -11.67
C TYR D 191 -14.03 20.67 -12.47
N VAL D 192 -13.72 20.65 -13.76
CA VAL D 192 -13.81 21.86 -14.56
C VAL D 192 -15.29 22.25 -14.78
N ALA D 193 -16.20 21.28 -14.80
CA ALA D 193 -17.64 21.58 -14.93
C ALA D 193 -18.13 22.55 -13.84
N GLU D 194 -17.46 22.55 -12.69
CA GLU D 194 -17.79 23.48 -11.61
C GLU D 194 -17.23 24.87 -11.86
N LYS D 195 -16.25 24.98 -12.76
CA LYS D 195 -15.49 26.23 -12.89
C LYS D 195 -15.67 27.00 -14.19
N ALA D 196 -16.20 26.38 -15.22
CA ALA D 196 -16.26 27.03 -16.50
C ALA D 196 -17.41 26.53 -17.33
N ASP D 197 -17.81 27.32 -18.34
CA ASP D 197 -18.88 26.94 -19.27
C ASP D 197 -18.31 26.15 -20.45
N VAL D 198 -17.09 26.50 -20.85
CA VAL D 198 -16.44 25.88 -21.99
C VAL D 198 -15.04 25.44 -21.59
N TYR D 199 -14.68 24.22 -21.99
CA TYR D 199 -13.38 23.64 -21.64
C TYR D 199 -12.61 23.30 -22.91
N LEU D 200 -11.50 23.99 -23.14
CA LEU D 200 -10.69 23.78 -24.33
C LEU D 200 -9.41 23.03 -23.97
N SER D 201 -9.26 21.83 -24.54
CA SER D 201 -8.12 20.98 -24.24
C SER D 201 -7.95 19.95 -25.36
N GLY D 202 -7.32 18.81 -25.07
CA GLY D 202 -7.09 17.81 -26.09
C GLY D 202 -7.26 16.39 -25.56
N ASP D 203 -7.30 15.43 -26.49
CA ASP D 203 -7.36 13.99 -26.20
C ASP D 203 -8.70 13.53 -25.58
N LEU D 204 -9.81 13.90 -26.20
CA LEU D 204 -11.12 13.45 -25.71
C LEU D 204 -11.35 11.96 -25.97
N THR D 205 -11.89 11.26 -24.99
CA THR D 205 -12.32 9.86 -25.18
C THR D 205 -13.79 9.72 -24.77
N HIS D 206 -14.37 8.55 -25.06
CA HIS D 206 -15.81 8.37 -24.99
C HIS D 206 -16.43 8.66 -23.62
N HIS D 207 -15.93 8.05 -22.55
CA HIS D 207 -16.56 8.23 -21.25
C HIS D 207 -16.52 9.70 -20.83
N SER D 208 -15.44 10.40 -21.18
CA SER D 208 -15.35 11.81 -20.82
C SER D 208 -16.37 12.64 -21.58
N LYS D 209 -16.61 12.27 -22.84
CA LYS D 209 -17.58 12.96 -23.67
C LYS D 209 -18.99 12.83 -23.09
N ILE D 210 -19.35 11.59 -22.77
CA ILE D 210 -20.63 11.31 -22.16
C ILE D 210 -20.80 12.08 -20.87
N LEU D 211 -19.75 12.08 -20.04
CA LEU D 211 -19.79 12.80 -18.77
C LEU D 211 -19.97 14.30 -18.96
N ALA D 212 -19.29 14.87 -19.96
CA ALA D 212 -19.39 16.31 -20.21
C ALA D 212 -20.81 16.68 -20.55
N GLU D 213 -21.45 15.83 -21.35
CA GLU D 213 -22.84 16.05 -21.75
C GLU D 213 -23.79 16.05 -20.56
N GLU D 214 -23.59 15.12 -19.62
CA GLU D 214 -24.43 15.04 -18.40
C GLU D 214 -24.31 16.27 -17.52
N LEU D 215 -23.10 16.81 -17.45
CA LEU D 215 -22.79 17.94 -16.58
C LEU D 215 -23.05 19.30 -17.25
N GLY D 216 -23.35 19.29 -18.54
CA GLY D 216 -23.59 20.52 -19.27
C GLY D 216 -22.32 21.30 -19.59
N LEU D 217 -21.17 20.64 -19.48
CA LEU D 217 -19.92 21.29 -19.81
C LEU D 217 -19.61 21.15 -21.30
N VAL D 218 -19.47 22.29 -21.98
CA VAL D 218 -19.10 22.25 -23.39
C VAL D 218 -17.60 21.97 -23.51
N VAL D 219 -17.26 20.91 -24.25
CA VAL D 219 -15.87 20.51 -24.39
C VAL D 219 -15.40 20.72 -25.82
N VAL D 220 -14.25 21.35 -25.99
CA VAL D 220 -13.67 21.53 -27.32
C VAL D 220 -12.29 20.85 -27.39
N ASP D 221 -12.20 19.78 -28.19
CA ASP D 221 -10.96 19.04 -28.35
C ASP D 221 -10.25 19.58 -29.59
N ALA D 222 -9.22 20.40 -29.38
CA ALA D 222 -8.44 20.94 -30.50
C ALA D 222 -7.15 20.14 -30.67
N THR D 223 -7.16 18.95 -30.04
CA THR D 223 -6.07 17.96 -29.97
C THR D 223 -4.95 18.31 -28.99
N HIS D 224 -4.38 17.24 -28.45
CA HIS D 224 -3.23 17.30 -27.58
C HIS D 224 -2.05 18.03 -28.27
N TYR D 225 -1.74 17.61 -29.50
CA TYR D 225 -0.64 18.19 -30.28
C TYR D 225 -0.80 19.69 -30.49
N SER D 226 -1.92 20.10 -31.06
CA SER D 226 -2.06 21.50 -31.42
C SER D 226 -2.13 22.46 -30.23
N THR D 227 -2.78 22.05 -29.15
CA THR D 227 -2.91 22.96 -28.02
C THR D 227 -1.58 23.18 -27.30
N GLU D 228 -0.64 22.27 -27.51
CA GLU D 228 0.71 22.45 -26.97
C GLU D 228 1.67 23.11 -27.95
N VAL D 229 1.57 22.75 -29.22
CA VAL D 229 2.47 23.30 -30.25
C VAL D 229 2.28 24.82 -30.39
N PHE D 230 1.07 25.31 -30.16
CA PHE D 230 0.84 26.75 -30.19
C PHE D 230 1.80 27.49 -29.25
N GLY D 231 1.88 27.07 -27.99
CA GLY D 231 2.79 27.68 -27.04
C GLY D 231 4.25 27.28 -27.28
N LEU D 232 4.45 26.06 -27.80
CA LEU D 232 5.80 25.58 -28.05
C LEU D 232 6.47 26.38 -29.19
N LYS D 233 5.68 26.85 -30.15
CA LYS D 233 6.18 27.77 -31.17
C LYS D 233 6.57 29.12 -30.55
N LYS D 234 5.77 29.59 -29.59
CA LYS D 234 6.09 30.83 -28.89
C LYS D 234 7.42 30.66 -28.14
N PHE D 235 7.59 29.51 -27.52
CA PHE D 235 8.81 29.19 -26.78
C PHE D 235 10.01 29.20 -27.71
N LYS D 236 9.85 28.55 -28.86
CA LYS D 236 10.92 28.50 -29.86
C LYS D 236 11.32 29.90 -30.30
N GLU D 237 10.33 30.76 -30.55
CA GLU D 237 10.62 32.12 -30.97
C GLU D 237 11.26 32.94 -29.85
N PHE D 238 10.89 32.65 -28.60
CA PHE D 238 11.51 33.31 -27.45
C PHE D 238 13.01 32.97 -27.38
N LEU D 239 13.33 31.70 -27.60
CA LEU D 239 14.71 31.24 -27.61
C LEU D 239 15.53 31.89 -28.74
N SER D 240 14.95 31.92 -29.94
CA SER D 240 15.62 32.49 -31.11
C SER D 240 15.92 33.97 -30.94
N SER D 241 15.04 34.70 -30.27
CA SER D 241 15.26 36.14 -30.08
C SER D 241 16.39 36.43 -29.10
N ASN D 242 16.71 35.46 -28.25
CA ASN D 242 17.64 35.67 -27.15
C ASN D 242 18.98 34.93 -27.26
N LEU D 243 19.01 33.82 -28.00
CA LEU D 243 20.22 33.01 -28.11
C LEU D 243 20.79 33.12 -29.51
N ASP D 244 22.10 33.39 -29.61
CA ASP D 244 22.76 33.47 -30.92
C ASP D 244 23.18 32.09 -31.36
N LEU D 245 22.23 31.35 -31.91
CA LEU D 245 22.38 29.92 -32.05
C LEU D 245 21.37 29.42 -33.06
N GLU D 246 21.77 28.49 -33.92
CA GLU D 246 20.81 27.90 -34.86
C GLU D 246 19.79 27.00 -34.12
N ILE D 247 18.52 27.30 -34.33
CA ILE D 247 17.44 26.61 -33.65
C ILE D 247 16.37 26.13 -34.64
N ILE D 248 16.13 24.82 -34.66
CA ILE D 248 15.11 24.28 -35.54
C ILE D 248 14.08 23.49 -34.73
N SER D 249 12.91 23.29 -35.33
CA SER D 249 11.86 22.48 -34.77
C SER D 249 11.84 21.17 -35.55
N LEU D 250 11.44 20.09 -34.90
CA LEU D 250 11.57 18.76 -35.48
C LEU D 250 10.25 18.05 -35.81
N ASP D 251 9.26 18.19 -34.94
CA ASP D 251 7.95 17.60 -35.22
C ASP D 251 6.88 18.67 -35.33
N PHE D 252 7.30 19.91 -35.53
CA PHE D 252 6.34 20.97 -35.84
C PHE D 252 7.05 22.07 -36.60
N MET E 9 21.26 8.26 42.54
CA MET E 9 20.45 8.76 41.45
C MET E 9 19.33 7.82 41.06
N LYS E 10 18.20 8.41 40.67
CA LYS E 10 17.08 7.64 40.17
C LYS E 10 17.25 7.42 38.67
N ALA E 11 16.60 6.39 38.16
CA ALA E 11 16.71 6.04 36.75
C ALA E 11 16.28 7.23 35.86
N LYS E 12 15.22 7.92 36.26
CA LYS E 12 14.71 9.00 35.43
C LYS E 12 15.68 10.18 35.36
N GLU E 13 16.51 10.31 36.39
CA GLU E 13 17.49 11.38 36.41
C GLU E 13 18.64 11.05 35.47
N ILE E 14 18.99 9.77 35.36
CA ILE E 14 20.02 9.35 34.42
C ILE E 14 19.52 9.58 33.00
N ILE E 15 18.27 9.20 32.76
CA ILE E 15 17.61 9.40 31.48
C ILE E 15 17.52 10.90 31.12
N GLU E 16 17.21 11.74 32.11
CA GLU E 16 17.08 13.17 31.86
C GLU E 16 18.43 13.76 31.53
N PHE E 17 19.46 13.21 32.15
CA PHE E 17 20.82 13.66 31.87
C PHE E 17 21.28 13.26 30.48
N ILE E 18 21.03 12.02 30.11
CA ILE E 18 21.39 11.53 28.79
C ILE E 18 20.63 12.29 27.71
N GLU E 19 19.36 12.57 27.95
CA GLU E 19 18.54 13.23 26.93
C GLU E 19 18.90 14.71 26.80
N THR E 20 19.54 15.26 27.83
CA THR E 20 20.05 16.62 27.73
C THR E 20 21.24 16.66 26.77
N PHE E 21 22.07 15.64 26.84
CA PHE E 21 23.21 15.51 25.93
C PHE E 21 22.77 15.15 24.51
N ALA E 22 21.82 14.23 24.41
CA ALA E 22 21.34 13.70 23.14
C ALA E 22 19.80 13.70 23.08
N PRO E 23 19.20 14.86 22.76
CA PRO E 23 17.74 15.02 22.77
C PRO E 23 17.03 14.02 21.86
N LYS E 24 15.92 13.47 22.34
CA LYS E 24 15.21 12.43 21.59
C LYS E 24 14.68 12.90 20.23
N ASP E 25 14.31 14.18 20.11
CA ASP E 25 13.76 14.65 18.84
C ASP E 25 14.83 14.76 17.74
N LEU E 26 16.10 14.55 18.10
CA LEU E 26 17.19 14.51 17.11
C LEU E 26 17.23 13.18 16.35
N ALA E 27 16.62 12.14 16.93
CA ALA E 27 16.57 10.82 16.30
C ALA E 27 15.85 10.89 14.97
N ILE E 28 16.33 10.11 14.00
CA ILE E 28 15.68 10.08 12.71
C ILE E 28 14.33 9.39 12.84
N GLU E 29 13.44 9.67 11.91
CA GLU E 29 12.09 9.11 11.93
C GLU E 29 12.05 7.60 12.12
N GLY E 30 11.27 7.17 13.11
CA GLY E 30 11.01 5.77 13.35
C GLY E 30 12.04 5.04 14.20
N ASP E 31 13.13 5.73 14.53
CA ASP E 31 14.18 5.10 15.31
C ASP E 31 13.64 4.79 16.69
N ASN E 32 13.80 3.54 17.12
CA ASN E 32 13.25 3.09 18.41
C ASN E 32 14.11 3.51 19.60
N ILE E 33 14.16 4.80 19.88
CA ILE E 33 15.01 5.28 20.96
C ILE E 33 14.25 5.42 22.28
N GLY E 34 14.98 5.50 23.38
CA GLY E 34 14.34 5.69 24.68
C GLY E 34 14.21 4.40 25.46
N LEU E 35 13.19 4.34 26.29
CA LEU E 35 12.95 3.17 27.15
C LEU E 35 12.63 1.93 26.33
N GLN E 36 13.47 0.91 26.43
CA GLN E 36 13.25 -0.35 25.74
C GLN E 36 12.49 -1.31 26.64
N VAL E 37 12.99 -1.45 27.87
CA VAL E 37 12.45 -2.36 28.90
C VAL E 37 12.55 -1.73 30.27
N GLY E 38 11.42 -1.63 30.98
CA GLY E 38 11.41 -1.06 32.30
C GLY E 38 10.03 -0.61 32.73
N ASP E 39 9.80 -0.52 34.04
CA ASP E 39 8.50 -0.08 34.50
C ASP E 39 8.72 1.11 35.43
N ASN E 40 9.28 0.85 36.61
CA ASN E 40 9.52 1.90 37.59
C ASN E 40 10.78 2.72 37.37
N LEU E 41 10.60 4.00 37.07
CA LEU E 41 11.73 4.87 36.83
C LEU E 41 12.13 5.74 38.04
N ASP E 42 11.45 5.62 39.17
CA ASP E 42 11.91 6.29 40.40
C ASP E 42 12.97 5.47 41.10
N LYS E 43 13.16 4.27 40.59
CA LYS E 43 14.14 3.33 41.07
C LYS E 43 15.52 3.96 41.28
N GLU E 44 16.12 3.78 42.44
CA GLU E 44 17.49 4.25 42.61
C GLU E 44 18.43 3.23 41.96
N ILE E 45 19.49 3.73 41.32
CA ILE E 45 20.34 2.91 40.46
C ILE E 45 21.68 2.60 41.14
N LYS E 46 21.97 1.30 41.24
CA LYS E 46 23.20 0.86 41.90
C LYS E 46 24.42 0.91 40.98
N LYS E 47 24.23 0.52 39.73
CA LYS E 47 25.34 0.39 38.80
C LYS E 47 24.86 0.61 37.37
N LEU E 48 25.51 1.52 36.64
CA LEU E 48 25.19 1.73 35.23
C LEU E 48 26.17 0.99 34.30
N GLY E 49 25.61 0.24 33.34
CA GLY E 49 26.39 -0.44 32.33
C GLY E 49 26.17 0.15 30.95
N ILE E 50 27.26 0.34 30.19
CA ILE E 50 27.21 0.88 28.81
C ILE E 50 27.59 -0.22 27.80
N ALA E 51 26.79 -0.37 26.77
CA ALA E 51 27.11 -1.37 25.75
C ALA E 51 26.78 -0.86 24.36
N LEU E 52 27.46 -1.37 23.35
CA LEU E 52 27.09 -1.04 21.98
C LEU E 52 25.78 -1.75 21.62
N ASP E 53 25.76 -3.06 21.86
CA ASP E 53 24.65 -3.92 21.50
C ASP E 53 23.98 -4.51 22.73
N PRO E 54 22.64 -4.55 22.72
CA PRO E 54 21.97 -5.27 23.80
C PRO E 54 21.96 -6.76 23.47
N SER E 55 23.13 -7.35 23.23
CA SER E 55 23.18 -8.77 22.90
C SER E 55 22.89 -9.64 24.12
N LEU E 56 22.66 -10.94 23.87
CA LEU E 56 22.46 -11.90 24.95
C LEU E 56 23.64 -11.97 25.93
N SER E 57 24.86 -11.97 25.41
CA SER E 57 26.01 -12.08 26.29
C SER E 57 26.21 -10.76 27.07
N VAL E 58 25.90 -9.63 26.45
CA VAL E 58 25.91 -8.35 27.15
C VAL E 58 24.91 -8.29 28.33
N ILE E 59 23.70 -8.79 28.11
CA ILE E 59 22.68 -8.76 29.14
C ILE E 59 23.03 -9.77 30.27
N LYS E 60 23.58 -10.93 29.89
CA LYS E 60 24.08 -11.87 30.87
C LYS E 60 25.18 -11.27 31.74
N LYS E 61 26.06 -10.51 31.11
CA LYS E 61 27.18 -9.89 31.82
C LYS E 61 26.63 -8.81 32.75
N ALA E 62 25.63 -8.07 32.29
CA ALA E 62 24.99 -7.08 33.15
C ALA E 62 24.45 -7.72 34.44
N GLU E 63 23.76 -8.85 34.30
CA GLU E 63 23.21 -9.55 35.45
C GLU E 63 24.36 -9.97 36.35
N LYS E 64 25.41 -10.52 35.75
CA LYS E 64 26.54 -11.03 36.54
C LYS E 64 27.25 -9.92 37.30
N GLU E 65 27.34 -8.74 36.70
CA GLU E 65 28.07 -7.63 37.31
C GLU E 65 27.20 -6.71 38.16
N GLY E 66 25.93 -7.08 38.33
CA GLY E 66 24.99 -6.30 39.12
C GLY E 66 24.59 -4.95 38.57
N VAL E 67 24.56 -4.81 37.24
CA VAL E 67 24.07 -3.62 36.56
C VAL E 67 22.52 -3.54 36.63
N ASP E 68 21.96 -2.42 37.11
CA ASP E 68 20.49 -2.26 37.18
C ASP E 68 19.98 -1.27 36.11
N PHE E 69 20.87 -0.47 35.54
CA PHE E 69 20.51 0.39 34.41
C PHE E 69 21.47 0.04 33.26
N LEU E 70 20.93 -0.52 32.19
CA LEU E 70 21.72 -0.91 31.03
C LEU E 70 21.46 0.04 29.86
N PHE E 71 22.47 0.84 29.51
CA PHE E 71 22.41 1.70 28.35
C PHE E 71 23.02 1.01 27.14
N THR E 72 22.27 0.98 26.03
CA THR E 72 22.84 0.53 24.75
C THR E 72 22.62 1.56 23.66
N HIS E 73 23.56 1.60 22.72
CA HIS E 73 23.47 2.48 21.55
C HIS E 73 22.41 1.95 20.59
N HIS E 74 22.43 0.64 20.34
CA HIS E 74 21.40 0.02 19.49
C HIS E 74 20.15 -0.37 20.25
N PRO E 75 18.97 -0.12 19.66
CA PRO E 75 17.71 -0.53 20.27
C PRO E 75 17.65 -2.05 20.42
N LEU E 76 16.81 -2.53 21.34
CA LEU E 76 16.64 -3.97 21.52
C LEU E 76 15.94 -4.59 20.30
N LEU E 77 14.88 -3.95 19.84
CA LEU E 77 14.16 -4.47 18.69
C LEU E 77 13.95 -3.32 17.72
N LYS E 78 14.21 -3.57 16.43
CA LYS E 78 13.81 -2.63 15.39
C LYS E 78 12.43 -3.04 14.87
N ASP E 79 12.27 -4.33 14.62
CA ASP E 79 10.99 -4.83 14.15
C ASP E 79 10.12 -5.33 15.31
N PRO E 80 8.89 -4.84 15.41
CA PRO E 80 8.03 -5.26 16.53
C PRO E 80 7.69 -6.76 16.46
N ILE E 81 7.50 -7.41 17.60
CA ILE E 81 7.18 -8.84 17.64
C ILE E 81 5.91 -9.06 18.50
N ARG E 82 5.28 -10.23 18.43
CA ARG E 82 4.10 -10.50 19.25
C ARG E 82 4.15 -11.90 19.83
N ASN E 83 5.31 -12.50 19.79
CA ASN E 83 5.56 -13.77 20.45
C ASN E 83 6.91 -13.67 21.12
N PHE E 84 7.11 -14.39 22.21
CA PHE E 84 8.32 -14.19 23.01
C PHE E 84 8.95 -15.49 23.34
N THR E 85 9.87 -15.91 22.46
CA THR E 85 10.48 -17.22 22.50
C THR E 85 11.96 -17.10 22.16
N GLY E 86 12.69 -18.20 22.28
CA GLY E 86 14.09 -18.24 21.88
C GLY E 86 14.94 -17.15 22.52
N VAL E 87 15.73 -16.47 21.70
CA VAL E 87 16.71 -15.51 22.21
C VAL E 87 16.05 -14.32 22.93
N ILE E 88 14.99 -13.78 22.34
CA ILE E 88 14.37 -12.60 22.92
C ILE E 88 13.74 -12.99 24.28
N TYR E 89 13.27 -14.23 24.38
CA TYR E 89 12.76 -14.73 25.67
C TYR E 89 13.86 -14.72 26.73
N LYS E 90 15.03 -15.26 26.38
CA LYS E 90 16.16 -15.32 27.33
C LYS E 90 16.57 -13.94 27.77
N LYS E 91 16.54 -12.98 26.85
CA LYS E 91 16.95 -11.62 27.16
C LYS E 91 15.98 -10.89 28.11
N LEU E 92 14.69 -10.92 27.77
CA LEU E 92 13.64 -10.27 28.58
C LEU E 92 13.54 -10.92 29.95
N LYS E 93 13.71 -12.23 29.99
CA LYS E 93 13.60 -12.92 31.27
C LYS E 93 14.66 -12.40 32.24
N ILE E 94 15.89 -12.21 31.74
CA ILE E 94 16.94 -11.68 32.60
C ILE E 94 16.67 -10.23 33.02
N LEU E 95 16.28 -9.38 32.08
CA LEU E 95 16.01 -7.99 32.40
C LEU E 95 14.86 -7.87 33.38
N MET E 96 13.82 -8.68 33.17
CA MET E 96 12.61 -8.50 33.96
C MET E 96 12.74 -9.09 35.36
N GLU E 97 13.32 -10.27 35.49
CA GLU E 97 13.42 -10.86 36.82
C GLU E 97 14.42 -10.11 37.71
N ASN E 98 15.37 -9.42 37.11
CA ASN E 98 16.32 -8.64 37.89
C ASN E 98 15.92 -7.16 37.96
N ASP E 99 14.79 -6.82 37.34
CA ASP E 99 14.33 -5.43 37.19
C ASP E 99 15.44 -4.50 36.66
N ILE E 100 16.13 -4.94 35.62
CA ILE E 100 17.17 -4.12 34.98
C ILE E 100 16.52 -3.21 33.93
N ILE E 101 16.73 -1.91 34.05
CA ILE E 101 16.21 -0.98 33.04
C ILE E 101 17.06 -1.02 31.77
N LEU E 102 16.43 -1.16 30.62
CA LEU E 102 17.17 -1.06 29.35
C LEU E 102 16.72 0.17 28.55
N TYR E 103 17.68 1.04 28.26
CA TYR E 103 17.40 2.32 27.63
C TYR E 103 18.39 2.55 26.49
N SER E 104 17.95 3.13 25.37
CA SER E 104 18.82 3.36 24.24
C SER E 104 18.82 4.79 23.73
N ALA E 105 20.01 5.26 23.38
CA ALA E 105 20.16 6.46 22.57
C ALA E 105 20.85 6.01 21.30
N HIS E 106 20.10 6.02 20.21
CA HIS E 106 20.59 5.48 18.97
C HIS E 106 21.00 6.63 18.07
N THR E 107 20.19 7.01 17.08
CA THR E 107 20.66 8.02 16.13
C THR E 107 20.74 9.40 16.76
N ASN E 108 20.02 9.62 17.85
CA ASN E 108 20.15 10.89 18.58
C ASN E 108 21.56 11.03 19.18
N LEU E 109 22.18 9.92 19.54
CA LEU E 109 23.56 9.95 20.01
C LEU E 109 24.53 10.04 18.81
N ASP E 110 24.09 9.61 17.63
CA ASP E 110 24.89 9.75 16.40
C ASP E 110 25.02 11.21 15.98
N ILE E 111 23.94 11.96 16.15
CA ILE E 111 23.76 13.30 15.56
C ILE E 111 24.10 14.47 16.50
N CYS E 112 23.88 14.28 17.81
CA CYS E 112 24.05 15.34 18.79
C CYS E 112 25.48 15.86 18.83
N LYS E 113 25.66 17.08 19.36
CA LYS E 113 26.98 17.69 19.48
C LYS E 113 27.88 16.87 20.40
N ASN E 114 29.11 16.64 19.94
CA ASN E 114 30.06 15.74 20.62
C ASN E 114 29.55 14.29 20.68
N GLY E 115 28.58 13.95 19.84
CA GLY E 115 28.08 12.59 19.72
C GLY E 115 29.01 11.74 18.89
N LEU E 116 28.55 10.58 18.43
CA LEU E 116 29.44 9.60 17.80
C LEU E 116 30.10 10.12 16.51
N ASN E 117 29.34 10.83 15.68
CA ASN E 117 29.91 11.38 14.46
C ASN E 117 30.85 12.57 14.72
N ASP E 118 30.51 13.41 15.68
CA ASP E 118 31.39 14.51 16.07
C ASP E 118 32.74 13.99 16.61
N ALA E 119 32.71 12.87 17.32
CA ALA E 119 33.92 12.26 17.85
C ALA E 119 34.86 11.92 16.72
N LEU E 120 34.33 11.36 15.64
CA LEU E 120 35.15 11.03 14.48
C LEU E 120 35.67 12.31 13.82
N ALA E 121 34.78 13.29 13.69
CA ALA E 121 35.19 14.55 13.07
C ALA E 121 36.33 15.20 13.85
N GLU E 122 36.28 15.10 15.18
CA GLU E 122 37.28 15.76 15.98
C GLU E 122 38.59 14.98 15.95
N LEU E 123 38.49 13.65 15.92
CA LEU E 123 39.65 12.77 15.79
C LEU E 123 40.49 13.08 14.54
N TYR E 124 39.83 13.32 13.40
CA TYR E 124 40.56 13.64 12.18
C TYR E 124 40.77 15.14 12.02
N ASN E 125 40.30 15.89 13.02
CA ASN E 125 40.42 17.35 13.03
C ASN E 125 39.90 17.94 11.73
N LEU E 126 38.69 17.54 11.32
CA LEU E 126 38.12 18.04 10.08
C LEU E 126 37.97 19.56 10.08
N GLU E 127 38.49 20.18 9.03
CA GLU E 127 38.41 21.61 8.86
C GLU E 127 37.00 22.04 8.47
N ASN E 128 36.41 22.93 9.26
CA ASN E 128 35.09 23.47 8.98
C ASN E 128 34.05 22.38 8.68
N PRO E 129 33.74 21.53 9.66
CA PRO E 129 32.84 20.39 9.45
C PRO E 129 31.35 20.75 9.33
N LYS E 130 30.66 19.97 8.52
CA LYS E 130 29.21 20.07 8.33
C LYS E 130 28.56 18.71 8.51
N PRO E 131 27.25 18.69 8.79
CA PRO E 131 26.54 17.42 8.75
C PRO E 131 26.62 16.84 7.34
N LEU E 132 26.77 15.53 7.22
CA LEU E 132 26.89 14.91 5.91
C LEU E 132 25.53 14.81 5.23
N TYR E 133 24.53 14.37 6.00
CA TYR E 133 23.15 14.29 5.51
C TYR E 133 22.31 15.39 6.13
N ASP E 134 21.19 15.69 5.47
CA ASP E 134 20.29 16.75 5.91
C ASP E 134 19.74 16.46 7.31
N ASN E 135 19.50 15.19 7.59
CA ASN E 135 18.98 14.80 8.90
C ASN E 135 20.03 14.87 10.00
N GLY E 136 21.24 15.30 9.67
CA GLY E 136 22.27 15.48 10.67
C GLY E 136 23.23 14.32 10.87
N LEU E 137 23.03 13.22 10.13
CA LEU E 137 23.94 12.07 10.23
C LEU E 137 25.27 12.34 9.52
N GLY E 138 26.35 11.88 10.13
CA GLY E 138 27.68 11.98 9.56
C GLY E 138 28.23 13.39 9.60
N ARG E 139 29.51 13.51 9.31
CA ARG E 139 30.18 14.80 9.22
C ARG E 139 31.08 14.77 8.00
N VAL E 140 31.31 15.93 7.41
CA VAL E 140 32.21 16.05 6.25
C VAL E 140 33.00 17.34 6.33
N GLY E 141 34.27 17.30 5.92
CA GLY E 141 35.11 18.49 5.93
C GLY E 141 36.46 18.20 5.32
N ILE E 142 37.37 19.19 5.33
CA ILE E 142 38.69 19.01 4.74
C ILE E 142 39.68 18.38 5.74
N PHE E 143 40.33 17.28 5.34
CA PHE E 143 41.39 16.72 6.15
C PHE E 143 42.72 17.35 5.77
N LYS E 144 43.28 18.15 6.67
CA LYS E 144 44.53 18.85 6.41
C LYS E 144 45.75 17.96 6.58
N GLY E 145 45.97 17.09 5.59
CA GLY E 145 47.09 16.18 5.62
C GLY E 145 47.00 15.22 4.44
N SER E 146 47.90 14.24 4.43
CA SER E 146 47.95 13.26 3.35
C SER E 146 47.01 12.11 3.60
N PHE E 147 46.72 11.33 2.55
CA PHE E 147 45.89 10.15 2.68
C PHE E 147 46.48 9.19 3.70
N GLU E 148 47.80 9.08 3.63
CA GLU E 148 48.59 8.21 4.48
C GLU E 148 48.48 8.59 5.95
N GLU E 149 48.52 9.88 6.24
CA GLU E 149 48.37 10.36 7.61
C GLU E 149 46.99 10.01 8.13
N PHE E 150 45.99 10.14 7.25
CA PHE E 150 44.63 9.76 7.59
C PHE E 150 44.52 8.28 7.94
N LEU E 151 45.19 7.45 7.15
CA LEU E 151 45.23 6.01 7.34
C LEU E 151 45.92 5.65 8.66
N GLU E 152 47.02 6.35 8.96
CA GLU E 152 47.77 6.12 10.18
C GLU E 152 46.91 6.46 11.39
N ILE E 153 46.16 7.55 11.31
CA ILE E 153 45.23 7.89 12.38
C ILE E 153 44.17 6.82 12.55
N THR E 154 43.62 6.38 11.43
CA THR E 154 42.62 5.33 11.40
C THR E 154 43.17 4.06 12.07
N LYS E 155 44.40 3.69 11.74
CA LYS E 155 44.93 2.44 12.29
C LYS E 155 45.26 2.54 13.76
N LYS E 156 45.68 3.71 14.21
CA LYS E 156 46.12 3.81 15.58
C LYS E 156 44.94 3.97 16.55
N TYR E 157 43.89 4.68 16.13
CA TYR E 157 42.77 5.00 17.03
C TYR E 157 41.46 4.24 16.75
N ILE E 158 41.27 3.71 15.55
CA ILE E 158 40.01 3.05 15.27
C ILE E 158 40.13 1.53 15.06
N HIS E 159 40.91 1.11 14.08
CA HIS E 159 41.01 -0.30 13.74
C HIS E 159 42.27 -0.60 12.90
N LYS E 160 43.07 -1.59 13.31
CA LYS E 160 44.25 -2.00 12.51
C LYS E 160 43.71 -2.63 11.22
N ASN E 161 44.51 -2.64 10.17
CA ASN E 161 44.02 -3.12 8.87
C ASN E 161 42.55 -2.81 8.50
N PRO E 162 42.24 -1.52 8.28
CA PRO E 162 40.91 -1.21 7.77
C PRO E 162 40.86 -1.67 6.32
N ILE E 163 39.69 -2.02 5.81
CA ILE E 163 39.57 -2.31 4.40
C ILE E 163 39.54 -1.01 3.62
N VAL E 164 40.44 -0.87 2.64
CA VAL E 164 40.54 0.33 1.82
C VAL E 164 40.10 0.02 0.38
N VAL E 165 39.08 0.72 -0.10
CA VAL E 165 38.71 0.61 -1.52
C VAL E 165 39.34 1.79 -2.24
N LYS E 166 40.53 1.57 -2.80
CA LYS E 166 41.33 2.67 -3.31
C LYS E 166 40.93 2.96 -4.76
N SER E 167 39.77 3.62 -4.92
CA SER E 167 39.17 3.83 -6.24
C SER E 167 39.95 4.82 -7.10
N LYS E 168 40.69 5.71 -6.47
CA LYS E 168 41.52 6.67 -7.21
C LYS E 168 42.62 7.15 -6.26
N GLU E 169 43.56 7.90 -6.82
CA GLU E 169 44.58 8.57 -6.03
C GLU E 169 43.93 9.66 -5.19
N VAL E 170 44.48 9.92 -4.02
CA VAL E 170 43.92 10.94 -3.15
C VAL E 170 44.98 12.00 -2.88
N ASP E 171 44.69 13.25 -3.26
CA ASP E 171 45.61 14.37 -3.03
C ASP E 171 45.52 14.87 -1.59
N ASP E 172 46.56 15.53 -1.11
CA ASP E 172 46.54 16.17 0.21
C ASP E 172 45.37 17.15 0.29
N ASN E 173 44.87 17.40 1.50
CA ASN E 173 43.78 18.37 1.72
C ASN E 173 42.51 17.98 0.98
N PHE E 174 42.15 16.71 1.10
CA PHE E 174 41.00 16.14 0.43
C PHE E 174 39.76 16.28 1.32
N LYS E 175 38.58 16.08 0.73
CA LYS E 175 37.35 16.09 1.52
C LYS E 175 37.11 14.71 2.11
N LEU E 176 36.97 14.67 3.43
CA LEU E 176 36.72 13.43 4.16
C LEU E 176 35.31 13.42 4.79
N ALA E 177 34.57 12.35 4.53
CA ALA E 177 33.27 12.15 5.14
C ALA E 177 33.36 11.02 6.15
N VAL E 178 32.73 11.20 7.31
CA VAL E 178 32.75 10.18 8.33
C VAL E 178 31.30 9.84 8.72
N LEU E 179 31.04 8.57 9.03
CA LEU E 179 29.73 8.16 9.50
C LEU E 179 29.89 6.97 10.45
N SER E 180 29.63 7.18 11.74
CA SER E 180 29.80 6.08 12.67
C SER E 180 28.74 4.99 12.43
N GLY E 181 29.20 3.73 12.37
CA GLY E 181 28.31 2.59 12.15
C GLY E 181 28.25 2.09 10.71
N TYR E 182 27.04 1.99 10.18
CA TYR E 182 26.82 1.48 8.84
C TYR E 182 26.48 2.66 7.93
N GLY E 183 27.47 3.15 7.17
CA GLY E 183 27.19 4.23 6.28
C GLY E 183 27.41 3.83 4.84
N LEU E 184 27.61 2.54 4.61
CA LEU E 184 28.10 2.12 3.30
C LEU E 184 27.06 1.41 2.45
N SER E 185 25.81 1.83 2.56
CA SER E 185 24.78 1.35 1.66
C SER E 185 25.01 1.91 0.25
N GLN E 186 24.41 1.28 -0.74
CA GLN E 186 24.56 1.73 -2.12
C GLN E 186 24.07 3.15 -2.31
N SER E 187 22.93 3.51 -1.73
CA SER E 187 22.44 4.87 -1.90
C SER E 187 23.35 5.88 -1.18
N SER E 188 23.92 5.49 -0.05
CA SER E 188 24.91 6.35 0.63
C SER E 188 26.19 6.56 -0.20
N ILE E 189 26.69 5.49 -0.81
CA ILE E 189 27.88 5.61 -1.64
C ILE E 189 27.61 6.61 -2.75
N LYS E 190 26.47 6.48 -3.42
CA LYS E 190 26.11 7.38 -4.53
C LYS E 190 26.06 8.82 -4.06
N TYR E 191 25.49 9.01 -2.88
CA TYR E 191 25.28 10.34 -2.33
C TYR E 191 26.62 10.99 -1.92
N VAL E 192 27.44 10.24 -1.21
CA VAL E 192 28.67 10.78 -0.65
C VAL E 192 29.71 11.01 -1.75
N ALA E 193 29.62 10.23 -2.83
CA ALA E 193 30.51 10.43 -3.98
C ALA E 193 30.44 11.85 -4.50
N GLU E 194 29.30 12.50 -4.31
CA GLU E 194 29.12 13.90 -4.72
C GLU E 194 29.75 14.89 -3.75
N LYS E 195 30.05 14.44 -2.53
CA LYS E 195 30.38 15.36 -1.44
C LYS E 195 31.78 15.23 -0.84
N ALA E 196 32.48 14.12 -1.10
CA ALA E 196 33.78 13.85 -0.48
C ALA E 196 34.66 12.95 -1.34
N ASP E 197 35.96 12.97 -1.08
CA ASP E 197 36.92 12.12 -1.80
C ASP E 197 37.10 10.79 -1.13
N VAL E 198 36.99 10.79 0.20
CA VAL E 198 37.19 9.61 1.01
C VAL E 198 36.03 9.48 1.99
N TYR E 199 35.52 8.26 2.15
CA TYR E 199 34.37 8.01 3.00
C TYR E 199 34.76 6.99 4.08
N LEU E 200 34.77 7.40 5.34
CA LEU E 200 35.17 6.52 6.44
C LEU E 200 33.92 6.02 7.16
N SER E 201 33.70 4.71 7.16
CA SER E 201 32.51 4.15 7.79
C SER E 201 32.70 2.65 8.07
N GLY E 202 31.60 1.92 8.15
CA GLY E 202 31.68 0.49 8.48
C GLY E 202 30.72 -0.35 7.68
N ASP E 203 30.90 -1.67 7.76
CA ASP E 203 29.95 -2.64 7.17
C ASP E 203 29.94 -2.61 5.64
N LEU E 204 31.11 -2.69 5.02
CA LEU E 204 31.18 -2.74 3.55
C LEU E 204 30.67 -4.07 3.00
N THR E 205 29.89 -4.03 1.92
CA THR E 205 29.53 -5.25 1.20
C THR E 205 29.85 -5.12 -0.29
N HIS E 206 29.78 -6.23 -1.02
CA HIS E 206 30.33 -6.29 -2.36
C HIS E 206 29.79 -5.24 -3.34
N HIS E 207 28.47 -5.12 -3.44
CA HIS E 207 27.92 -4.20 -4.44
C HIS E 207 28.33 -2.75 -4.17
N SER E 208 28.47 -2.40 -2.90
CA SER E 208 28.86 -1.04 -2.54
C SER E 208 30.32 -0.79 -2.89
N LYS E 209 31.16 -1.81 -2.75
CA LYS E 209 32.56 -1.71 -3.13
C LYS E 209 32.68 -1.45 -4.62
N ILE E 210 31.96 -2.26 -5.41
CA ILE E 210 31.97 -2.09 -6.85
C ILE E 210 31.49 -0.70 -7.23
N LEU E 211 30.42 -0.26 -6.58
CA LEU E 211 29.84 1.05 -6.84
C LEU E 211 30.84 2.18 -6.55
N ALA E 212 31.55 2.08 -5.42
CA ALA E 212 32.52 3.10 -5.05
C ALA E 212 33.62 3.19 -6.10
N GLU E 213 34.06 2.04 -6.58
CA GLU E 213 35.11 1.99 -7.60
C GLU E 213 34.63 2.67 -8.88
N GLU E 214 33.36 2.43 -9.24
CA GLU E 214 32.81 3.05 -10.46
C GLU E 214 32.76 4.58 -10.34
N LEU E 215 32.43 5.07 -9.14
CA LEU E 215 32.29 6.51 -8.89
C LEU E 215 33.61 7.21 -8.53
N GLY E 216 34.66 6.42 -8.27
CA GLY E 216 35.94 6.99 -7.86
C GLY E 216 35.95 7.47 -6.41
N LEU E 217 34.97 7.05 -5.63
CA LEU E 217 34.96 7.40 -4.21
C LEU E 217 35.82 6.40 -3.41
N VAL E 218 36.82 6.91 -2.69
CA VAL E 218 37.64 6.04 -1.86
C VAL E 218 36.88 5.72 -0.57
N VAL E 219 36.71 4.44 -0.29
CA VAL E 219 35.97 4.00 0.88
C VAL E 219 36.89 3.24 1.86
N VAL E 220 36.82 3.62 3.13
CA VAL E 220 37.57 2.93 4.18
C VAL E 220 36.61 2.32 5.22
N ASP E 221 36.60 0.99 5.28
CA ASP E 221 35.79 0.26 6.23
C ASP E 221 36.62 -0.04 7.47
N ALA E 222 36.42 0.77 8.51
CA ALA E 222 37.12 0.55 9.77
C ALA E 222 36.21 -0.20 10.76
N THR E 223 35.17 -0.81 10.20
CA THR E 223 34.13 -1.62 10.88
C THR E 223 33.07 -0.78 11.61
N HIS E 224 31.88 -1.34 11.59
CA HIS E 224 30.71 -0.82 12.28
C HIS E 224 30.99 -0.67 13.77
N TYR E 225 31.53 -1.72 14.37
CA TYR E 225 31.82 -1.75 15.80
C TYR E 225 32.77 -0.63 16.21
N SER E 226 33.95 -0.58 15.60
CA SER E 226 34.97 0.37 16.05
C SER E 226 34.63 1.83 15.75
N THR E 227 33.99 2.12 14.62
CA THR E 227 33.70 3.53 14.30
C THR E 227 32.63 4.08 15.25
N GLU E 228 31.90 3.21 15.94
CA GLU E 228 30.96 3.65 16.97
C GLU E 228 31.54 3.59 18.38
N VAL E 229 32.30 2.53 18.68
CA VAL E 229 32.88 2.33 20.01
C VAL E 229 33.82 3.48 20.37
N PHE E 230 34.50 4.04 19.39
CA PHE E 230 35.34 5.21 19.63
C PHE E 230 34.56 6.33 20.31
N GLY E 231 33.43 6.72 19.74
CA GLY E 231 32.65 7.81 20.30
C GLY E 231 31.93 7.37 21.58
N LEU E 232 31.62 6.08 21.64
CA LEU E 232 30.88 5.55 22.77
C LEU E 232 31.78 5.52 24.01
N LYS E 233 33.09 5.34 23.81
CA LYS E 233 34.03 5.45 24.92
C LYS E 233 34.11 6.88 25.45
N LYS E 234 34.07 7.85 24.54
CA LYS E 234 34.05 9.26 24.93
C LYS E 234 32.79 9.56 25.75
N PHE E 235 31.66 9.01 25.30
CA PHE E 235 30.38 9.22 25.97
C PHE E 235 30.46 8.63 27.39
N LYS E 236 31.05 7.43 27.50
CA LYS E 236 31.23 6.81 28.80
C LYS E 236 32.07 7.68 29.75
N GLU E 237 33.17 8.24 29.27
CA GLU E 237 33.99 9.08 30.13
C GLU E 237 33.24 10.36 30.48
N PHE E 238 32.39 10.84 29.57
CA PHE E 238 31.58 12.01 29.85
C PHE E 238 30.59 11.73 31.01
N LEU E 239 29.92 10.59 30.96
CA LEU E 239 29.01 10.22 32.03
C LEU E 239 29.75 10.05 33.36
N SER E 240 30.87 9.34 33.31
CA SER E 240 31.67 9.08 34.51
C SER E 240 32.17 10.36 35.17
N SER E 241 32.47 11.35 34.34
CA SER E 241 33.00 12.63 34.83
C SER E 241 31.94 13.45 35.54
N ASN E 242 30.68 13.24 35.18
CA ASN E 242 29.60 14.11 35.64
C ASN E 242 28.64 13.46 36.63
N LEU E 243 28.57 12.15 36.63
CA LEU E 243 27.63 11.48 37.51
C LEU E 243 28.33 10.74 38.66
N ASP E 244 27.79 10.93 39.87
CA ASP E 244 28.28 10.24 41.06
C ASP E 244 27.66 8.86 41.03
N LEU E 245 28.26 7.97 40.25
CA LEU E 245 27.66 6.69 39.87
C LEU E 245 28.70 5.71 39.34
N GLU E 246 28.62 4.44 39.76
CA GLU E 246 29.52 3.43 39.19
C GLU E 246 29.10 3.10 37.75
N ILE E 247 30.04 3.21 36.83
CA ILE E 247 29.78 3.00 35.40
C ILE E 247 30.78 2.03 34.77
N ILE E 248 30.28 0.95 34.18
CA ILE E 248 31.18 -0.01 33.52
C ILE E 248 30.77 -0.23 32.06
N SER E 249 31.72 -0.70 31.23
CA SER E 249 31.39 -1.02 29.84
C SER E 249 31.26 -2.54 29.70
N LEU E 250 30.42 -2.99 28.78
CA LEU E 250 30.08 -4.42 28.78
C LEU E 250 30.59 -5.16 27.57
N ASP E 251 30.50 -4.56 26.39
CA ASP E 251 31.04 -5.21 25.19
C ASP E 251 32.17 -4.42 24.57
N PHE E 252 32.78 -3.54 25.37
CA PHE E 252 34.03 -2.87 24.97
C PHE E 252 34.84 -2.43 26.20
N MET F 9 4.21 -35.24 32.21
CA MET F 9 4.39 -35.10 30.78
C MET F 9 5.00 -33.73 30.41
N LYS F 10 5.66 -33.68 29.27
CA LYS F 10 6.34 -32.47 28.79
C LYS F 10 5.44 -31.54 28.04
N ALA F 11 5.80 -30.26 28.06
CA ALA F 11 5.02 -29.21 27.44
C ALA F 11 4.78 -29.49 25.96
N LYS F 12 5.77 -30.04 25.28
CA LYS F 12 5.64 -30.31 23.84
C LYS F 12 4.59 -31.40 23.61
N GLU F 13 4.39 -32.26 24.60
CA GLU F 13 3.40 -33.34 24.51
C GLU F 13 1.98 -32.79 24.69
N ILE F 14 1.84 -31.82 25.59
CA ILE F 14 0.56 -31.15 25.77
C ILE F 14 0.23 -30.38 24.50
N ILE F 15 1.22 -29.66 23.98
CA ILE F 15 1.07 -28.90 22.75
C ILE F 15 0.72 -29.82 21.58
N GLU F 16 1.33 -31.00 21.53
CA GLU F 16 1.01 -31.91 20.44
C GLU F 16 -0.41 -32.47 20.60
N PHE F 17 -0.87 -32.65 21.84
CA PHE F 17 -2.23 -33.13 22.03
C PHE F 17 -3.29 -32.13 21.60
N ILE F 18 -3.10 -30.88 22.02
CA ILE F 18 -3.99 -29.79 21.66
C ILE F 18 -3.99 -29.59 20.15
N GLU F 19 -2.82 -29.65 19.52
CA GLU F 19 -2.73 -29.41 18.07
C GLU F 19 -3.25 -30.57 17.22
N THR F 20 -3.32 -31.76 17.82
CA THR F 20 -3.94 -32.88 17.17
C THR F 20 -5.45 -32.63 17.11
N PHE F 21 -5.98 -32.11 18.21
CA PHE F 21 -7.39 -31.75 18.31
C PHE F 21 -7.71 -30.53 17.45
N ALA F 22 -6.83 -29.54 17.49
CA ALA F 22 -7.11 -28.30 16.78
C ALA F 22 -5.89 -27.85 15.99
N PRO F 23 -5.70 -28.42 14.78
CA PRO F 23 -4.51 -28.15 13.95
C PRO F 23 -4.35 -26.66 13.65
N LYS F 24 -3.11 -26.19 13.72
CA LYS F 24 -2.79 -24.78 13.52
C LYS F 24 -3.14 -24.26 12.11
N ASP F 25 -3.13 -25.12 11.12
CA ASP F 25 -3.41 -24.64 9.78
C ASP F 25 -4.91 -24.35 9.63
N LEU F 26 -5.70 -24.68 10.66
CA LEU F 26 -7.12 -24.31 10.66
C LEU F 26 -7.32 -22.84 11.05
N ALA F 27 -6.32 -22.26 11.71
CA ALA F 27 -6.37 -20.86 12.09
C ALA F 27 -6.49 -19.99 10.86
N ILE F 28 -7.31 -18.95 10.94
CA ILE F 28 -7.45 -18.02 9.84
C ILE F 28 -6.17 -17.17 9.71
N GLU F 29 -6.01 -16.60 8.54
CA GLU F 29 -4.89 -15.76 8.15
C GLU F 29 -4.53 -14.71 9.19
N GLY F 30 -3.29 -14.70 9.63
CA GLY F 30 -2.81 -13.66 10.53
C GLY F 30 -3.09 -13.88 12.01
N ASP F 31 -3.84 -14.95 12.33
CA ASP F 31 -4.17 -15.24 13.74
C ASP F 31 -2.93 -15.66 14.50
N ASN F 32 -2.65 -14.99 15.62
CA ASN F 32 -1.47 -15.25 16.41
C ASN F 32 -1.60 -16.47 17.32
N ILE F 33 -1.69 -17.65 16.72
CA ILE F 33 -1.87 -18.88 17.48
C ILE F 33 -0.54 -19.56 17.75
N GLY F 34 -0.54 -20.48 18.71
CA GLY F 34 0.63 -21.25 19.07
C GLY F 34 1.28 -20.72 20.33
N LEU F 35 2.58 -20.92 20.43
CA LEU F 35 3.35 -20.49 21.58
C LEU F 35 3.42 -18.96 21.70
N GLN F 36 2.91 -18.41 22.80
CA GLN F 36 2.97 -16.96 23.03
C GLN F 36 4.25 -16.57 23.80
N VAL F 37 4.51 -17.29 24.89
CA VAL F 37 5.65 -17.00 25.77
C VAL F 37 6.23 -18.32 26.23
N GLY F 38 7.49 -18.55 25.95
CA GLY F 38 8.10 -19.81 26.33
C GLY F 38 9.38 -20.09 25.56
N ASP F 39 10.20 -20.94 26.14
CA ASP F 39 11.50 -21.28 25.58
C ASP F 39 11.64 -22.79 25.47
N ASN F 40 11.87 -23.43 26.61
CA ASN F 40 12.10 -24.86 26.67
C ASN F 40 10.80 -25.66 26.65
N LEU F 41 10.54 -26.38 25.57
CA LEU F 41 9.32 -27.15 25.52
C LEU F 41 9.51 -28.60 25.98
N ASP F 42 10.73 -28.94 26.41
CA ASP F 42 10.99 -30.24 27.04
C ASP F 42 10.66 -30.21 28.54
N LYS F 43 10.45 -29.01 29.07
CA LYS F 43 10.05 -28.80 30.46
C LYS F 43 8.88 -29.71 30.85
N GLU F 44 8.99 -30.35 32.00
CA GLU F 44 7.88 -31.16 32.46
C GLU F 44 6.84 -30.29 33.14
N ILE F 45 5.58 -30.63 32.89
CA ILE F 45 4.44 -29.83 33.32
C ILE F 45 3.60 -30.55 34.39
N LYS F 46 3.49 -29.91 35.54
CA LYS F 46 2.74 -30.43 36.67
C LYS F 46 1.29 -29.93 36.76
N LYS F 47 1.03 -28.70 36.31
CA LYS F 47 -0.29 -28.13 36.49
C LYS F 47 -0.65 -27.21 35.34
N LEU F 48 -1.67 -27.61 34.59
CA LEU F 48 -2.12 -26.90 33.42
C LEU F 48 -3.32 -26.01 33.77
N GLY F 49 -3.25 -24.74 33.40
CA GLY F 49 -4.36 -23.83 33.61
C GLY F 49 -4.99 -23.37 32.31
N ILE F 50 -6.31 -23.40 32.28
CA ILE F 50 -7.05 -22.98 31.10
C ILE F 50 -7.77 -21.67 31.37
N ALA F 51 -7.63 -20.73 30.45
CA ALA F 51 -8.31 -19.46 30.58
C ALA F 51 -8.82 -18.98 29.25
N LEU F 52 -9.86 -18.18 29.27
CA LEU F 52 -10.31 -17.51 28.06
C LEU F 52 -9.29 -16.41 27.68
N ASP F 53 -8.92 -15.57 28.65
CA ASP F 53 -8.07 -14.42 28.39
C ASP F 53 -6.72 -14.52 29.06
N PRO F 54 -5.64 -14.14 28.37
CA PRO F 54 -4.38 -14.03 29.12
C PRO F 54 -4.30 -12.68 29.86
N SER F 55 -5.29 -12.36 30.68
CA SER F 55 -5.30 -11.09 31.38
C SER F 55 -4.28 -11.07 32.50
N LEU F 56 -3.96 -9.88 32.99
CA LEU F 56 -3.06 -9.73 34.11
C LEU F 56 -3.57 -10.49 35.34
N SER F 57 -4.87 -10.42 35.61
CA SER F 57 -5.38 -11.09 36.79
C SER F 57 -5.37 -12.62 36.59
N VAL F 58 -5.59 -13.07 35.36
CA VAL F 58 -5.45 -14.50 35.04
C VAL F 58 -4.00 -14.98 35.23
N ILE F 59 -3.03 -14.18 34.78
CA ILE F 59 -1.63 -14.55 34.89
C ILE F 59 -1.15 -14.58 36.36
N LYS F 60 -1.59 -13.60 37.15
CA LYS F 60 -1.30 -13.58 38.57
C LYS F 60 -1.87 -14.82 39.30
N LYS F 61 -3.07 -15.21 38.91
CA LYS F 61 -3.75 -16.34 39.52
C LYS F 61 -3.01 -17.62 39.17
N ALA F 62 -2.53 -17.70 37.93
CA ALA F 62 -1.72 -18.80 37.47
C ALA F 62 -0.47 -18.96 38.34
N GLU F 63 0.19 -17.84 38.64
CA GLU F 63 1.38 -17.90 39.48
C GLU F 63 1.01 -18.39 40.87
N LYS F 64 -0.07 -17.83 41.42
CA LYS F 64 -0.51 -18.13 42.78
C LYS F 64 -0.90 -19.60 42.92
N GLU F 65 -1.45 -20.16 41.87
CA GLU F 65 -1.89 -21.53 41.92
C GLU F 65 -0.80 -22.50 41.47
N GLY F 66 0.40 -22.01 41.19
CA GLY F 66 1.46 -22.89 40.74
C GLY F 66 1.23 -23.51 39.36
N VAL F 67 0.55 -22.79 38.48
CA VAL F 67 0.38 -23.20 37.08
C VAL F 67 1.68 -23.03 36.28
N ASP F 68 2.16 -24.08 35.60
CA ASP F 68 3.41 -24.02 34.82
C ASP F 68 3.13 -23.97 33.31
N PHE F 69 1.94 -24.41 32.92
CA PHE F 69 1.52 -24.31 31.52
C PHE F 69 0.18 -23.60 31.51
N LEU F 70 0.15 -22.40 30.95
CA LEU F 70 -1.07 -21.62 30.86
C LEU F 70 -1.55 -21.58 29.41
N PHE F 71 -2.71 -22.21 29.19
CA PHE F 71 -3.42 -22.17 27.91
C PHE F 71 -4.48 -21.07 27.91
N THR F 72 -4.50 -20.25 26.87
CA THR F 72 -5.60 -19.30 26.70
C THR F 72 -6.21 -19.40 25.31
N HIS F 73 -7.50 -19.09 25.19
CA HIS F 73 -8.13 -19.06 23.89
C HIS F 73 -7.64 -17.84 23.07
N HIS F 74 -7.58 -16.66 23.69
CA HIS F 74 -7.10 -15.45 23.02
C HIS F 74 -5.62 -15.31 23.11
N PRO F 75 -4.97 -14.89 22.02
CA PRO F 75 -3.53 -14.60 22.06
C PRO F 75 -3.23 -13.45 23.02
N LEU F 76 -2.00 -13.41 23.51
CA LEU F 76 -1.54 -12.36 24.39
C LEU F 76 -1.55 -11.00 23.68
N LEU F 77 -1.04 -10.97 22.46
CA LEU F 77 -0.96 -9.72 21.70
C LEU F 77 -1.51 -9.96 20.32
N LYS F 78 -2.32 -9.03 19.83
CA LYS F 78 -2.69 -9.07 18.42
C LYS F 78 -1.71 -8.20 17.65
N ASP F 79 -1.47 -6.99 18.17
CA ASP F 79 -0.54 -6.05 17.54
C ASP F 79 0.87 -6.14 18.11
N PRO F 80 1.87 -6.30 17.23
CA PRO F 80 3.27 -6.50 17.64
C PRO F 80 3.83 -5.27 18.33
N ILE F 81 4.75 -5.44 19.27
CA ILE F 81 5.35 -4.31 19.99
C ILE F 81 6.87 -4.40 19.96
N ARG F 82 7.55 -3.31 20.29
CA ARG F 82 9.01 -3.33 20.37
C ARG F 82 9.51 -2.59 21.61
N ASN F 83 8.61 -2.34 22.56
CA ASN F 83 8.98 -1.76 23.86
C ASN F 83 8.18 -2.49 24.93
N PHE F 84 8.71 -2.54 26.14
CA PHE F 84 8.13 -3.36 27.19
C PHE F 84 7.99 -2.60 28.49
N THR F 85 6.82 -2.01 28.65
CA THR F 85 6.55 -1.16 29.79
C THR F 85 5.13 -1.46 30.27
N GLY F 86 4.75 -0.89 31.40
CA GLY F 86 3.39 -0.99 31.89
C GLY F 86 2.82 -2.40 32.02
N VAL F 87 1.61 -2.59 31.51
CA VAL F 87 0.90 -3.84 31.74
C VAL F 87 1.60 -5.04 31.09
N ILE F 88 2.04 -4.87 29.84
CA ILE F 88 2.64 -6.01 29.15
C ILE F 88 3.94 -6.39 29.85
N TYR F 89 4.63 -5.41 30.44
CA TYR F 89 5.82 -5.67 31.23
C TYR F 89 5.52 -6.55 32.46
N LYS F 90 4.49 -6.20 33.22
CA LYS F 90 4.11 -6.96 34.41
C LYS F 90 3.74 -8.41 34.04
N LYS F 91 3.04 -8.58 32.92
CA LYS F 91 2.60 -9.90 32.49
C LYS F 91 3.78 -10.76 32.08
N LEU F 92 4.66 -10.19 31.26
CA LEU F 92 5.81 -10.97 30.82
C LEU F 92 6.71 -11.31 32.01
N LYS F 93 6.90 -10.37 32.91
CA LYS F 93 7.78 -10.61 34.04
C LYS F 93 7.26 -11.79 34.88
N ILE F 94 5.95 -11.84 35.14
CA ILE F 94 5.41 -12.94 35.93
C ILE F 94 5.58 -14.26 35.18
N LEU F 95 5.26 -14.29 33.90
CA LEU F 95 5.47 -15.51 33.14
C LEU F 95 6.94 -15.93 33.09
N MET F 96 7.84 -14.95 32.91
CA MET F 96 9.23 -15.29 32.64
C MET F 96 9.99 -15.70 33.87
N GLU F 97 9.82 -14.99 34.97
CA GLU F 97 10.56 -15.34 36.18
C GLU F 97 10.10 -16.66 36.78
N ASN F 98 8.85 -17.06 36.51
CA ASN F 98 8.35 -18.34 36.98
C ASN F 98 8.41 -19.46 35.92
N ASP F 99 8.91 -19.13 34.73
CA ASP F 99 8.96 -20.02 33.59
C ASP F 99 7.65 -20.73 33.32
N ILE F 100 6.58 -19.93 33.34
CA ILE F 100 5.26 -20.37 32.99
C ILE F 100 5.12 -20.26 31.49
N ILE F 101 4.80 -21.36 30.81
CA ILE F 101 4.56 -21.32 29.37
C ILE F 101 3.14 -20.79 29.03
N LEU F 102 3.06 -19.84 28.12
CA LEU F 102 1.76 -19.34 27.66
C LEU F 102 1.55 -19.78 26.21
N TYR F 103 0.47 -20.51 25.97
CA TYR F 103 0.21 -21.08 24.65
C TYR F 103 -1.25 -20.81 24.30
N SER F 104 -1.54 -20.45 23.05
CA SER F 104 -2.93 -20.17 22.65
C SER F 104 -3.42 -20.98 21.45
N ALA F 105 -4.66 -21.43 21.55
CA ALA F 105 -5.39 -21.92 20.39
C ALA F 105 -6.59 -21.02 20.25
N HIS F 106 -6.58 -20.20 19.20
CA HIS F 106 -7.61 -19.18 19.00
C HIS F 106 -8.61 -19.64 17.93
N THR F 107 -8.51 -19.13 16.69
CA THR F 107 -9.52 -19.49 15.72
C THR F 107 -9.45 -20.95 15.32
N ASN F 108 -8.29 -21.59 15.46
CA ASN F 108 -8.21 -23.03 15.19
C ASN F 108 -9.07 -23.83 16.19
N LEU F 109 -9.25 -23.30 17.40
CA LEU F 109 -10.13 -23.95 18.36
C LEU F 109 -11.61 -23.60 18.07
N ASP F 110 -11.85 -22.46 17.43
CA ASP F 110 -13.20 -22.06 17.02
C ASP F 110 -13.71 -22.95 15.88
N ILE F 111 -12.80 -23.31 14.98
CA ILE F 111 -13.14 -23.90 13.68
C ILE F 111 -13.08 -25.43 13.68
N CYS F 112 -12.19 -25.99 14.48
CA CYS F 112 -11.95 -27.44 14.47
C CYS F 112 -13.19 -28.24 14.83
N LYS F 113 -13.14 -29.53 14.51
CA LYS F 113 -14.18 -30.46 14.87
C LYS F 113 -14.33 -30.47 16.39
N ASN F 114 -15.57 -30.35 16.84
CA ASN F 114 -15.92 -30.29 18.28
C ASN F 114 -15.28 -29.13 19.05
N GLY F 115 -14.85 -28.10 18.32
CA GLY F 115 -14.37 -26.87 18.91
C GLY F 115 -15.50 -25.95 19.33
N LEU F 116 -15.20 -24.67 19.55
CA LEU F 116 -16.15 -23.75 20.19
C LEU F 116 -17.46 -23.56 19.41
N ASN F 117 -17.38 -23.47 18.08
CA ASN F 117 -18.59 -23.31 17.28
C ASN F 117 -19.40 -24.61 17.16
N ASP F 118 -18.72 -25.75 16.97
CA ASP F 118 -19.40 -27.03 16.97
C ASP F 118 -20.14 -27.31 18.30
N ALA F 119 -19.54 -26.91 19.41
CA ALA F 119 -20.17 -27.13 20.70
C ALA F 119 -21.54 -26.41 20.75
N LEU F 120 -21.61 -25.19 20.23
CA LEU F 120 -22.86 -24.46 20.17
C LEU F 120 -23.83 -25.18 19.25
N ALA F 121 -23.33 -25.65 18.10
CA ALA F 121 -24.18 -26.34 17.14
C ALA F 121 -24.78 -27.59 17.75
N GLU F 122 -24.01 -28.30 18.57
CA GLU F 122 -24.47 -29.55 19.17
C GLU F 122 -25.45 -29.26 20.30
N LEU F 123 -25.16 -28.23 21.09
CA LEU F 123 -26.07 -27.79 22.13
C LEU F 123 -27.46 -27.52 21.57
N TYR F 124 -27.54 -26.85 20.42
CA TYR F 124 -28.84 -26.55 19.84
C TYR F 124 -29.30 -27.67 18.91
N ASN F 125 -28.50 -28.74 18.82
CA ASN F 125 -28.88 -29.88 18.00
C ASN F 125 -29.29 -29.45 16.58
N LEU F 126 -28.49 -28.59 15.95
CA LEU F 126 -28.80 -28.07 14.61
C LEU F 126 -28.92 -29.19 13.59
N GLU F 127 -29.99 -29.15 12.81
CA GLU F 127 -30.19 -30.13 11.74
C GLU F 127 -29.29 -29.81 10.54
N ASN F 128 -28.49 -30.79 10.12
CA ASN F 128 -27.61 -30.66 8.96
C ASN F 128 -26.74 -29.39 8.98
N PRO F 129 -25.85 -29.30 9.99
CA PRO F 129 -25.05 -28.09 10.21
C PRO F 129 -23.94 -27.93 9.18
N LYS F 130 -23.68 -26.70 8.79
CA LYS F 130 -22.59 -26.36 7.87
C LYS F 130 -21.79 -25.19 8.45
N PRO F 131 -20.53 -25.02 8.02
CA PRO F 131 -19.82 -23.82 8.46
C PRO F 131 -20.57 -22.55 7.97
N LEU F 132 -20.61 -21.52 8.80
CA LEU F 132 -21.29 -20.28 8.42
C LEU F 132 -20.47 -19.47 7.39
N TYR F 133 -19.16 -19.34 7.61
CA TYR F 133 -18.25 -18.65 6.68
C TYR F 133 -17.39 -19.65 5.93
N ASP F 134 -16.85 -19.23 4.78
CA ASP F 134 -16.02 -20.10 3.98
C ASP F 134 -14.79 -20.56 4.74
N ASN F 135 -14.23 -19.66 5.56
CA ASN F 135 -13.02 -19.98 6.31
C ASN F 135 -13.28 -20.93 7.48
N GLY F 136 -14.53 -21.35 7.64
CA GLY F 136 -14.89 -22.34 8.66
C GLY F 136 -15.42 -21.82 9.97
N LEU F 137 -15.45 -20.51 10.15
CA LEU F 137 -15.98 -19.91 11.37
C LEU F 137 -17.51 -20.03 11.44
N GLY F 138 -18.04 -20.29 12.64
CA GLY F 138 -19.48 -20.38 12.83
C GLY F 138 -20.12 -21.64 12.28
N ARG F 139 -21.39 -21.88 12.63
CA ARG F 139 -22.18 -23.00 12.10
C ARG F 139 -23.59 -22.46 11.84
N VAL F 140 -24.29 -23.03 10.86
CA VAL F 140 -25.67 -22.65 10.58
C VAL F 140 -26.43 -23.92 10.25
N GLY F 141 -27.70 -23.97 10.68
CA GLY F 141 -28.54 -25.13 10.42
C GLY F 141 -29.93 -24.88 10.96
N ILE F 142 -30.81 -25.87 10.82
CA ILE F 142 -32.20 -25.72 11.22
C ILE F 142 -32.37 -26.01 12.70
N PHE F 143 -32.99 -25.08 13.42
CA PHE F 143 -33.35 -25.40 14.79
C PHE F 143 -34.72 -26.06 14.78
N LYS F 144 -34.76 -27.35 15.11
CA LYS F 144 -35.99 -28.11 15.06
C LYS F 144 -36.82 -27.87 16.31
N GLY F 145 -37.44 -26.69 16.39
CA GLY F 145 -38.25 -26.32 17.55
C GLY F 145 -38.71 -24.88 17.44
N SER F 146 -39.33 -24.35 18.49
CA SER F 146 -39.80 -22.97 18.46
C SER F 146 -38.69 -22.04 18.92
N PHE F 147 -38.84 -20.76 18.60
CA PHE F 147 -37.90 -19.72 19.02
C PHE F 147 -37.82 -19.67 20.55
N GLU F 148 -38.97 -19.82 21.21
CA GLU F 148 -38.97 -19.85 22.68
C GLU F 148 -38.16 -21.00 23.25
N GLU F 149 -38.25 -22.17 22.62
CA GLU F 149 -37.47 -23.32 23.07
C GLU F 149 -36.00 -23.01 22.86
N PHE F 150 -35.68 -22.32 21.76
CA PHE F 150 -34.32 -21.89 21.53
C PHE F 150 -33.85 -20.92 22.64
N LEU F 151 -34.71 -19.96 23.02
CA LEU F 151 -34.35 -19.03 24.08
C LEU F 151 -34.12 -19.76 25.39
N GLU F 152 -34.97 -20.72 25.70
CA GLU F 152 -34.87 -21.46 26.95
C GLU F 152 -33.56 -22.22 27.03
N ILE F 153 -33.15 -22.85 25.94
CA ILE F 153 -31.88 -23.55 25.93
C ILE F 153 -30.73 -22.56 26.19
N THR F 154 -30.77 -21.42 25.52
CA THR F 154 -29.80 -20.36 25.70
C THR F 154 -29.71 -19.88 27.14
N LYS F 155 -30.87 -19.69 27.77
CA LYS F 155 -30.92 -19.19 29.14
C LYS F 155 -30.41 -20.22 30.15
N LYS F 156 -30.61 -21.49 29.85
CA LYS F 156 -30.19 -22.55 30.75
C LYS F 156 -28.71 -22.89 30.64
N TYR F 157 -28.17 -22.86 29.43
CA TYR F 157 -26.80 -23.37 29.23
C TYR F 157 -25.74 -22.30 28.93
N ILE F 158 -26.15 -21.13 28.44
CA ILE F 158 -25.17 -20.14 28.00
C ILE F 158 -25.16 -18.87 28.87
N HIS F 159 -26.31 -18.20 28.94
CA HIS F 159 -26.41 -16.90 29.61
C HIS F 159 -27.85 -16.69 30.04
N LYS F 160 -28.04 -16.38 31.31
CA LYS F 160 -29.39 -16.29 31.89
C LYS F 160 -30.26 -15.20 31.28
N ASN F 161 -29.64 -14.17 30.72
CA ASN F 161 -30.39 -13.02 30.23
C ASN F 161 -29.82 -12.41 28.97
N PRO F 162 -29.89 -13.13 27.85
CA PRO F 162 -29.35 -12.62 26.61
C PRO F 162 -30.12 -11.42 26.07
N ILE F 163 -29.43 -10.53 25.36
CA ILE F 163 -30.11 -9.45 24.65
C ILE F 163 -30.73 -10.02 23.37
N VAL F 164 -32.02 -9.78 23.17
CA VAL F 164 -32.66 -10.28 21.97
C VAL F 164 -33.04 -9.09 21.09
N VAL F 165 -32.50 -9.02 19.89
CA VAL F 165 -32.96 -8.00 18.95
C VAL F 165 -34.00 -8.65 18.06
N LYS F 166 -35.28 -8.45 18.41
CA LYS F 166 -36.38 -9.17 17.78
C LYS F 166 -36.82 -8.44 16.53
N SER F 167 -36.02 -8.55 15.47
CA SER F 167 -36.23 -7.77 14.26
C SER F 167 -37.51 -8.17 13.52
N LYS F 168 -37.93 -9.42 13.73
CA LYS F 168 -39.14 -9.96 13.13
C LYS F 168 -39.60 -11.14 13.98
N GLU F 169 -40.81 -11.63 13.70
CA GLU F 169 -41.32 -12.87 14.27
C GLU F 169 -40.56 -14.05 13.72
N VAL F 170 -40.39 -15.09 14.51
CA VAL F 170 -39.64 -16.27 14.06
C VAL F 170 -40.52 -17.50 14.09
N ASP F 171 -40.69 -18.14 12.95
CA ASP F 171 -41.50 -19.35 12.88
C ASP F 171 -40.69 -20.55 13.36
N ASP F 172 -41.40 -21.61 13.75
CA ASP F 172 -40.77 -22.86 14.14
C ASP F 172 -39.90 -23.41 13.00
N ASN F 173 -38.87 -24.17 13.36
CA ASN F 173 -37.97 -24.81 12.40
C ASN F 173 -37.27 -23.77 11.53
N PHE F 174 -36.71 -22.77 12.21
CA PHE F 174 -36.03 -21.68 11.55
C PHE F 174 -34.53 -21.99 11.38
N LYS F 175 -33.85 -21.19 10.55
CA LYS F 175 -32.41 -21.30 10.38
C LYS F 175 -31.65 -20.52 11.45
N LEU F 176 -30.83 -21.24 12.21
CA LEU F 176 -30.04 -20.65 13.27
C LEU F 176 -28.55 -20.63 12.96
N ALA F 177 -27.95 -19.46 13.09
CA ALA F 177 -26.52 -19.34 12.97
C ALA F 177 -25.93 -19.06 14.33
N VAL F 178 -24.81 -19.71 14.63
CA VAL F 178 -24.09 -19.48 15.86
C VAL F 178 -22.65 -19.10 15.53
N LEU F 179 -22.10 -18.20 16.32
CA LEU F 179 -20.69 -17.88 16.20
C LEU F 179 -20.17 -17.51 17.58
N SER F 180 -19.30 -18.36 18.11
CA SER F 180 -18.78 -18.13 19.44
C SER F 180 -17.85 -16.89 19.47
N GLY F 181 -18.10 -16.01 20.44
CA GLY F 181 -17.29 -14.82 20.63
C GLY F 181 -17.90 -13.60 19.99
N TYR F 182 -17.14 -12.91 19.15
CA TYR F 182 -17.60 -11.70 18.51
C TYR F 182 -17.94 -11.95 17.05
N GLY F 183 -19.22 -12.18 16.76
CA GLY F 183 -19.62 -12.41 15.39
C GLY F 183 -20.58 -11.35 14.86
N LEU F 184 -20.70 -10.24 15.60
CA LEU F 184 -21.77 -9.28 15.35
C LEU F 184 -21.26 -7.97 14.74
N SER F 185 -20.19 -8.04 13.95
CA SER F 185 -19.76 -6.85 13.22
C SER F 185 -20.79 -6.54 12.13
N GLN F 186 -20.77 -5.32 11.62
CA GLN F 186 -21.74 -4.92 10.61
C GLN F 186 -21.69 -5.81 9.38
N SER F 187 -20.48 -6.14 8.89
CA SER F 187 -20.38 -6.97 7.70
C SER F 187 -20.84 -8.38 8.01
N SER F 188 -20.62 -8.83 9.23
CA SER F 188 -21.15 -10.12 9.64
C SER F 188 -22.68 -10.11 9.64
N ILE F 189 -23.29 -9.05 10.14
CA ILE F 189 -24.77 -8.94 10.14
C ILE F 189 -25.34 -9.04 8.73
N LYS F 190 -24.78 -8.27 7.80
CA LYS F 190 -25.22 -8.21 6.40
C LYS F 190 -25.10 -9.60 5.77
N TYR F 191 -24.00 -10.28 6.05
CA TYR F 191 -23.73 -11.58 5.47
C TYR F 191 -24.67 -12.64 6.03
N VAL F 192 -24.80 -12.66 7.35
CA VAL F 192 -25.54 -13.73 8.00
C VAL F 192 -27.05 -13.59 7.77
N ALA F 193 -27.49 -12.34 7.56
CA ALA F 193 -28.89 -12.06 7.23
C ALA F 193 -29.39 -12.86 6.02
N GLU F 194 -28.49 -13.18 5.10
CA GLU F 194 -28.87 -14.02 3.96
C GLU F 194 -28.92 -15.53 4.23
N LYS F 195 -28.38 -15.97 5.36
CA LYS F 195 -28.23 -17.40 5.63
C LYS F 195 -29.07 -17.91 6.81
N ALA F 196 -29.62 -16.99 7.59
CA ALA F 196 -30.28 -17.42 8.81
C ALA F 196 -31.39 -16.48 9.21
N ASP F 197 -32.27 -16.98 10.09
CA ASP F 197 -33.34 -16.19 10.68
C ASP F 197 -32.89 -15.60 12.01
N VAL F 198 -32.07 -16.37 12.71
CA VAL F 198 -31.61 -16.01 14.03
C VAL F 198 -30.09 -16.17 14.08
N TYR F 199 -29.43 -15.16 14.65
CA TYR F 199 -27.97 -15.14 14.75
C TYR F 199 -27.61 -15.07 16.23
N LEU F 200 -26.99 -16.12 16.72
CA LEU F 200 -26.61 -16.22 18.13
C LEU F 200 -25.09 -15.97 18.22
N SER F 201 -24.70 -14.93 18.94
CA SER F 201 -23.28 -14.57 19.06
C SER F 201 -23.06 -13.63 20.26
N GLY F 202 -22.02 -12.80 20.21
CA GLY F 202 -21.67 -11.90 21.30
C GLY F 202 -21.16 -10.51 20.90
N ASP F 203 -21.14 -9.58 21.87
CA ASP F 203 -20.54 -8.25 21.68
C ASP F 203 -21.35 -7.39 20.69
N LEU F 204 -22.66 -7.30 20.89
CA LEU F 204 -23.51 -6.45 20.04
C LEU F 204 -23.24 -4.96 20.31
N THR F 205 -23.14 -4.15 19.26
CA THR F 205 -23.02 -2.70 19.45
C THR F 205 -24.12 -1.98 18.66
N HIS F 206 -24.24 -0.68 18.85
CA HIS F 206 -25.39 0.04 18.32
C HIS F 206 -25.64 -0.07 16.79
N HIS F 207 -24.62 0.25 15.97
CA HIS F 207 -24.85 0.26 14.52
C HIS F 207 -25.23 -1.12 14.02
N SER F 208 -24.68 -2.16 14.63
CA SER F 208 -24.99 -3.53 14.23
C SER F 208 -26.42 -3.90 14.62
N LYS F 209 -26.89 -3.40 15.75
CA LYS F 209 -28.28 -3.62 16.17
C LYS F 209 -29.24 -3.03 15.14
N ILE F 210 -28.96 -1.77 14.75
CA ILE F 210 -29.77 -1.06 13.76
C ILE F 210 -29.84 -1.81 12.41
N LEU F 211 -28.67 -2.29 11.96
CA LEU F 211 -28.56 -3.06 10.73
C LEU F 211 -29.39 -4.32 10.76
N ALA F 212 -29.34 -5.01 11.90
CA ALA F 212 -30.08 -6.25 12.07
C ALA F 212 -31.57 -5.97 11.97
N GLU F 213 -32.01 -4.88 12.58
CA GLU F 213 -33.40 -4.50 12.52
C GLU F 213 -33.83 -4.18 11.10
N GLU F 214 -33.00 -3.44 10.35
CA GLU F 214 -33.32 -3.08 8.98
C GLU F 214 -33.46 -4.32 8.13
N LEU F 215 -32.60 -5.31 8.39
CA LEU F 215 -32.58 -6.53 7.59
C LEU F 215 -33.58 -7.64 8.05
N GLY F 216 -34.20 -7.47 9.21
CA GLY F 216 -35.09 -8.51 9.71
C GLY F 216 -34.36 -9.71 10.29
N LEU F 217 -33.06 -9.57 10.56
CA LEU F 217 -32.31 -10.64 11.21
C LEU F 217 -32.44 -10.52 12.73
N VAL F 218 -32.95 -11.58 13.34
CA VAL F 218 -33.03 -11.62 14.79
C VAL F 218 -31.67 -11.96 15.39
N VAL F 219 -31.17 -11.09 16.27
CA VAL F 219 -29.86 -11.27 16.87
C VAL F 219 -29.97 -11.53 18.35
N VAL F 220 -29.29 -12.58 18.82
CA VAL F 220 -29.27 -12.87 20.25
C VAL F 220 -27.85 -12.76 20.74
N ASP F 221 -27.57 -11.75 21.56
CA ASP F 221 -26.26 -11.53 22.16
C ASP F 221 -26.22 -12.20 23.53
N ALA F 222 -25.60 -13.37 23.61
CA ALA F 222 -25.46 -14.06 24.89
C ALA F 222 -24.06 -13.77 25.50
N THR F 223 -23.45 -12.70 25.01
CA THR F 223 -22.10 -12.21 25.36
C THR F 223 -20.95 -13.00 24.74
N HIS F 224 -19.90 -12.26 24.46
CA HIS F 224 -18.65 -12.80 23.96
C HIS F 224 -18.10 -13.89 24.89
N TYR F 225 -18.02 -13.57 26.17
CA TYR F 225 -17.54 -14.48 27.20
C TYR F 225 -18.31 -15.81 27.25
N SER F 226 -19.64 -15.74 27.41
CA SER F 226 -20.40 -16.97 27.65
C SER F 226 -20.45 -17.89 26.44
N THR F 227 -20.54 -17.33 25.23
CA THR F 227 -20.65 -18.19 24.05
C THR F 227 -19.32 -18.91 23.75
N GLU F 228 -18.22 -18.43 24.32
CA GLU F 228 -16.93 -19.13 24.19
C GLU F 228 -16.64 -20.07 25.35
N VAL F 229 -16.96 -19.63 26.55
CA VAL F 229 -16.70 -20.42 27.75
C VAL F 229 -17.48 -21.73 27.70
N PHE F 230 -18.66 -21.74 27.08
CA PHE F 230 -19.41 -22.98 26.96
C PHE F 230 -18.61 -24.11 26.31
N GLY F 231 -18.03 -23.84 25.15
CA GLY F 231 -17.20 -24.82 24.47
C GLY F 231 -15.83 -25.00 25.13
N LEU F 232 -15.32 -23.93 25.74
CA LEU F 232 -14.01 -23.99 26.38
C LEU F 232 -14.07 -24.95 27.60
N LYS F 233 -15.22 -25.01 28.26
CA LYS F 233 -15.43 -26.00 29.32
C LYS F 233 -15.41 -27.41 28.76
N LYS F 234 -16.06 -27.61 27.61
CA LYS F 234 -16.05 -28.91 26.97
C LYS F 234 -14.62 -29.28 26.58
N PHE F 235 -13.87 -28.30 26.09
CA PHE F 235 -12.46 -28.54 25.76
C PHE F 235 -11.68 -28.94 27.02
N LYS F 236 -11.89 -28.20 28.11
CA LYS F 236 -11.21 -28.52 29.37
C LYS F 236 -11.51 -29.93 29.80
N GLU F 237 -12.78 -30.31 29.75
CA GLU F 237 -13.19 -31.65 30.18
C GLU F 237 -12.62 -32.75 29.28
N PHE F 238 -12.46 -32.46 27.99
CA PHE F 238 -11.83 -33.39 27.05
C PHE F 238 -10.34 -33.64 27.40
N LEU F 239 -9.64 -32.57 27.77
CA LEU F 239 -8.25 -32.64 28.20
C LEU F 239 -8.13 -33.46 29.49
N SER F 240 -9.03 -33.22 30.43
CA SER F 240 -9.01 -33.92 31.72
C SER F 240 -9.21 -35.41 31.54
N SER F 241 -10.07 -35.75 30.59
CA SER F 241 -10.44 -37.15 30.32
C SER F 241 -9.31 -37.93 29.67
N ASN F 242 -8.41 -37.24 28.98
CA ASN F 242 -7.36 -37.91 28.20
C ASN F 242 -5.96 -37.74 28.76
N LEU F 243 -5.73 -36.68 29.53
CA LEU F 243 -4.39 -36.39 30.03
C LEU F 243 -4.29 -36.67 31.54
N ASP F 244 -3.24 -37.38 31.95
CA ASP F 244 -3.00 -37.66 33.37
C ASP F 244 -2.23 -36.48 33.94
N LEU F 245 -2.98 -35.46 34.33
CA LEU F 245 -2.43 -34.13 34.59
C LEU F 245 -3.44 -33.30 35.35
N GLU F 246 -2.99 -32.53 36.34
CA GLU F 246 -3.91 -31.62 37.02
C GLU F 246 -4.26 -30.45 36.10
N ILE F 247 -5.56 -30.21 35.96
CA ILE F 247 -6.07 -29.16 35.07
C ILE F 247 -7.12 -28.29 35.76
N ILE F 248 -6.88 -26.99 35.82
CA ILE F 248 -7.84 -26.07 36.42
C ILE F 248 -8.19 -24.96 35.44
N SER F 249 -9.33 -24.31 35.68
CA SER F 249 -9.72 -23.17 34.86
C SER F 249 -9.48 -21.92 35.69
N LEU F 250 -9.19 -20.81 35.01
CA LEU F 250 -8.74 -19.61 35.74
C LEU F 250 -9.71 -18.44 35.69
N ASP F 251 -10.35 -18.20 34.55
CA ASP F 251 -11.34 -17.12 34.50
C ASP F 251 -12.72 -17.68 34.18
N PHE F 252 -12.89 -18.97 34.40
CA PHE F 252 -14.22 -19.57 34.34
C PHE F 252 -14.19 -20.82 35.21
FE FE2 G . -22.64 7.59 17.22
P PO4 H . -19.97 6.95 15.88
O1 PO4 H . -20.66 5.76 15.28
O2 PO4 H . -20.95 8.04 16.24
O3 PO4 H . -19.28 6.51 17.15
O4 PO4 H . -18.94 7.50 14.92
FE FE2 I . -16.58 0.36 -23.50
P PO4 J . -14.35 0.02 -21.45
O1 PO4 J . -15.59 -0.68 -21.96
O2 PO4 J . -14.77 1.38 -20.94
O3 PO4 J . -13.70 -0.77 -20.34
O4 PO4 J . -13.38 0.17 -22.60
FE FE2 K . 25.93 -11.95 -5.93
P PO4 L . 23.02 -10.97 -4.83
O1 PO4 L . 23.02 -11.15 -3.33
O2 PO4 L . 21.68 -11.37 -5.39
O3 PO4 L . 23.29 -9.54 -5.13
O4 PO4 L . 24.06 -11.89 -5.41
FE FE2 M . 1.41 16.82 -23.61
P PO4 N . 1.01 15.25 -20.84
O1 PO4 N . -0.28 14.72 -20.31
O2 PO4 N . 0.74 16.36 -21.83
O3 PO4 N . 1.81 15.83 -19.71
O4 PO4 N . 1.79 14.14 -21.49
FE FE2 O . 25.40 0.96 14.67
P PO4 P . 22.97 1.31 12.78
O1 PO4 P . 22.86 -0.17 12.97
O2 PO4 P . 21.61 1.95 12.85
O3 PO4 P . 23.82 1.90 13.88
O4 PO4 P . 23.59 1.58 11.43
FE FE2 Q . -13.12 -14.36 21.57
P PO4 R . -12.29 -12.84 18.89
O1 PO4 R . -13.72 -12.57 18.48
O2 PO4 R . -11.80 -11.65 19.65
O3 PO4 R . -12.24 -14.07 19.77
O4 PO4 R . -11.46 -13.10 17.66
#